data_3HQJ
# 
_entry.id   3HQJ 
# 
_audit_conform.dict_name       mmcif_pdbx.dic 
_audit_conform.dict_version    5.378 
_audit_conform.dict_location   http://mmcif.pdb.org/dictionaries/ascii/mmcif_pdbx.dic 
# 
loop_
_database_2.database_id 
_database_2.database_code 
_database_2.pdbx_database_accession 
_database_2.pdbx_DOI 
PDB   3HQJ         pdb_00003hqj 10.2210/pdb3hqj/pdb 
RCSB  RCSB053459   ?            ?                   
WWPDB D_1000053459 ?            ?                   
# 
_pdbx_database_related.db_name        TargetDB 
_pdbx_database_related.db_id          W00627 
_pdbx_database_related.details        . 
_pdbx_database_related.content_type   unspecified 
# 
_pdbx_database_status.status_code                     REL 
_pdbx_database_status.entry_id                        3HQJ 
_pdbx_database_status.recvd_initial_deposition_date   2009-06-07 
_pdbx_database_status.deposit_site                    RCSB 
_pdbx_database_status.process_site                    RCSB 
_pdbx_database_status.status_code_sf                  REL 
_pdbx_database_status.status_code_mr                  ? 
_pdbx_database_status.SG_entry                        Y 
_pdbx_database_status.pdb_format_compatible           Y 
_pdbx_database_status.status_code_cs                  ? 
_pdbx_database_status.status_code_nmr_data            ? 
_pdbx_database_status.methods_development_category    ? 
# 
loop_
_audit_author.name 
_audit_author.pdbx_ordinal 
'Dym, O.'                                    1 
'Albeck, S.'                                 2 
'Peleg, Y.'                                  3 
'Schwarz, A.'                                4 
'Shakked, Z.'                                5 
'Burstein, Y.'                               6 
'Zimhony, O.'                                7 
'Israel Structural Proteomics Center (ISPC)' 8 
# 
_citation.id                        primary 
_citation.title                     
'Structure-function analysis of the acyl carrier protein synthase (AcpS) from Mycobacterium tuberculosis.' 
_citation.journal_abbrev            J.Mol.Biol. 
_citation.journal_volume            393 
_citation.page_first                937 
_citation.page_last                 950 
_citation.year                      2009 
_citation.journal_id_ASTM           JMOBAK 
_citation.country                   UK 
_citation.journal_id_ISSN           0022-2836 
_citation.journal_id_CSD            0070 
_citation.book_publisher            ? 
_citation.pdbx_database_id_PubMed   19733180 
_citation.pdbx_database_id_DOI      10.1016/j.jmb.2009.08.065 
# 
loop_
_citation_author.citation_id 
_citation_author.name 
_citation_author.ordinal 
_citation_author.identifier_ORCID 
primary 'Dym, O.'      1 ? 
primary 'Albeck, S.'   2 ? 
primary 'Peleg, Y.'    3 ? 
primary 'Schwarz, A.'  4 ? 
primary 'Shakked, Z.'  5 ? 
primary 'Burstein, Y.' 6 ? 
primary 'Zimhony, O.'  7 ? 
# 
_cell.entry_id           3HQJ 
_cell.length_a           77.443 
_cell.length_b           77.443 
_cell.length_c           77.443 
_cell.angle_alpha        90.00 
_cell.angle_beta         90.00 
_cell.angle_gamma        90.00 
_cell.Z_PDB              12 
_cell.pdbx_unique_axis   ? 
_cell.length_a_esd       ? 
_cell.length_b_esd       ? 
_cell.length_c_esd       ? 
_cell.angle_alpha_esd    ? 
_cell.angle_beta_esd     ? 
_cell.angle_gamma_esd    ? 
# 
_symmetry.entry_id                         3HQJ 
_symmetry.space_group_name_H-M             'P 2 3' 
_symmetry.pdbx_full_space_group_name_H-M   ? 
_symmetry.cell_setting                     ? 
_symmetry.Int_Tables_number                195 
_symmetry.space_group_name_Hall            ? 
# 
loop_
_entity.id 
_entity.type 
_entity.src_method 
_entity.pdbx_description 
_entity.formula_weight 
_entity.pdbx_number_of_molecules 
_entity.pdbx_ec 
_entity.pdbx_mutation 
_entity.pdbx_fragment 
_entity.details 
1 polymer     man 'Holo-[acyl-carrier-protein] synthase' 14111.939 1  2.7.8.7 A28M,V74M ? ? 
2 non-polymer syn 'MAGNESIUM ION'                        24.305    3  ?       ?         ? ? 
3 non-polymer syn 'COENZYME A'                           767.534   1  ?       ?         ? ? 
4 water       nat water                                  18.015    44 ?       ?         ? ? 
# 
_entity_name_com.entity_id   1 
_entity_name_com.name        
;Holo-ACP synthase, 4'-phosphopantetheinyl transferase acpS
;
# 
_entity_poly.entity_id                      1 
_entity_poly.type                           'polypeptide(L)' 
_entity_poly.nstd_linkage                   no 
_entity_poly.nstd_monomer                   no 
_entity_poly.pdbx_seq_one_letter_code       
;MGIVGVGIDLVSIPDFAEQVDQPGTVFMETFTPGERRDASDKSSSAARHLAARWAAKEAVIKAWSGSRFAQRPMLPEDIH
RDIEVVTDMWGRPRVRLTGAIAEYLADVTIHVSLTHEGDTAAAVAILEAP
;
_entity_poly.pdbx_seq_one_letter_code_can   
;MGIVGVGIDLVSIPDFAEQVDQPGTVFMETFTPGERRDASDKSSSAARHLAARWAAKEAVIKAWSGSRFAQRPMLPEDIH
RDIEVVTDMWGRPRVRLTGAIAEYLADVTIHVSLTHEGDTAAAVAILEAP
;
_entity_poly.pdbx_strand_id                 A 
_entity_poly.pdbx_target_identifier         W00627 
# 
loop_
_entity_poly_seq.entity_id 
_entity_poly_seq.num 
_entity_poly_seq.mon_id 
_entity_poly_seq.hetero 
1 1   MET n 
1 2   GLY n 
1 3   ILE n 
1 4   VAL n 
1 5   GLY n 
1 6   VAL n 
1 7   GLY n 
1 8   ILE n 
1 9   ASP n 
1 10  LEU n 
1 11  VAL n 
1 12  SER n 
1 13  ILE n 
1 14  PRO n 
1 15  ASP n 
1 16  PHE n 
1 17  ALA n 
1 18  GLU n 
1 19  GLN n 
1 20  VAL n 
1 21  ASP n 
1 22  GLN n 
1 23  PRO n 
1 24  GLY n 
1 25  THR n 
1 26  VAL n 
1 27  PHE n 
1 28  MET n 
1 29  GLU n 
1 30  THR n 
1 31  PHE n 
1 32  THR n 
1 33  PRO n 
1 34  GLY n 
1 35  GLU n 
1 36  ARG n 
1 37  ARG n 
1 38  ASP n 
1 39  ALA n 
1 40  SER n 
1 41  ASP n 
1 42  LYS n 
1 43  SER n 
1 44  SER n 
1 45  SER n 
1 46  ALA n 
1 47  ALA n 
1 48  ARG n 
1 49  HIS n 
1 50  LEU n 
1 51  ALA n 
1 52  ALA n 
1 53  ARG n 
1 54  TRP n 
1 55  ALA n 
1 56  ALA n 
1 57  LYS n 
1 58  GLU n 
1 59  ALA n 
1 60  VAL n 
1 61  ILE n 
1 62  LYS n 
1 63  ALA n 
1 64  TRP n 
1 65  SER n 
1 66  GLY n 
1 67  SER n 
1 68  ARG n 
1 69  PHE n 
1 70  ALA n 
1 71  GLN n 
1 72  ARG n 
1 73  PRO n 
1 74  MET n 
1 75  LEU n 
1 76  PRO n 
1 77  GLU n 
1 78  ASP n 
1 79  ILE n 
1 80  HIS n 
1 81  ARG n 
1 82  ASP n 
1 83  ILE n 
1 84  GLU n 
1 85  VAL n 
1 86  VAL n 
1 87  THR n 
1 88  ASP n 
1 89  MET n 
1 90  TRP n 
1 91  GLY n 
1 92  ARG n 
1 93  PRO n 
1 94  ARG n 
1 95  VAL n 
1 96  ARG n 
1 97  LEU n 
1 98  THR n 
1 99  GLY n 
1 100 ALA n 
1 101 ILE n 
1 102 ALA n 
1 103 GLU n 
1 104 TYR n 
1 105 LEU n 
1 106 ALA n 
1 107 ASP n 
1 108 VAL n 
1 109 THR n 
1 110 ILE n 
1 111 HIS n 
1 112 VAL n 
1 113 SER n 
1 114 LEU n 
1 115 THR n 
1 116 HIS n 
1 117 GLU n 
1 118 GLY n 
1 119 ASP n 
1 120 THR n 
1 121 ALA n 
1 122 ALA n 
1 123 ALA n 
1 124 VAL n 
1 125 ALA n 
1 126 ILE n 
1 127 LEU n 
1 128 GLU n 
1 129 ALA n 
1 130 PRO n 
# 
_entity_src_gen.entity_id                          1 
_entity_src_gen.pdbx_src_id                        1 
_entity_src_gen.pdbx_alt_source_flag               sample 
_entity_src_gen.pdbx_seq_type                      ? 
_entity_src_gen.pdbx_beg_seq_num                   ? 
_entity_src_gen.pdbx_end_seq_num                   ? 
_entity_src_gen.gene_src_common_name               ? 
_entity_src_gen.gene_src_genus                     ? 
_entity_src_gen.pdbx_gene_src_gene                 'acpS, Rv2523c, MT2599, MTV009.08c' 
_entity_src_gen.gene_src_species                   ? 
_entity_src_gen.gene_src_strain                    ? 
_entity_src_gen.gene_src_tissue                    ? 
_entity_src_gen.gene_src_tissue_fraction           ? 
_entity_src_gen.gene_src_details                   ? 
_entity_src_gen.pdbx_gene_src_fragment             ? 
_entity_src_gen.pdbx_gene_src_scientific_name      'Mycobacterium tuberculosis' 
_entity_src_gen.pdbx_gene_src_ncbi_taxonomy_id     1773 
_entity_src_gen.pdbx_gene_src_variant              ? 
_entity_src_gen.pdbx_gene_src_cell_line            ? 
_entity_src_gen.pdbx_gene_src_atcc                 ? 
_entity_src_gen.pdbx_gene_src_organ                ? 
_entity_src_gen.pdbx_gene_src_organelle            ? 
_entity_src_gen.pdbx_gene_src_cell                 ? 
_entity_src_gen.pdbx_gene_src_cellular_location    ? 
_entity_src_gen.host_org_common_name               ? 
_entity_src_gen.pdbx_host_org_scientific_name      'Escherichia coli' 
_entity_src_gen.pdbx_host_org_ncbi_taxonomy_id     562 
_entity_src_gen.host_org_genus                     ? 
_entity_src_gen.pdbx_host_org_gene                 ? 
_entity_src_gen.pdbx_host_org_organ                ? 
_entity_src_gen.host_org_species                   ? 
_entity_src_gen.pdbx_host_org_tissue               ? 
_entity_src_gen.pdbx_host_org_tissue_fraction      ? 
_entity_src_gen.pdbx_host_org_strain               ? 
_entity_src_gen.pdbx_host_org_variant              ? 
_entity_src_gen.pdbx_host_org_cell_line            ? 
_entity_src_gen.pdbx_host_org_atcc                 ? 
_entity_src_gen.pdbx_host_org_culture_collection   ? 
_entity_src_gen.pdbx_host_org_cell                 ? 
_entity_src_gen.pdbx_host_org_organelle            ? 
_entity_src_gen.pdbx_host_org_cellular_location    ? 
_entity_src_gen.pdbx_host_org_vector_type          ? 
_entity_src_gen.pdbx_host_org_vector               ? 
_entity_src_gen.host_org_details                   ? 
_entity_src_gen.expression_system_id               ? 
_entity_src_gen.plasmid_name                       ? 
_entity_src_gen.plasmid_details                    ? 
_entity_src_gen.pdbx_description                   ? 
# 
_struct_ref.id                         1 
_struct_ref.db_name                    UNP 
_struct_ref.db_code                    ACPS_MYCTU 
_struct_ref.pdbx_db_accession          P0A4W8 
_struct_ref.entity_id                  1 
_struct_ref.pdbx_seq_one_letter_code   
;MGIVGVGIDLVSIPDFAEQVDQPGTVFAETFTPGERRDASDKSSSAARHLAARWAAKEAVIKAWSGSRFAQRPVLPEDIH
RDIEVVTDMWGRPRVRLTGAIAEYLADVTIHVSLTHEGDTAAAVAILEAP
;
_struct_ref.pdbx_align_begin           1 
_struct_ref.pdbx_db_isoform            ? 
# 
_struct_ref_seq.align_id                      1 
_struct_ref_seq.ref_id                        1 
_struct_ref_seq.pdbx_PDB_id_code              3HQJ 
_struct_ref_seq.pdbx_strand_id                A 
_struct_ref_seq.seq_align_beg                 1 
_struct_ref_seq.pdbx_seq_align_beg_ins_code   ? 
_struct_ref_seq.seq_align_end                 130 
_struct_ref_seq.pdbx_seq_align_end_ins_code   ? 
_struct_ref_seq.pdbx_db_accession             P0A4W8 
_struct_ref_seq.db_align_beg                  1 
_struct_ref_seq.pdbx_db_align_beg_ins_code    ? 
_struct_ref_seq.db_align_end                  130 
_struct_ref_seq.pdbx_db_align_end_ins_code    ? 
_struct_ref_seq.pdbx_auth_seq_align_beg       1 
_struct_ref_seq.pdbx_auth_seq_align_end       130 
# 
loop_
_struct_ref_seq_dif.align_id 
_struct_ref_seq_dif.pdbx_pdb_id_code 
_struct_ref_seq_dif.mon_id 
_struct_ref_seq_dif.pdbx_pdb_strand_id 
_struct_ref_seq_dif.seq_num 
_struct_ref_seq_dif.pdbx_pdb_ins_code 
_struct_ref_seq_dif.pdbx_seq_db_name 
_struct_ref_seq_dif.pdbx_seq_db_accession_code 
_struct_ref_seq_dif.db_mon_id 
_struct_ref_seq_dif.pdbx_seq_db_seq_num 
_struct_ref_seq_dif.details 
_struct_ref_seq_dif.pdbx_auth_seq_num 
_struct_ref_seq_dif.pdbx_ordinal 
1 3HQJ MET A 28 ? UNP P0A4W8 ALA 28 'engineered mutation' 28 1 
1 3HQJ MET A 74 ? UNP P0A4W8 VAL 74 'engineered mutation' 74 2 
# 
loop_
_chem_comp.id 
_chem_comp.type 
_chem_comp.mon_nstd_flag 
_chem_comp.name 
_chem_comp.pdbx_synonyms 
_chem_comp.formula 
_chem_comp.formula_weight 
ALA 'L-peptide linking' y ALANINE         ? 'C3 H7 N O2'          89.093  
ARG 'L-peptide linking' y ARGININE        ? 'C6 H15 N4 O2 1'      175.209 
ASP 'L-peptide linking' y 'ASPARTIC ACID' ? 'C4 H7 N O4'          133.103 
COA non-polymer         . 'COENZYME A'    ? 'C21 H36 N7 O16 P3 S' 767.534 
GLN 'L-peptide linking' y GLUTAMINE       ? 'C5 H10 N2 O3'        146.144 
GLU 'L-peptide linking' y 'GLUTAMIC ACID' ? 'C5 H9 N O4'          147.129 
GLY 'peptide linking'   y GLYCINE         ? 'C2 H5 N O2'          75.067  
HIS 'L-peptide linking' y HISTIDINE       ? 'C6 H10 N3 O2 1'      156.162 
HOH non-polymer         . WATER           ? 'H2 O'                18.015  
ILE 'L-peptide linking' y ISOLEUCINE      ? 'C6 H13 N O2'         131.173 
LEU 'L-peptide linking' y LEUCINE         ? 'C6 H13 N O2'         131.173 
LYS 'L-peptide linking' y LYSINE          ? 'C6 H15 N2 O2 1'      147.195 
MET 'L-peptide linking' y METHIONINE      ? 'C5 H11 N O2 S'       149.211 
MG  non-polymer         . 'MAGNESIUM ION' ? 'Mg 2'                24.305  
PHE 'L-peptide linking' y PHENYLALANINE   ? 'C9 H11 N O2'         165.189 
PRO 'L-peptide linking' y PROLINE         ? 'C5 H9 N O2'          115.130 
SER 'L-peptide linking' y SERINE          ? 'C3 H7 N O3'          105.093 
THR 'L-peptide linking' y THREONINE       ? 'C4 H9 N O3'          119.119 
TRP 'L-peptide linking' y TRYPTOPHAN      ? 'C11 H12 N2 O2'       204.225 
TYR 'L-peptide linking' y TYROSINE        ? 'C9 H11 N O3'         181.189 
VAL 'L-peptide linking' y VALINE          ? 'C5 H11 N O2'         117.146 
# 
_exptl.entry_id          3HQJ 
_exptl.method            'X-RAY DIFFRACTION' 
_exptl.crystals_number   1 
# 
_exptl_crystal.id                    1 
_exptl_crystal.density_meas          ? 
_exptl_crystal.density_Matthews      2.74 
_exptl_crystal.density_percent_sol   55.15 
_exptl_crystal.description           ? 
_exptl_crystal.F_000                 ? 
_exptl_crystal.preparation           ? 
# 
_exptl_crystal_grow.crystal_id      1 
_exptl_crystal_grow.method          ? 
_exptl_crystal_grow.temp            294 
_exptl_crystal_grow.temp_details    ? 
_exptl_crystal_grow.pH              6.5 
_exptl_crystal_grow.pdbx_details    
'100mM MgCl2, 50mM Na cacodylate pH=6.5, and 25% polyethylene glycol 200, Microbatch under oil, temperature 294K' 
_exptl_crystal_grow.pdbx_pH_range   ? 
# 
_diffrn.id                     1 
_diffrn.ambient_temp           100 
_diffrn.ambient_temp_details   ? 
_diffrn.crystal_id             1 
# 
_diffrn_detector.diffrn_id              1 
_diffrn_detector.detector               'IMAGE PLATE' 
_diffrn_detector.type                   'RIGAKU RAXIS IV++' 
_diffrn_detector.pdbx_collection_date   2007-09-05 
_diffrn_detector.details                ? 
# 
_diffrn_radiation.diffrn_id                        1 
_diffrn_radiation.wavelength_id                    1 
_diffrn_radiation.pdbx_monochromatic_or_laue_m_l   M 
_diffrn_radiation.monochromator                    'YALE MIRRORS' 
_diffrn_radiation.pdbx_diffrn_protocol             'SINGLE WAVELENGTH' 
_diffrn_radiation.pdbx_scattering_type             x-ray 
# 
_diffrn_radiation_wavelength.id           1 
_diffrn_radiation_wavelength.wavelength   1.5418 
_diffrn_radiation_wavelength.wt           1.0 
# 
_diffrn_source.diffrn_id                   1 
_diffrn_source.source                      'ROTATING ANODE' 
_diffrn_source.type                        'RIGAKU RU300' 
_diffrn_source.pdbx_synchrotron_site       ? 
_diffrn_source.pdbx_synchrotron_beamline   ? 
_diffrn_source.pdbx_wavelength             ? 
_diffrn_source.pdbx_wavelength_list        1.5418 
# 
_reflns.entry_id                     3HQJ 
_reflns.observed_criterion_sigma_I   0 
_reflns.observed_criterion_sigma_F   0 
_reflns.d_resolution_low             50 
_reflns.d_resolution_high            1.95 
_reflns.number_obs                   11568 
_reflns.number_all                   11556 
_reflns.percent_possible_obs         99.9 
_reflns.pdbx_Rmerge_I_obs            ? 
_reflns.pdbx_Rsym_value              ? 
_reflns.pdbx_netI_over_sigmaI        ? 
_reflns.B_iso_Wilson_estimate        ? 
_reflns.pdbx_redundancy              ? 
_reflns.R_free_details               ? 
_reflns.limit_h_max                  ? 
_reflns.limit_h_min                  ? 
_reflns.limit_k_max                  ? 
_reflns.limit_k_min                  ? 
_reflns.limit_l_max                  ? 
_reflns.limit_l_min                  ? 
_reflns.observed_criterion_F_max     ? 
_reflns.observed_criterion_F_min     ? 
_reflns.pdbx_chi_squared             ? 
_reflns.pdbx_scaling_rejects         ? 
_reflns.pdbx_diffrn_id               1 
_reflns.pdbx_ordinal                 1 
# 
_reflns_shell.d_res_high             1.95 
_reflns_shell.d_res_low              2.02 
_reflns_shell.percent_possible_all   100.0 
_reflns_shell.Rmerge_I_obs           ? 
_reflns_shell.pdbx_Rsym_value        ? 
_reflns_shell.meanI_over_sigI_obs    ? 
_reflns_shell.pdbx_redundancy        ? 
_reflns_shell.percent_possible_obs   ? 
_reflns_shell.number_unique_all      ? 
_reflns_shell.number_measured_all    ? 
_reflns_shell.number_measured_obs    ? 
_reflns_shell.number_unique_obs      ? 
_reflns_shell.pdbx_chi_squared       ? 
_reflns_shell.pdbx_diffrn_id         ? 
_reflns_shell.pdbx_ordinal           1 
# 
_refine.entry_id                                 3HQJ 
_refine.ls_number_reflns_obs                     10999 
_refine.ls_number_reflns_all                     11012 
_refine.pdbx_ls_sigma_I                          ? 
_refine.pdbx_ls_sigma_F                          0 
_refine.pdbx_data_cutoff_high_absF               ? 
_refine.pdbx_data_cutoff_low_absF                ? 
_refine.pdbx_data_cutoff_high_rms_absF           ? 
_refine.ls_d_res_low                             50.00 
_refine.ls_d_res_high                            1.95 
_refine.ls_percent_reflns_obs                    99.88 
_refine.ls_R_factor_obs                          0.211 
_refine.ls_R_factor_all                          0.211 
_refine.ls_R_factor_R_work                       0.20906 
_refine.ls_R_factor_R_free                       0.25167 
_refine.ls_R_factor_R_free_error                 ? 
_refine.ls_R_factor_R_free_error_details         ? 
_refine.ls_percent_reflns_R_free                 4.8 
_refine.ls_number_reflns_R_free                  553 
_refine.ls_number_parameters                     ? 
_refine.ls_number_restraints                     ? 
_refine.occupancy_min                            ? 
_refine.occupancy_max                            ? 
_refine.correlation_coeff_Fo_to_Fc               0.934 
_refine.correlation_coeff_Fo_to_Fc_free          0.899 
_refine.B_iso_mean                               24.946 
_refine.aniso_B[1][1]                            ? 
_refine.aniso_B[2][2]                            ? 
_refine.aniso_B[3][3]                            ? 
_refine.aniso_B[1][2]                            ? 
_refine.aniso_B[1][3]                            ? 
_refine.aniso_B[2][3]                            ? 
_refine.solvent_model_details                    MASK 
_refine.solvent_model_param_ksol                 ? 
_refine.solvent_model_param_bsol                 ? 
_refine.pdbx_solvent_vdw_probe_radii             1.20 
_refine.pdbx_solvent_ion_probe_radii             0.80 
_refine.pdbx_solvent_shrinkage_radii             0.80 
_refine.pdbx_ls_cross_valid_method               THROUGHOUT 
_refine.details                                  'HYDROGENS HAVE BEEN ADDED IN THE RIDING POSITIONS' 
_refine.pdbx_starting_model                      'PDB ENTRY 1F7T' 
_refine.pdbx_method_to_determine_struct          'MOLECULAR REPLACEMENT' 
_refine.pdbx_isotropic_thermal_model             ? 
_refine.pdbx_stereochemistry_target_values       'MAXIMUM LIKELIHOOD' 
_refine.pdbx_stereochem_target_val_spec_case     ? 
_refine.pdbx_R_Free_selection_details            RANDOM 
_refine.pdbx_overall_ESU_R                       0.149 
_refine.pdbx_overall_ESU_R_Free                  0.146 
_refine.overall_SU_ML                            0.086 
_refine.overall_SU_B                             2.846 
_refine.ls_redundancy_reflns_obs                 ? 
_refine.B_iso_min                                ? 
_refine.B_iso_max                                ? 
_refine.overall_SU_R_Cruickshank_DPI             ? 
_refine.overall_SU_R_free                        ? 
_refine.ls_wR_factor_R_free                      ? 
_refine.ls_wR_factor_R_work                      ? 
_refine.overall_FOM_free_R_set                   ? 
_refine.overall_FOM_work_R_set                   ? 
_refine.pdbx_overall_phase_error                 ? 
_refine.pdbx_refine_id                           'X-RAY DIFFRACTION' 
_refine.pdbx_diffrn_id                           1 
_refine.pdbx_TLS_residual_ADP_flag               ? 
_refine.pdbx_overall_SU_R_free_Cruickshank_DPI   ? 
_refine.pdbx_overall_SU_R_Blow_DPI               ? 
_refine.pdbx_overall_SU_R_free_Blow_DPI          ? 
# 
_refine_hist.pdbx_refine_id                   'X-RAY DIFFRACTION' 
_refine_hist.cycle_id                         LAST 
_refine_hist.pdbx_number_atoms_protein        860 
_refine_hist.pdbx_number_atoms_nucleic_acid   0 
_refine_hist.pdbx_number_atoms_ligand         30 
_refine_hist.number_atoms_solvent             44 
_refine_hist.number_atoms_total               934 
_refine_hist.d_res_high                       1.95 
_refine_hist.d_res_low                        50.00 
# 
loop_
_refine_ls_restr.type 
_refine_ls_restr.dev_ideal 
_refine_ls_restr.dev_ideal_target 
_refine_ls_restr.weight 
_refine_ls_restr.number 
_refine_ls_restr.pdbx_refine_id 
_refine_ls_restr.pdbx_restraint_function 
r_bond_refined_d             0.017  0.021  ? 904  'X-RAY DIFFRACTION' ? 
r_angle_refined_deg          1.699  1.970  ? 1232 'X-RAY DIFFRACTION' ? 
r_dihedral_angle_1_deg       6.065  5.000  ? 109  'X-RAY DIFFRACTION' ? 
r_dihedral_angle_2_deg       30.928 21.842 ? 38   'X-RAY DIFFRACTION' ? 
r_dihedral_angle_3_deg       13.435 15.000 ? 135  'X-RAY DIFFRACTION' ? 
r_dihedral_angle_4_deg       20.709 15.000 ? 10   'X-RAY DIFFRACTION' ? 
r_chiral_restr               0.117  0.200  ? 142  'X-RAY DIFFRACTION' ? 
r_gen_planes_refined         0.006  0.020  ? 668  'X-RAY DIFFRACTION' ? 
r_nbd_refined                0.207  0.200  ? 380  'X-RAY DIFFRACTION' ? 
r_nbtor_refined              0.297  0.200  ? 611  'X-RAY DIFFRACTION' ? 
r_xyhbond_nbd_refined        0.197  0.200  ? 45   'X-RAY DIFFRACTION' ? 
r_metal_ion_refined          0.040  0.200  ? 1    'X-RAY DIFFRACTION' ? 
r_symmetry_vdw_refined       0.180  0.200  ? 55   'X-RAY DIFFRACTION' ? 
r_symmetry_hbond_refined     0.327  0.200  ? 23   'X-RAY DIFFRACTION' ? 
r_symmetry_metal_ion_refined 0.064  0.200  ? 2    'X-RAY DIFFRACTION' ? 
r_mcbond_it                  1.056  1.500  ? 573  'X-RAY DIFFRACTION' ? 
r_mcangle_it                 1.724  2.000  ? 891  'X-RAY DIFFRACTION' ? 
r_scbond_it                  2.461  3.000  ? 386  'X-RAY DIFFRACTION' ? 
r_scangle_it                 3.522  4.500  ? 341  'X-RAY DIFFRACTION' ? 
# 
_refine_ls_shell.pdbx_total_number_of_bins_used   20 
_refine_ls_shell.d_res_high                       1.950 
_refine_ls_shell.d_res_low                        2.001 
_refine_ls_shell.number_reflns_R_work             790 
_refine_ls_shell.R_factor_R_work                  0.211 
_refine_ls_shell.percent_reflns_obs               100.00 
_refine_ls_shell.R_factor_R_free                  0.271 
_refine_ls_shell.R_factor_R_free_error            ? 
_refine_ls_shell.percent_reflns_R_free            ? 
_refine_ls_shell.number_reflns_R_free             35 
_refine_ls_shell.number_reflns_all                ? 
_refine_ls_shell.R_factor_all                     ? 
_refine_ls_shell.number_reflns_obs                ? 
_refine_ls_shell.redundancy_reflns_obs            ? 
_refine_ls_shell.pdbx_refine_id                   'X-RAY DIFFRACTION' 
# 
_struct.entry_id                  3HQJ 
_struct.title                     'Structure-function analysis of Mycobacterium tuberculosis acyl carrier protein synthase (AcpS).' 
_struct.pdbx_model_details        ? 
_struct.pdbx_CASP_flag            ? 
_struct.pdbx_model_type_details   ? 
# 
_struct_keywords.entry_id        3HQJ 
_struct_keywords.pdbx_keywords   TRANSFERASE 
_struct_keywords.text            
;an/fold, Structural Genomics, Israel Structural Proteomics Center, ISPC, Cytoplasm, Fatty acid biosynthesis, Lipid synthesis, Magnesium, Metal-binding, Transferase
;
# 
loop_
_struct_asym.id 
_struct_asym.pdbx_blank_PDB_chainid_flag 
_struct_asym.pdbx_modified 
_struct_asym.entity_id 
_struct_asym.details 
A N N 1 ? 
B N N 2 ? 
C N N 2 ? 
D N N 2 ? 
E N N 3 ? 
F N N 4 ? 
# 
_struct_biol.id        1 
_struct_biol.details   ? 
# 
loop_
_struct_conf.conf_type_id 
_struct_conf.id 
_struct_conf.pdbx_PDB_helix_id 
_struct_conf.beg_label_comp_id 
_struct_conf.beg_label_asym_id 
_struct_conf.beg_label_seq_id 
_struct_conf.pdbx_beg_PDB_ins_code 
_struct_conf.end_label_comp_id 
_struct_conf.end_label_asym_id 
_struct_conf.end_label_seq_id 
_struct_conf.pdbx_end_PDB_ins_code 
_struct_conf.beg_auth_comp_id 
_struct_conf.beg_auth_asym_id 
_struct_conf.beg_auth_seq_id 
_struct_conf.end_auth_comp_id 
_struct_conf.end_auth_asym_id 
_struct_conf.end_auth_seq_id 
_struct_conf.pdbx_PDB_helix_class 
_struct_conf.details 
_struct_conf.pdbx_PDB_helix_length 
HELX_P HELX_P1 1 ILE A 13 ? ASP A 21  ? ILE A 13 ASP A 21  1 ? 9  
HELX_P HELX_P2 2 THR A 32 ? SER A 40  ? THR A 32 SER A 40  1 ? 9  
HELX_P HELX_P3 3 SER A 45 ? SER A 67  ? SER A 45 SER A 67  1 ? 23 
HELX_P HELX_P4 4 ILE A 79 ? ARG A 81  ? ILE A 79 ARG A 81  5 ? 3  
HELX_P HELX_P5 5 THR A 98 ? LEU A 105 ? THR A 98 LEU A 105 1 ? 8  
# 
_struct_conf_type.id          HELX_P 
_struct_conf_type.criteria    ? 
_struct_conf_type.reference   ? 
# 
loop_
_struct_conn.id 
_struct_conn.conn_type_id 
_struct_conn.pdbx_leaving_atom_flag 
_struct_conn.pdbx_PDB_id 
_struct_conn.ptnr1_label_asym_id 
_struct_conn.ptnr1_label_comp_id 
_struct_conn.ptnr1_label_seq_id 
_struct_conn.ptnr1_label_atom_id 
_struct_conn.pdbx_ptnr1_label_alt_id 
_struct_conn.pdbx_ptnr1_PDB_ins_code 
_struct_conn.pdbx_ptnr1_standard_comp_id 
_struct_conn.ptnr1_symmetry 
_struct_conn.ptnr2_label_asym_id 
_struct_conn.ptnr2_label_comp_id 
_struct_conn.ptnr2_label_seq_id 
_struct_conn.ptnr2_label_atom_id 
_struct_conn.pdbx_ptnr2_label_alt_id 
_struct_conn.pdbx_ptnr2_PDB_ins_code 
_struct_conn.ptnr1_auth_asym_id 
_struct_conn.ptnr1_auth_comp_id 
_struct_conn.ptnr1_auth_seq_id 
_struct_conn.ptnr2_auth_asym_id 
_struct_conn.ptnr2_auth_comp_id 
_struct_conn.ptnr2_auth_seq_id 
_struct_conn.ptnr2_symmetry 
_struct_conn.pdbx_ptnr3_label_atom_id 
_struct_conn.pdbx_ptnr3_label_seq_id 
_struct_conn.pdbx_ptnr3_label_comp_id 
_struct_conn.pdbx_ptnr3_label_asym_id 
_struct_conn.pdbx_ptnr3_label_alt_id 
_struct_conn.pdbx_ptnr3_PDB_ins_code 
_struct_conn.details 
_struct_conn.pdbx_dist_value 
_struct_conn.pdbx_value_order 
_struct_conn.pdbx_role 
metalc1  metalc ? ? A HIS 116 O   ? ? ? 1_555 D MG  . MG  ? ? A HIS 116 A MG  145 1_555 ? ? ? ? ? ? ? 2.024 ? ? 
metalc2  metalc ? ? A HIS 116 ND1 ? ? ? 1_555 D MG  . MG  ? ? A HIS 116 A MG  145 1_555 ? ? ? ? ? ? ? 2.258 ? ? 
metalc3  metalc ? ? B MG  .   MG  ? ? ? 1_555 F HOH . O   ? ? A MG  131 A HOH 132 1_555 ? ? ? ? ? ? ? 2.606 ? ? 
metalc4  metalc ? ? B MG  .   MG  ? ? ? 1_555 F HOH . O   ? ? A MG  131 A HOH 133 1_555 ? ? ? ? ? ? ? 2.331 ? ? 
metalc5  metalc ? ? C MG  .   MG  ? ? ? 1_555 F HOH . O   ? ? A MG  134 A HOH 135 1_555 ? ? ? ? ? ? ? 2.138 ? ? 
metalc6  metalc ? ? C MG  .   MG  ? ? ? 1_555 F HOH . O   ? ? A MG  134 A HOH 136 1_555 ? ? ? ? ? ? ? 2.131 ? ? 
metalc7  metalc ? ? C MG  .   MG  ? ? ? 1_555 F HOH . O   ? ? A MG  134 A HOH 137 1_555 ? ? ? ? ? ? ? 2.179 ? ? 
metalc8  metalc ? ? C MG  .   MG  ? ? ? 1_555 F HOH . O   ? ? A MG  134 A HOH 139 1_555 ? ? ? ? ? ? ? 2.157 ? ? 
metalc9  metalc ? ? C MG  .   MG  ? ? ? 1_555 E COA . O1A ? ? A MG  134 A COA 150 1_555 ? ? ? ? ? ? ? 2.130 ? ? 
metalc10 metalc ? ? D MG  .   MG  ? ? ? 1_555 F HOH . O   ? ? A MG  145 A HOH 146 1_555 ? ? ? ? ? ? ? 2.194 ? ? 
metalc11 metalc ? ? D MG  .   MG  ? ? ? 1_555 F HOH . O   ? ? A MG  145 A HOH 147 1_555 ? ? ? ? ? ? ? 2.205 ? ? 
metalc12 metalc ? ? D MG  .   MG  ? ? ? 1_555 F HOH . O   ? ? A MG  145 A HOH 148 1_555 ? ? ? ? ? ? ? 2.189 ? ? 
metalc13 metalc ? ? D MG  .   MG  ? ? ? 1_555 E COA . O3A ? ? A MG  145 A COA 150 1_555 ? ? ? ? ? ? ? 1.949 ? ? 
# 
_struct_conn_type.id          metalc 
_struct_conn_type.criteria    ? 
_struct_conn_type.reference   ? 
# 
loop_
_struct_sheet.id 
_struct_sheet.type 
_struct_sheet.number_strands 
_struct_sheet.details 
A ? 3 ? 
B ? 2 ? 
# 
loop_
_struct_sheet_order.sheet_id 
_struct_sheet_order.range_id_1 
_struct_sheet_order.range_id_2 
_struct_sheet_order.offset 
_struct_sheet_order.sense 
A 1 2 ? anti-parallel 
A 2 3 ? anti-parallel 
B 1 2 ? anti-parallel 
# 
loop_
_struct_sheet_range.sheet_id 
_struct_sheet_range.id 
_struct_sheet_range.beg_label_comp_id 
_struct_sheet_range.beg_label_asym_id 
_struct_sheet_range.beg_label_seq_id 
_struct_sheet_range.pdbx_beg_PDB_ins_code 
_struct_sheet_range.end_label_comp_id 
_struct_sheet_range.end_label_asym_id 
_struct_sheet_range.end_label_seq_id 
_struct_sheet_range.pdbx_end_PDB_ins_code 
_struct_sheet_range.beg_auth_comp_id 
_struct_sheet_range.beg_auth_asym_id 
_struct_sheet_range.beg_auth_seq_id 
_struct_sheet_range.end_auth_comp_id 
_struct_sheet_range.end_auth_asym_id 
_struct_sheet_range.end_auth_seq_id 
A 1 ILE A 3   ? SER A 12  ? ILE A 3   SER A 12  
A 2 THR A 120 ? GLU A 128 ? THR A 120 GLU A 128 
A 3 THR A 109 ? GLU A 117 ? THR A 109 GLU A 117 
B 1 ILE A 83  ? THR A 87  ? ILE A 83  THR A 87  
B 2 PRO A 93  ? LEU A 97  ? PRO A 93  LEU A 97  
# 
loop_
_pdbx_struct_sheet_hbond.sheet_id 
_pdbx_struct_sheet_hbond.range_id_1 
_pdbx_struct_sheet_hbond.range_id_2 
_pdbx_struct_sheet_hbond.range_1_label_atom_id 
_pdbx_struct_sheet_hbond.range_1_label_comp_id 
_pdbx_struct_sheet_hbond.range_1_label_asym_id 
_pdbx_struct_sheet_hbond.range_1_label_seq_id 
_pdbx_struct_sheet_hbond.range_1_PDB_ins_code 
_pdbx_struct_sheet_hbond.range_1_auth_atom_id 
_pdbx_struct_sheet_hbond.range_1_auth_comp_id 
_pdbx_struct_sheet_hbond.range_1_auth_asym_id 
_pdbx_struct_sheet_hbond.range_1_auth_seq_id 
_pdbx_struct_sheet_hbond.range_2_label_atom_id 
_pdbx_struct_sheet_hbond.range_2_label_comp_id 
_pdbx_struct_sheet_hbond.range_2_label_asym_id 
_pdbx_struct_sheet_hbond.range_2_label_seq_id 
_pdbx_struct_sheet_hbond.range_2_PDB_ins_code 
_pdbx_struct_sheet_hbond.range_2_auth_atom_id 
_pdbx_struct_sheet_hbond.range_2_auth_comp_id 
_pdbx_struct_sheet_hbond.range_2_auth_asym_id 
_pdbx_struct_sheet_hbond.range_2_auth_seq_id 
A 1 2 N VAL A 4   ? N VAL A 4   O LEU A 127 ? O LEU A 127 
A 2 3 O ALA A 122 ? O ALA A 122 N THR A 115 ? N THR A 115 
B 1 2 N VAL A 86  ? N VAL A 86  O ARG A 94  ? O ARG A 94  
# 
loop_
_struct_site.id 
_struct_site.pdbx_evidence_code 
_struct_site.pdbx_auth_asym_id 
_struct_site.pdbx_auth_comp_id 
_struct_site.pdbx_auth_seq_id 
_struct_site.pdbx_auth_ins_code 
_struct_site.pdbx_num_residues 
_struct_site.details 
AC1 Software A MG  131 ? 6  'BINDING SITE FOR RESIDUE MG A 131'  
AC2 Software A MG  134 ? 6  'BINDING SITE FOR RESIDUE MG A 134'  
AC3 Software A MG  145 ? 5  'BINDING SITE FOR RESIDUE MG A 145'  
AC4 Software A COA 150 ? 20 'BINDING SITE FOR RESIDUE COA A 150' 
# 
loop_
_struct_site_gen.id 
_struct_site_gen.site_id 
_struct_site_gen.pdbx_num_res 
_struct_site_gen.label_comp_id 
_struct_site_gen.label_asym_id 
_struct_site_gen.label_seq_id 
_struct_site_gen.pdbx_auth_ins_code 
_struct_site_gen.auth_comp_id 
_struct_site_gen.auth_asym_id 
_struct_site_gen.auth_seq_id 
_struct_site_gen.label_atom_id 
_struct_site_gen.label_alt_id 
_struct_site_gen.symmetry 
_struct_site_gen.details 
1  AC1 6  HOH F .   ? HOH A 132 . ? 1_555 ? 
2  AC1 6  HOH F .   ? HOH A 132 . ? 5_555 ? 
3  AC1 6  HOH F .   ? HOH A 132 . ? 9_555 ? 
4  AC1 6  HOH F .   ? HOH A 133 . ? 5_555 ? 
5  AC1 6  HOH F .   ? HOH A 133 . ? 9_555 ? 
6  AC1 6  HOH F .   ? HOH A 133 . ? 1_555 ? 
7  AC2 6  ASP A 9   ? ASP A 9   . ? 9_555 ? 
8  AC2 6  HOH F .   ? HOH A 135 . ? 1_555 ? 
9  AC2 6  HOH F .   ? HOH A 136 . ? 1_555 ? 
10 AC2 6  HOH F .   ? HOH A 137 . ? 1_555 ? 
11 AC2 6  HOH F .   ? HOH A 139 . ? 1_555 ? 
12 AC2 6  COA E .   ? COA A 150 . ? 1_555 ? 
13 AC3 5  HIS A 116 ? HIS A 116 . ? 1_555 ? 
14 AC3 5  HOH F .   ? HOH A 146 . ? 1_555 ? 
15 AC3 5  HOH F .   ? HOH A 147 . ? 1_555 ? 
16 AC3 5  HOH F .   ? HOH A 148 . ? 1_555 ? 
17 AC3 5  COA E .   ? COA A 150 . ? 1_555 ? 
18 AC4 20 ASP A 9   ? ASP A 9   . ? 9_555 ? 
19 AC4 20 HIS A 49  ? HIS A 49  . ? 1_555 ? 
20 AC4 20 ARG A 53  ? ARG A 53  . ? 1_555 ? 
21 AC4 20 LYS A 62  ? LYS A 62  . ? 9_555 ? 
22 AC4 20 SER A 65  ? SER A 65  . ? 9_555 ? 
23 AC4 20 GLY A 91  ? GLY A 91  . ? 1_555 ? 
24 AC4 20 ARG A 92  ? ARG A 92  . ? 1_555 ? 
25 AC4 20 PRO A 93  ? PRO A 93  . ? 1_555 ? 
26 AC4 20 LEU A 114 ? LEU A 114 . ? 1_555 ? 
27 AC4 20 THR A 115 ? THR A 115 . ? 1_555 ? 
28 AC4 20 HIS A 116 ? HIS A 116 . ? 1_555 ? 
29 AC4 20 MG  C .   ? MG  A 134 . ? 1_555 ? 
30 AC4 20 HOH F .   ? HOH A 136 . ? 1_555 ? 
31 AC4 20 HOH F .   ? HOH A 137 . ? 1_555 ? 
32 AC4 20 HOH F .   ? HOH A 138 . ? 1_555 ? 
33 AC4 20 HOH F .   ? HOH A 139 . ? 1_555 ? 
34 AC4 20 MG  D .   ? MG  A 145 . ? 1_555 ? 
35 AC4 20 HOH F .   ? HOH A 146 . ? 1_555 ? 
36 AC4 20 HOH F .   ? HOH A 147 . ? 1_555 ? 
37 AC4 20 HOH F .   ? HOH A 151 . ? 1_555 ? 
# 
_atom_sites.entry_id                    3HQJ 
_atom_sites.fract_transf_matrix[1][1]   -0.00875313 
_atom_sites.fract_transf_matrix[1][2]   0.00637309 
_atom_sites.fract_transf_matrix[1][3]   0.00703648 
_atom_sites.fract_transf_matrix[2][1]   0.00131219 
_atom_sites.fract_transf_matrix[2][2]   -0.00866684 
_atom_sites.fract_transf_matrix[2][3]   0.00948207 
_atom_sites.fract_transf_matrix[3][1]   0.00940247 
_atom_sites.fract_transf_matrix[3][2]   0.00714249 
_atom_sites.fract_transf_matrix[3][3]   0.00522723 
_atom_sites.fract_transf_vector[1]      0.211966 
_atom_sites.fract_transf_vector[2]      0.326213 
_atom_sites.fract_transf_vector[3]      0.088111 
# 
loop_
_atom_type.symbol 
C  
MG 
N  
O  
P  
S  
# 
loop_
_atom_site.group_PDB 
_atom_site.id 
_atom_site.type_symbol 
_atom_site.label_atom_id 
_atom_site.label_alt_id 
_atom_site.label_comp_id 
_atom_site.label_asym_id 
_atom_site.label_entity_id 
_atom_site.label_seq_id 
_atom_site.pdbx_PDB_ins_code 
_atom_site.Cartn_x 
_atom_site.Cartn_y 
_atom_site.Cartn_z 
_atom_site.occupancy 
_atom_site.B_iso_or_equiv 
_atom_site.pdbx_formal_charge 
_atom_site.auth_seq_id 
_atom_site.auth_comp_id 
_atom_site.auth_asym_id 
_atom_site.auth_atom_id 
_atom_site.pdbx_PDB_model_num 
ATOM   1   N  N   . GLY A 1 2   ? 9.155   10.553  15.649  1.00 26.76  ? 2   GLY A N   1 
ATOM   2   C  CA  . GLY A 1 2   ? 9.619   11.016  14.315  1.00 25.11  ? 2   GLY A CA  1 
ATOM   3   C  C   . GLY A 1 2   ? 9.268   10.046  13.195  1.00 23.66  ? 2   GLY A C   1 
ATOM   4   O  O   . GLY A 1 2   ? 8.547   9.073   13.385  1.00 24.77  ? 2   GLY A O   1 
ATOM   5   N  N   . ILE A 1 3   ? 9.819   10.303  12.022  1.00 21.91  ? 3   ILE A N   1 
ATOM   6   C  CA  . ILE A 1 3   ? 9.531   9.492   10.863  1.00 19.84  ? 3   ILE A CA  1 
ATOM   7   C  C   . ILE A 1 3   ? 10.314  8.169   10.917  1.00 19.17  ? 3   ILE A C   1 
ATOM   8   O  O   . ILE A 1 3   ? 11.517  8.135   11.241  1.00 18.71  ? 3   ILE A O   1 
ATOM   9   C  CB  . ILE A 1 3   ? 9.828   10.309  9.566   1.00 19.85  ? 3   ILE A CB  1 
ATOM   10  C  CG1 . ILE A 1 3   ? 8.821   11.467  9.457   1.00 20.37  ? 3   ILE A CG1 1 
ATOM   11  C  CG2 . ILE A 1 3   ? 9.769   9.392   8.315   1.00 18.49  ? 3   ILE A CG2 1 
ATOM   12  C  CD1 . ILE A 1 3   ? 9.251   12.626  8.510   1.00 20.93  ? 3   ILE A CD1 1 
ATOM   13  N  N   . VAL A 1 4   ? 9.613   7.081   10.639  1.00 16.40  ? 4   VAL A N   1 
ATOM   14  C  CA  . VAL A 1 4   ? 10.227  5.757   10.503  1.00 17.86  ? 4   VAL A CA  1 
ATOM   15  C  C   . VAL A 1 4   ? 10.831  5.518   9.118   1.00 16.34  ? 4   VAL A C   1 
ATOM   16  O  O   . VAL A 1 4   ? 11.971  5.048   8.975   1.00 15.91  ? 4   VAL A O   1 
ATOM   17  C  CB  . VAL A 1 4   ? 9.174   4.667   10.839  1.00 16.95  ? 4   VAL A CB  1 
ATOM   18  C  CG1 . VAL A 1 4   ? 9.646   3.272   10.467  1.00 18.68  ? 4   VAL A CG1 1 
ATOM   19  C  CG2 . VAL A 1 4   ? 8.812   4.751   12.338  1.00 20.66  ? 4   VAL A CG2 1 
ATOM   20  N  N   . GLY A 1 5   ? 10.044  5.846   8.095   1.00 16.48  ? 5   GLY A N   1 
ATOM   21  C  CA  . GLY A 1 5   ? 10.460  5.673   6.721   1.00 16.03  ? 5   GLY A CA  1 
ATOM   22  C  C   . GLY A 1 5   ? 9.440   6.286   5.786   1.00 14.71  ? 5   GLY A C   1 
ATOM   23  O  O   . GLY A 1 5   ? 8.364   6.772   6.215   1.00 15.11  ? 5   GLY A O   1 
ATOM   24  N  N   . VAL A 1 6   ? 9.830   6.300   4.516   1.00 14.47  ? 6   VAL A N   1 
ATOM   25  C  CA  . VAL A 1 6   ? 8.987   6.772   3.397   1.00 14.12  ? 6   VAL A CA  1 
ATOM   26  C  C   . VAL A 1 6   ? 9.130   5.753   2.261   1.00 14.15  ? 6   VAL A C   1 
ATOM   27  O  O   . VAL A 1 6   ? 10.149  5.115   2.135   1.00 15.25  ? 6   VAL A O   1 
ATOM   28  C  CB  . VAL A 1 6   ? 9.356   8.229   2.932   1.00 13.07  ? 6   VAL A CB  1 
ATOM   29  C  CG1 . VAL A 1 6   ? 10.789  8.326   2.338   1.00 12.74  ? 6   VAL A CG1 1 
ATOM   30  C  CG2 . VAL A 1 6   ? 8.314   8.796   1.918   1.00 13.59  ? 6   VAL A CG2 1 
ATOM   31  N  N   . GLY A 1 7   ? 8.076   5.573   1.474   1.00 13.88  ? 7   GLY A N   1 
ATOM   32  C  CA  . GLY A 1 7   ? 8.185   4.745   0.299   1.00 13.94  ? 7   GLY A CA  1 
ATOM   33  C  C   . GLY A 1 7   ? 7.407   5.380   -0.822  1.00 13.67  ? 7   GLY A C   1 
ATOM   34  O  O   . GLY A 1 7   ? 6.434   6.120   -0.606  1.00 14.17  ? 7   GLY A O   1 
ATOM   35  N  N   . ILE A 1 8   ? 7.813   5.048   -2.027  1.00 14.15  ? 8   ILE A N   1 
ATOM   36  C  CA  . ILE A 1 8   ? 7.105   5.486   -3.224  1.00 13.26  ? 8   ILE A CA  1 
ATOM   37  C  C   . ILE A 1 8   ? 7.084   4.292   -4.164  1.00 13.39  ? 8   ILE A C   1 
ATOM   38  O  O   . ILE A 1 8   ? 7.973   3.432   -4.113  1.00 13.56  ? 8   ILE A O   1 
ATOM   39  C  CB  . ILE A 1 8   ? 7.842   6.702   -3.883  1.00 12.92  ? 8   ILE A CB  1 
ATOM   40  C  CG1 . ILE A 1 8   ? 6.975   7.373   -4.974  1.00 12.03  ? 8   ILE A CG1 1 
ATOM   41  C  CG2 . ILE A 1 8   ? 9.240   6.304   -4.410  1.00 13.12  ? 8   ILE A CG2 1 
ATOM   42  C  CD1 . ILE A 1 8   ? 7.442   8.804   -5.335  1.00 13.69  ? 8   ILE A CD1 1 
ATOM   43  N  N   . ASP A 1 9   ? 6.089   4.242   -5.041  1.00 13.00  ? 9   ASP A N   1 
ATOM   44  C  CA  . ASP A 1 9   ? 6.018   3.185   -6.028  1.00 13.04  ? 9   ASP A CA  1 
ATOM   45  C  C   . ASP A 1 9   ? 5.273   3.664   -7.259  1.00 13.33  ? 9   ASP A C   1 
ATOM   46  O  O   . ASP A 1 9   ? 4.274   4.371   -7.126  1.00 12.95  ? 9   ASP A O   1 
ATOM   47  C  CB  . ASP A 1 9   ? 5.255   1.966   -5.453  1.00 14.14  ? 9   ASP A CB  1 
ATOM   48  C  CG  . ASP A 1 9   ? 5.522   0.704   -6.259  1.00 14.98  ? 9   ASP A CG  1 
ATOM   49  O  OD1 . ASP A 1 9   ? 6.683   0.482   -6.673  1.00 16.42  ? 9   ASP A OD1 1 
ATOM   50  O  OD2 . ASP A 1 9   ? 4.590   -0.074  -6.479  1.00 14.52  ? 9   ASP A OD2 1 
ATOM   51  N  N   . LEU A 1 10  ? 5.791   3.316   -8.440  1.00 13.53  ? 10  LEU A N   1 
ATOM   52  C  CA  . LEU A 1 10  ? 5.083   3.445   -9.706  1.00 13.98  ? 10  LEU A CA  1 
ATOM   53  C  C   . LEU A 1 10  ? 4.650   2.068   -10.223 1.00 14.43  ? 10  LEU A C   1 
ATOM   54  O  O   . LEU A 1 10  ? 5.440   1.121   -10.201 1.00 13.43  ? 10  LEU A O   1 
ATOM   55  C  CB  . LEU A 1 10  ? 5.993   4.056   -10.784 1.00 14.72  ? 10  LEU A CB  1 
ATOM   56  C  CG  . LEU A 1 10  ? 6.413   5.524   -10.637 1.00 18.01  ? 10  LEU A CG  1 
ATOM   57  C  CD1 . LEU A 1 10  ? 7.345   5.995   -11.772 1.00 17.40  ? 10  LEU A CD1 1 
ATOM   58  C  CD2 . LEU A 1 10  ? 5.206   6.410   -10.549 1.00 15.89  ? 10  LEU A CD2 1 
ATOM   59  N  N   . VAL A 1 11  ? 3.423   1.999   -10.763 1.00 14.19  ? 11  VAL A N   1 
ATOM   60  C  CA  . VAL A 1 11  ? 2.899   0.751   -11.321 1.00 14.12  ? 11  VAL A CA  1 
ATOM   61  C  C   . VAL A 1 11  ? 2.336   1.037   -12.705 1.00 14.60  ? 11  VAL A C   1 
ATOM   62  O  O   . VAL A 1 11  ? 1.541   1.989   -12.867 1.00 13.65  ? 11  VAL A O   1 
ATOM   63  C  CB  . VAL A 1 11  ? 1.819   0.141   -10.377 1.00 14.24  ? 11  VAL A CB  1 
ATOM   64  C  CG1 . VAL A 1 11  ? 1.161   -1.109  -11.023 1.00 15.31  ? 11  VAL A CG1 1 
ATOM   65  C  CG2 . VAL A 1 11  ? 2.446   -0.233  -9.018  1.00 13.47  ? 11  VAL A CG2 1 
ATOM   66  N  N   . SER A 1 12  ? 2.780   0.272   -13.714 1.00 14.67  ? 12  SER A N   1 
ATOM   67  C  CA  . SER A 1 12  ? 2.138   0.318   -15.031 1.00 16.61  ? 12  SER A CA  1 
ATOM   68  C  C   . SER A 1 12  ? 0.786   -0.382  -14.949 1.00 16.69  ? 12  SER A C   1 
ATOM   69  O  O   . SER A 1 12  ? 0.714   -1.591  -14.660 1.00 17.95  ? 12  SER A O   1 
ATOM   70  C  CB  . SER A 1 12  ? 2.988   -0.372  -16.095 1.00 17.36  ? 12  SER A CB  1 
ATOM   71  O  OG  . SER A 1 12  ? 2.252   -0.524  -17.302 1.00 17.74  ? 12  SER A OG  1 
ATOM   72  N  N   . ILE A 1 13  ? -0.273  0.379   -15.188 1.00 16.21  ? 13  ILE A N   1 
ATOM   73  C  CA  . ILE A 1 13  ? -1.633  -0.145  -15.106 1.00 16.74  ? 13  ILE A CA  1 
ATOM   74  C  C   . ILE A 1 13  ? -1.901  -1.269  -16.137 1.00 16.69  ? 13  ILE A C   1 
ATOM   75  O  O   . ILE A 1 13  ? -2.383  -2.321  -15.745 1.00 17.08  ? 13  ILE A O   1 
ATOM   76  C  CB  . ILE A 1 13  ? -2.696  1.003   -15.161 1.00 16.53  ? 13  ILE A CB  1 
ATOM   77  C  CG1 . ILE A 1 13  ? -2.533  1.912   -13.932 1.00 15.73  ? 13  ILE A CG1 1 
ATOM   78  C  CG2 . ILE A 1 13  ? -4.143  0.443   -15.198 1.00 17.51  ? 13  ILE A CG2 1 
ATOM   79  C  CD1 . ILE A 1 13  ? -3.366  3.162   -13.983 1.00 14.12  ? 13  ILE A CD1 1 
ATOM   80  N  N   . PRO A 1 14  ? -1.589  -1.051  -17.434 1.00 18.12  ? 14  PRO A N   1 
ATOM   81  C  CA  . PRO A 1 14  ? -1.900  -2.157  -18.376 1.00 18.99  ? 14  PRO A CA  1 
ATOM   82  C  C   . PRO A 1 14  ? -1.071  -3.410  -18.062 1.00 18.33  ? 14  PRO A C   1 
ATOM   83  O  O   . PRO A 1 14  ? -1.574  -4.540  -18.117 1.00 18.03  ? 14  PRO A O   1 
ATOM   84  C  CB  . PRO A 1 14  ? -1.581  -1.578  -19.776 1.00 18.79  ? 14  PRO A CB  1 
ATOM   85  C  CG  . PRO A 1 14  ? -1.220  -0.138  -19.560 1.00 20.77  ? 14  PRO A CG  1 
ATOM   86  C  CD  . PRO A 1 14  ? -0.942  0.093   -18.099 1.00 18.70  ? 14  PRO A CD  1 
ATOM   87  N  N   . ASP A 1 15  ? 0.192   -3.229  -17.701 1.00 18.62  ? 15  ASP A N   1 
ATOM   88  C  CA  . ASP A 1 15  ? 1.007   -4.395  -17.343 1.00 19.54  ? 15  ASP A CA  1 
ATOM   89  C  C   . ASP A 1 15  ? 0.538   -5.076  -16.076 1.00 19.65  ? 15  ASP A C   1 
ATOM   90  O  O   . ASP A 1 15  ? 0.548   -6.307  -16.000 1.00 18.99  ? 15  ASP A O   1 
ATOM   91  C  CB  . ASP A 1 15  ? 2.479   -4.022  -17.302 1.00 19.37  ? 15  ASP A CB  1 
ATOM   92  C  CG  . ASP A 1 15  ? 2.937   -3.524  -18.665 1.00 24.12  ? 15  ASP A CG  1 
ATOM   93  O  OD1 . ASP A 1 15  ? 3.069   -4.338  -19.603 1.00 27.71  ? 15  ASP A OD1 1 
ATOM   94  O  OD2 . ASP A 1 15  ? 3.029   -2.317  -18.850 1.00 30.86  ? 15  ASP A OD2 1 
ATOM   95  N  N   . PHE A 1 16  ? 0.103   -4.278  -15.103 1.00 19.27  ? 16  PHE A N   1 
ATOM   96  C  CA  . PHE A 1 16  ? -0.514  -4.834  -13.893 1.00 20.27  ? 16  PHE A CA  1 
ATOM   97  C  C   . PHE A 1 16  ? -1.809  -5.611  -14.202 1.00 20.29  ? 16  PHE A C   1 
ATOM   98  O  O   . PHE A 1 16  ? -2.034  -6.694  -13.635 1.00 20.08  ? 16  PHE A O   1 
ATOM   99  C  CB  . PHE A 1 16  ? -0.813  -3.747  -12.869 1.00 21.34  ? 16  PHE A CB  1 
ATOM   100 C  CG  . PHE A 1 16  ? -1.235  -4.298  -11.550 1.00 22.60  ? 16  PHE A CG  1 
ATOM   101 C  CD1 . PHE A 1 16  ? -0.282  -4.751  -10.653 1.00 25.48  ? 16  PHE A CD1 1 
ATOM   102 C  CD2 . PHE A 1 16  ? -2.585  -4.434  -11.246 1.00 24.91  ? 16  PHE A CD2 1 
ATOM   103 C  CE1 . PHE A 1 16  ? -0.675  -5.292  -9.430  1.00 27.26  ? 16  PHE A CE1 1 
ATOM   104 C  CE2 . PHE A 1 16  ? -2.993  -4.973  -10.034 1.00 26.81  ? 16  PHE A CE2 1 
ATOM   105 C  CZ  . PHE A 1 16  ? -2.019  -5.403  -9.125  1.00 25.63  ? 16  PHE A CZ  1 
ATOM   106 N  N   . ALA A 1 17  ? -2.648  -5.049  -15.083 1.00 19.99  ? 17  ALA A N   1 
ATOM   107 C  CA  . ALA A 1 17  ? -3.883  -5.695  -15.495 1.00 20.19  ? 17  ALA A CA  1 
ATOM   108 C  C   . ALA A 1 17  ? -3.588  -7.092  -16.076 1.00 19.60  ? 17  ALA A C   1 
ATOM   109 O  O   . ALA A 1 17  ? -4.226  -8.094  -15.688 1.00 18.42  ? 17  ALA A O   1 
ATOM   110 C  CB  . ALA A 1 17  ? -4.643  -4.816  -16.507 1.00 20.01  ? 17  ALA A CB  1 
ATOM   111 N  N   . GLU A 1 18  ? -2.574  -7.170  -16.932 1.00 19.70  ? 18  GLU A N   1 
ATOM   112 C  CA  . GLU A 1 18  ? -2.213  -8.458  -17.533 1.00 20.26  ? 18  GLU A CA  1 
ATOM   113 C  C   . GLU A 1 18  ? -1.658  -9.435  -16.488 1.00 21.62  ? 18  GLU A C   1 
ATOM   114 O  O   . GLU A 1 18  ? -1.961  -10.657 -16.505 1.00 20.58  ? 18  GLU A O   1 
ATOM   115 C  CB  . GLU A 1 18  ? -1.244  -8.262  -18.692 1.00 20.46  ? 18  GLU A CB  1 
ATOM   116 C  CG  . GLU A 1 18  ? -0.907  -9.581  -19.409 1.00 18.35  ? 18  GLU A CG  1 
ATOM   117 C  CD  . GLU A 1 18  ? -0.120  -9.373  -20.657 1.00 21.51  ? 18  GLU A CD  1 
ATOM   118 O  OE1 . GLU A 1 18  ? 0.049   -10.366 -21.383 1.00 23.26  ? 18  GLU A OE1 1 
ATOM   119 O  OE2 . GLU A 1 18  ? 0.338   -8.236  -20.923 1.00 19.73  ? 18  GLU A OE2 1 
ATOM   120 N  N   . GLN A 1 19  ? -0.849  -8.931  -15.592 1.00 22.91  ? 19  GLN A N   1 
ATOM   121 C  CA  . GLN A 1 19  ? -0.281  -9.750  -14.536 1.00 25.67  ? 19  GLN A CA  1 
ATOM   122 C  C   . GLN A 1 19  ? -1.286  -10.361 -13.543 1.00 26.75  ? 19  GLN A C   1 
ATOM   123 O  O   . GLN A 1 19  ? -1.116  -11.476 -13.145 1.00 26.17  ? 19  GLN A O   1 
ATOM   124 C  CB  . GLN A 1 19  ? 0.765   -9.000  -13.738 1.00 26.71  ? 19  GLN A CB  1 
ATOM   125 C  CG  . GLN A 1 19  ? 2.100   -8.802  -14.403 1.00 32.68  ? 19  GLN A CG  1 
ATOM   126 C  CD  . GLN A 1 19  ? 2.898   -10.090 -14.546 1.00 39.66  ? 19  GLN A CD  1 
ATOM   127 O  OE1 . GLN A 1 19  ? 3.543   -10.551 -13.614 1.00 44.74  ? 19  GLN A OE1 1 
ATOM   128 N  NE2 . GLN A 1 19  ? 2.868   -10.658 -15.730 1.00 42.16  ? 19  GLN A NE2 1 
ATOM   129 N  N   . VAL A 1 20  ? -2.307  -9.610  -13.152 1.00 27.39  ? 20  VAL A N   1 
ATOM   130 C  CA  . VAL A 1 20  ? -3.339  -10.111 -12.265 1.00 30.57  ? 20  VAL A CA  1 
ATOM   131 C  C   . VAL A 1 20  ? -4.388  -10.952 -12.955 1.00 32.08  ? 20  VAL A C   1 
ATOM   132 O  O   . VAL A 1 20  ? -5.154  -11.595 -12.293 1.00 32.96  ? 20  VAL A O   1 
ATOM   133 C  CB  . VAL A 1 20  ? -4.077  -9.020  -11.454 1.00 30.63  ? 20  VAL A CB  1 
ATOM   134 C  CG1 . VAL A 1 20  ? -3.173  -8.237  -10.664 1.00 33.11  ? 20  VAL A CG1 1 
ATOM   135 C  CG2 . VAL A 1 20  ? -4.891  -8.189  -12.309 1.00 31.03  ? 20  VAL A CG2 1 
ATOM   136 N  N   . ASP A 1 21  ? -4.454  -10.839 -14.276 1.00 33.37  ? 21  ASP A N   1 
ATOM   137 C  CA  . ASP A 1 21  ? -4.959  -11.818 -15.249 1.00 35.90  ? 21  ASP A CA  1 
ATOM   138 C  C   . ASP A 1 21  ? -6.100  -11.604 -16.271 1.00 35.86  ? 21  ASP A C   1 
ATOM   139 O  O   . ASP A 1 21  ? -6.240  -12.326 -17.287 1.00 36.70  ? 21  ASP A O   1 
ATOM   140 C  CB  . ASP A 1 21  ? -5.002  -13.182 -14.644 1.00 36.32  ? 21  ASP A CB  1 
ATOM   141 C  CG  . ASP A 1 21  ? -3.844  -13.974 -15.077 1.00 39.87  ? 21  ASP A CG  1 
ATOM   142 O  OD1 . ASP A 1 21  ? -3.895  -14.374 -16.235 1.00 43.79  ? 21  ASP A OD1 1 
ATOM   143 O  OD2 . ASP A 1 21  ? -2.873  -14.159 -14.344 1.00 42.72  ? 21  ASP A OD2 1 
ATOM   144 N  N   . THR A 1 30  ? -3.802  -11.306 -2.694  1.00 31.82  ? 30  THR A N   1 
ATOM   145 C  CA  . THR A 1 30  ? -2.987  -10.216 -2.114  1.00 31.02  ? 30  THR A CA  1 
ATOM   146 C  C   . THR A 1 30  ? -3.861  -8.989  -1.820  1.00 29.83  ? 30  THR A C   1 
ATOM   147 O  O   . THR A 1 30  ? -3.402  -8.030  -1.204  1.00 29.46  ? 30  THR A O   1 
ATOM   148 C  CB  . THR A 1 30  ? -1.834  -9.773  -3.054  1.00 31.36  ? 30  THR A CB  1 
ATOM   149 O  OG1 . THR A 1 30  ? -2.386  -9.218  -4.248  1.00 35.13  ? 30  THR A OG1 1 
ATOM   150 C  CG2 . THR A 1 30  ? -0.946  -10.918 -3.433  1.00 30.83  ? 30  THR A CG2 1 
ATOM   151 N  N   . PHE A 1 31  ? -5.105  -9.030  -2.304  1.00 28.47  ? 31  PHE A N   1 
ATOM   152 C  CA  . PHE A 1 31  ? -6.096  -7.983  -2.063  1.00 27.71  ? 31  PHE A CA  1 
ATOM   153 C  C   . PHE A 1 31  ? -7.209  -8.510  -1.174  1.00 27.27  ? 31  PHE A C   1 
ATOM   154 O  O   . PHE A 1 31  ? -7.619  -9.665  -1.309  1.00 26.25  ? 31  PHE A O   1 
ATOM   155 C  CB  . PHE A 1 31  ? -6.693  -7.487  -3.378  1.00 27.21  ? 31  PHE A CB  1 
ATOM   156 C  CG  . PHE A 1 31  ? -5.684  -6.835  -4.297  1.00 26.76  ? 31  PHE A CG  1 
ATOM   157 C  CD1 . PHE A 1 31  ? -5.303  -5.498  -4.113  1.00 26.07  ? 31  PHE A CD1 1 
ATOM   158 C  CD2 . PHE A 1 31  ? -5.111  -7.566  -5.334  1.00 26.43  ? 31  PHE A CD2 1 
ATOM   159 C  CE1 . PHE A 1 31  ? -4.363  -4.892  -4.980  1.00 26.07  ? 31  PHE A CE1 1 
ATOM   160 C  CE2 . PHE A 1 31  ? -4.164  -6.996  -6.199  1.00 26.86  ? 31  PHE A CE2 1 
ATOM   161 C  CZ  . PHE A 1 31  ? -3.795  -5.639  -6.028  1.00 26.78  ? 31  PHE A CZ  1 
ATOM   162 N  N   . THR A 1 32  ? -7.696  -7.658  -0.281  1.00 27.18  ? 32  THR A N   1 
ATOM   163 C  CA  . THR A 1 32  ? -8.825  -8.011  0.570   1.00 27.49  ? 32  THR A CA  1 
ATOM   164 C  C   . THR A 1 32  ? -10.165 -7.887  -0.189  1.00 28.04  ? 32  THR A C   1 
ATOM   165 O  O   . THR A 1 32  ? -10.221 -7.244  -1.245  1.00 26.53  ? 32  THR A O   1 
ATOM   166 C  CB  . THR A 1 32  ? -8.865  -7.151  1.821   1.00 27.48  ? 32  THR A CB  1 
ATOM   167 O  OG1 . THR A 1 32  ? -9.293  -5.833  1.475   1.00 28.20  ? 32  THR A OG1 1 
ATOM   168 C  CG2 . THR A 1 32  ? -7.501  -7.110  2.541   1.00 27.36  ? 32  THR A CG2 1 
ATOM   169 N  N   . PRO A 1 33  ? -11.263 -8.498  0.356   1.00 28.33  ? 33  PRO A N   1 
ATOM   170 C  CA  . PRO A 1 33  ? -12.588 -8.340  -0.263  1.00 28.06  ? 33  PRO A CA  1 
ATOM   171 C  C   . PRO A 1 33  ? -12.952 -6.892  -0.389  1.00 28.06  ? 33  PRO A C   1 
ATOM   172 O  O   . PRO A 1 33  ? -13.476 -6.478  -1.422  1.00 28.85  ? 33  PRO A O   1 
ATOM   173 C  CB  . PRO A 1 33  ? -13.561 -9.044  0.714   1.00 28.16  ? 33  PRO A CB  1 
ATOM   174 C  CG  . PRO A 1 33  ? -12.711 -9.887  1.608   1.00 28.77  ? 33  PRO A CG  1 
ATOM   175 C  CD  . PRO A 1 33  ? -11.281 -9.392  1.534   1.00 28.63  ? 33  PRO A CD  1 
ATOM   176 N  N   . GLY A 1 34  ? -12.654 -6.117  0.651   1.00 27.51  ? 34  GLY A N   1 
ATOM   177 C  CA  . GLY A 1 34  ? -12.892 -4.696  0.645   1.00 27.91  ? 34  GLY A CA  1 
ATOM   178 C  C   . GLY A 1 34  ? -12.190 -4.011  -0.514  1.00 27.25  ? 34  GLY A C   1 
ATOM   179 O  O   . GLY A 1 34  ? -12.817 -3.267  -1.251  1.00 26.23  ? 34  GLY A O   1 
ATOM   180 N  N   . GLU A 1 35  ? -10.886 -4.271  -0.678  1.00 27.05  ? 35  GLU A N   1 
ATOM   181 C  CA  . GLU A 1 35  ? -10.136 -3.753  -1.848  1.00 26.51  ? 35  GLU A CA  1 
ATOM   182 C  C   . GLU A 1 35  ? -10.713 -4.172  -3.212  1.00 27.20  ? 35  GLU A C   1 
ATOM   183 O  O   . GLU A 1 35  ? -10.878 -3.347  -4.128  1.00 26.93  ? 35  GLU A O   1 
ATOM   184 C  CB  . GLU A 1 35  ? -8.650  -4.150  -1.767  1.00 26.16  ? 35  GLU A CB  1 
ATOM   185 C  CG  . GLU A 1 35  ? -7.950  -3.522  -0.581  1.00 25.30  ? 35  GLU A CG  1 
ATOM   186 C  CD  . GLU A 1 35  ? -6.507  -3.945  -0.426  1.00 25.79  ? 35  GLU A CD  1 
ATOM   187 O  OE1 . GLU A 1 35  ? -6.176  -5.145  -0.618  1.00 23.18  ? 35  GLU A OE1 1 
ATOM   188 O  OE2 . GLU A 1 35  ? -5.707  -3.072  -0.059  1.00 22.89  ? 35  GLU A OE2 1 
ATOM   189 N  N   . ARG A 1 36  ? -10.981 -5.459  -3.362  1.00 28.12  ? 36  ARG A N   1 
ATOM   190 C  CA  . ARG A 1 36  ? -11.560 -5.978  -4.598  1.00 30.02  ? 36  ARG A CA  1 
ATOM   191 C  C   . ARG A 1 36  ? -12.949 -5.370  -4.893  1.00 30.27  ? 36  ARG A C   1 
ATOM   192 O  O   . ARG A 1 36  ? -13.229 -4.991  -6.034  1.00 29.91  ? 36  ARG A O   1 
ATOM   193 C  CB  . ARG A 1 36  ? -11.563 -7.506  -4.580  1.00 30.77  ? 36  ARG A CB  1 
ATOM   194 C  CG  . ARG A 1 36  ? -10.210 -8.113  -4.984  1.00 32.99  ? 36  ARG A CG  1 
ATOM   195 C  CD  . ARG A 1 36  ? -9.970  -9.476  -4.334  1.00 38.91  ? 36  ARG A CD  1 
ATOM   196 N  NE  . ARG A 1 36  ? -11.237 -10.178 -4.132  1.00 41.61  ? 36  ARG A NE  1 
ATOM   197 C  CZ  . ARG A 1 36  ? -11.531 -10.946 -3.081  1.00 42.53  ? 36  ARG A CZ  1 
ATOM   198 N  NH1 . ARG A 1 36  ? -10.644 -11.147 -2.091  1.00 39.99  ? 36  ARG A NH1 1 
ATOM   199 N  NH2 . ARG A 1 36  ? -12.737 -11.503 -3.024  1.00 39.97  ? 36  ARG A NH2 1 
ATOM   200 N  N   . ARG A 1 37  ? -13.784 -5.255  -3.857  1.00 30.53  ? 37  ARG A N   1 
ATOM   201 C  CA  . ARG A 1 37  ? -15.043 -4.515  -3.917  1.00 31.69  ? 37  ARG A CA  1 
ATOM   202 C  C   . ARG A 1 37  ? -14.866 -3.045  -4.353  1.00 30.68  ? 37  ARG A C   1 
ATOM   203 O  O   . ARG A 1 37  ? -15.536 -2.575  -5.277  1.00 30.55  ? 37  ARG A O   1 
ATOM   204 C  CB  . ARG A 1 37  ? -15.779 -4.584  -2.561  1.00 31.62  ? 37  ARG A CB  1 
ATOM   205 C  CG  . ARG A 1 37  ? -16.975 -3.603  -2.429  1.00 34.37  ? 37  ARG A CG  1 
ATOM   206 C  CD  . ARG A 1 37  ? -17.972 -4.017  -1.319  1.00 34.28  ? 37  ARG A CD  1 
ATOM   207 N  NE  . ARG A 1 37  ? -17.447 -3.689  0.010   1.00 40.94  ? 37  ARG A NE  1 
ATOM   208 C  CZ  . ARG A 1 37  ? -16.886 -4.557  0.855   1.00 42.47  ? 37  ARG A CZ  1 
ATOM   209 N  NH1 . ARG A 1 37  ? -16.764 -5.847  0.539   1.00 44.01  ? 37  ARG A NH1 1 
ATOM   210 N  NH2 . ARG A 1 37  ? -16.444 -4.129  2.031   1.00 42.97  ? 37  ARG A NH2 1 
ATOM   211 N  N   . ASP A 1 38  ? -13.970 -2.326  -3.681  1.00 29.78  ? 38  ASP A N   1 
ATOM   212 C  CA  . ASP A 1 38  ? -13.705 -0.917  -3.989  1.00 30.47  ? 38  ASP A CA  1 
ATOM   213 C  C   . ASP A 1 38  ? -13.264 -0.733  -5.438  1.00 30.46  ? 38  ASP A C   1 
ATOM   214 O  O   . ASP A 1 38  ? -13.657 0.235   -6.104  1.00 30.36  ? 38  ASP A O   1 
ATOM   215 C  CB  . ASP A 1 38  ? -12.649 -0.340  -3.032  1.00 30.23  ? 38  ASP A CB  1 
ATOM   216 C  CG  . ASP A 1 38  ? -13.199 -0.086  -1.655  1.00 30.91  ? 38  ASP A CG  1 
ATOM   217 O  OD1 . ASP A 1 38  ? -14.447 -0.188  -1.473  1.00 33.87  ? 38  ASP A OD1 1 
ATOM   218 O  OD2 . ASP A 1 38  ? -12.404 0.208   -0.746  1.00 26.45  ? 38  ASP A OD2 1 
ATOM   219 N  N   . ALA A 1 39  ? -12.453 -1.673  -5.906  1.00 31.20  ? 39  ALA A N   1 
ATOM   220 C  CA  . ALA A 1 39  ? -11.915 -1.666  -7.257  1.00 32.72  ? 39  ALA A CA  1 
ATOM   221 C  C   . ALA A 1 39  ? -12.942 -1.956  -8.369  1.00 33.76  ? 39  ALA A C   1 
ATOM   222 O  O   . ALA A 1 39  ? -12.770 -1.491  -9.489  1.00 33.53  ? 39  ALA A O   1 
ATOM   223 C  CB  . ALA A 1 39  ? -10.754 -2.645  -7.362  1.00 32.19  ? 39  ALA A CB  1 
ATOM   224 N  N   . SER A 1 40  ? -13.986 -2.726  -8.082  1.00 35.60  ? 40  SER A N   1 
ATOM   225 C  CA  . SER A 1 40  ? -14.903 -3.127  -9.157  1.00 37.76  ? 40  SER A CA  1 
ATOM   226 C  C   . SER A 1 40  ? -16.231 -2.354  -9.180  1.00 38.35  ? 40  SER A C   1 
ATOM   227 O  O   . SER A 1 40  ? -16.700 -1.898  -8.134  1.00 39.63  ? 40  SER A O   1 
ATOM   228 C  CB  . SER A 1 40  ? -15.090 -4.650  -9.218  1.00 38.04  ? 40  SER A CB  1 
ATOM   229 O  OG  . SER A 1 40  ? -15.379 -5.216  -7.948  1.00 39.61  ? 40  SER A OG  1 
ATOM   230 N  N   . SER A 1 45  ? -12.889 -1.243  -15.370 1.00 34.87  ? 45  SER A N   1 
ATOM   231 C  CA  . SER A 1 45  ? -11.942 -0.254  -14.834 1.00 34.05  ? 45  SER A CA  1 
ATOM   232 C  C   . SER A 1 45  ? -11.223 -0.620  -13.519 1.00 32.75  ? 45  SER A C   1 
ATOM   233 O  O   . SER A 1 45  ? -10.580 0.244   -12.905 1.00 32.65  ? 45  SER A O   1 
ATOM   234 C  CB  . SER A 1 45  ? -12.640 1.109   -14.701 1.00 35.28  ? 45  SER A CB  1 
ATOM   235 O  OG  . SER A 1 45  ? -13.978 0.961   -14.241 1.00 38.28  ? 45  SER A OG  1 
ATOM   236 N  N   . ALA A 1 46  ? -11.305 -1.886  -13.094 1.00 30.11  ? 46  ALA A N   1 
ATOM   237 C  CA  . ALA A 1 46  ? -10.723 -2.304  -11.813 1.00 28.08  ? 46  ALA A CA  1 
ATOM   238 C  C   . ALA A 1 46  ? -9.203  -2.191  -11.762 1.00 26.57  ? 46  ALA A C   1 
ATOM   239 O  O   . ALA A 1 46  ? -8.658  -1.931  -10.707 1.00 25.71  ? 46  ALA A O   1 
ATOM   240 C  CB  . ALA A 1 46  ? -11.134 -3.736  -11.459 1.00 27.75  ? 46  ALA A CB  1 
ATOM   241 N  N   . ALA A 1 47  ? -8.535  -2.409  -12.900 1.00 24.63  ? 47  ALA A N   1 
ATOM   242 C  CA  . ALA A 1 47  ? -7.070  -2.507  -12.957 1.00 22.41  ? 47  ALA A CA  1 
ATOM   243 C  C   . ALA A 1 47  ? -6.417  -1.274  -12.390 1.00 19.99  ? 47  ALA A C   1 
ATOM   244 O  O   . ALA A 1 47  ? -5.491  -1.375  -11.636 1.00 17.76  ? 47  ALA A O   1 
ATOM   245 C  CB  . ALA A 1 47  ? -6.579  -2.721  -14.422 1.00 23.22  ? 47  ALA A CB  1 
ATOM   246 N  N   . ARG A 1 48  ? -6.884  -0.106  -12.819 1.00 18.84  ? 48  ARG A N   1 
ATOM   247 C  CA  . ARG A 1 48  ? -6.481  1.196   -12.276 1.00 18.29  ? 48  ARG A CA  1 
ATOM   248 C  C   . ARG A 1 48  ? -6.421  1.198   -10.724 1.00 16.94  ? 48  ARG A C   1 
ATOM   249 O  O   . ARG A 1 48  ? -5.440  1.623   -10.063 1.00 14.61  ? 48  ARG A O   1 
ATOM   250 C  CB  . ARG A 1 48  ? -7.595  2.152   -12.749 1.00 19.88  ? 48  ARG A CB  1 
ATOM   251 C  CG  . ARG A 1 48  ? -7.583  3.511   -12.218 1.00 19.76  ? 48  ARG A CG  1 
ATOM   252 C  CD  . ARG A 1 48  ? -8.479  4.446   -13.021 1.00 16.97  ? 48  ARG A CD  1 
ATOM   253 N  NE  . ARG A 1 48  ? -8.073  4.489   -14.434 1.00 18.24  ? 48  ARG A NE  1 
ATOM   254 C  CZ  . ARG A 1 48  ? -8.909  4.263   -15.452 1.00 20.46  ? 48  ARG A CZ  1 
ATOM   255 N  NH1 . ARG A 1 48  ? -10.187 4.003   -15.222 1.00 19.16  ? 48  ARG A NH1 1 
ATOM   256 N  NH2 . ARG A 1 48  ? -8.465  4.290   -16.694 1.00 19.79  ? 48  ARG A NH2 1 
ATOM   257 N  N   . HIS A 1 49  ? -7.536  0.765   -10.157 1.00 16.73  ? 49  HIS A N   1 
ATOM   258 C  CA  . HIS A 1 49  ? -7.743  0.816   -8.723  1.00 16.15  ? 49  HIS A CA  1 
ATOM   259 C  C   . HIS A 1 49  ? -6.899  -0.204  -8.001  1.00 15.80  ? 49  HIS A C   1 
ATOM   260 O  O   . HIS A 1 49  ? -6.327  0.096   -6.945  1.00 15.46  ? 49  HIS A O   1 
ATOM   261 C  CB  . HIS A 1 49  ? -9.250  0.699   -8.449  1.00 17.04  ? 49  HIS A CB  1 
ATOM   262 C  CG  . HIS A 1 49  ? -10.007 1.846   -9.047  1.00 18.59  ? 49  HIS A CG  1 
ATOM   263 N  ND1 . HIS A 1 49  ? -10.728 1.732   -10.216 1.00 23.07  ? 49  HIS A ND1 1 
ATOM   264 C  CD2 . HIS A 1 49  ? -10.025 3.154   -8.721  1.00 16.47  ? 49  HIS A CD2 1 
ATOM   265 C  CE1 . HIS A 1 49  ? -11.222 2.912   -10.545 1.00 19.84  ? 49  HIS A CE1 1 
ATOM   266 N  NE2 . HIS A 1 49  ? -10.799 3.797   -9.662  1.00 21.04  ? 49  HIS A NE2 1 
ATOM   267 N  N   . LEU A 1 50  ? -6.833  -1.409  -8.549  1.00 16.03  ? 50  LEU A N   1 
ATOM   268 C  CA  . LEU A 1 50  ? -5.970  -2.451  -7.978  1.00 17.43  ? 50  LEU A CA  1 
ATOM   269 C  C   . LEU A 1 50  ? -4.471  -2.083  -8.065  1.00 16.48  ? 50  LEU A C   1 
ATOM   270 O  O   . LEU A 1 50  ? -3.693  -2.358  -7.147  1.00 17.29  ? 50  LEU A O   1 
ATOM   271 C  CB  . LEU A 1 50  ? -6.219  -3.793  -8.683  1.00 17.58  ? 50  LEU A CB  1 
ATOM   272 C  CG  . LEU A 1 50  ? -7.566  -4.480  -8.321  1.00 18.93  ? 50  LEU A CG  1 
ATOM   273 C  CD1 . LEU A 1 50  ? -7.805  -5.648  -9.265  1.00 24.38  ? 50  LEU A CD1 1 
ATOM   274 C  CD2 . LEU A 1 50  ? -7.588  -4.967  -6.888  1.00 19.87  ? 50  LEU A CD2 1 
ATOM   275 N  N   . ALA A 1 51  ? -4.074  -1.517  -9.204  1.00 16.27  ? 51  ALA A N   1 
ATOM   276 C  CA  . ALA A 1 51  ? -2.695  -1.049  -9.404  1.00 16.54  ? 51  ALA A CA  1 
ATOM   277 C  C   . ALA A 1 51  ? -2.291  -0.008  -8.352  1.00 16.05  ? 51  ALA A C   1 
ATOM   278 O  O   . ALA A 1 51  ? -1.176  -0.056  -7.805  1.00 15.97  ? 51  ALA A O   1 
ATOM   279 C  CB  . ALA A 1 51  ? -2.524  -0.446  -10.834 1.00 15.60  ? 51  ALA A CB  1 
ATOM   280 N  N   . ALA A 1 52  ? -3.179  0.942   -8.067  1.00 14.98  ? 52  ALA A N   1 
ATOM   281 C  CA  . ALA A 1 52  ? -2.840  1.973   -7.042  1.00 15.11  ? 52  ALA A CA  1 
ATOM   282 C  C   . ALA A 1 52  ? -2.777  1.367   -5.631  1.00 14.57  ? 52  ALA A C   1 
ATOM   283 O  O   . ALA A 1 52  ? -2.005  1.810   -4.775  1.00 13.57  ? 52  ALA A O   1 
ATOM   284 C  CB  . ALA A 1 52  ? -3.821  3.184   -7.102  1.00 14.17  ? 52  ALA A CB  1 
ATOM   285 N  N   . ARG A 1 53  ? -3.617  0.365   -5.377  1.00 15.40  ? 53  ARG A N   1 
ATOM   286 C  CA  . ARG A 1 53  ? -3.545  -0.383  -4.119  1.00 15.52  ? 53  ARG A CA  1 
ATOM   287 C  C   . ARG A 1 53  ? -2.273  -1.233  -4.015  1.00 15.55  ? 53  ARG A C   1 
ATOM   288 O  O   . ARG A 1 53  ? -1.659  -1.322  -2.943  1.00 15.86  ? 53  ARG A O   1 
ATOM   289 C  CB  . ARG A 1 53  ? -4.820  -1.231  -3.925  1.00 15.23  ? 53  ARG A CB  1 
ATOM   290 C  CG  . ARG A 1 53  ? -5.983  -0.322  -3.534  1.00 14.53  ? 53  ARG A CG  1 
ATOM   291 C  CD  . ARG A 1 53  ? -7.402  -0.861  -3.911  1.00 18.18  ? 53  ARG A CD  1 
ATOM   292 N  NE  . ARG A 1 53  ? -8.410  0.084   -3.410  1.00 18.61  ? 53  ARG A NE  1 
ATOM   293 C  CZ  . ARG A 1 53  ? -8.690  1.256   -3.969  1.00 18.14  ? 53  ARG A CZ  1 
ATOM   294 N  NH1 . ARG A 1 53  ? -8.106  1.622   -5.121  1.00 17.70  ? 53  ARG A NH1 1 
ATOM   295 N  NH2 . ARG A 1 53  ? -9.569  2.061   -3.387  1.00 17.61  ? 53  ARG A NH2 1 
ATOM   296 N  N   . TRP A 1 54  ? -1.867  -1.844  -5.125  1.00 15.99  ? 54  TRP A N   1 
ATOM   297 C  CA  . TRP A 1 54  ? -0.552  -2.482  -5.178  1.00 17.36  ? 54  TRP A CA  1 
ATOM   298 C  C   . TRP A 1 54  ? 0.587   -1.488  -4.881  1.00 16.14  ? 54  TRP A C   1 
ATOM   299 O  O   . TRP A 1 54  ? 1.479   -1.771  -4.058  1.00 15.51  ? 54  TRP A O   1 
ATOM   300 C  CB  . TRP A 1 54  ? -0.310  -3.174  -6.531  1.00 19.19  ? 54  TRP A CB  1 
ATOM   301 C  CG  . TRP A 1 54  ? 1.010   -3.930  -6.531  1.00 21.37  ? 54  TRP A CG  1 
ATOM   302 C  CD1 . TRP A 1 54  ? 2.192   -3.523  -7.062  1.00 24.21  ? 54  TRP A CD1 1 
ATOM   303 C  CD2 . TRP A 1 54  ? 1.250   -5.213  -5.944  1.00 23.52  ? 54  TRP A CD2 1 
ATOM   304 N  NE1 . TRP A 1 54  ? 3.164   -4.481  -6.855  1.00 25.38  ? 54  TRP A NE1 1 
ATOM   305 C  CE2 . TRP A 1 54  ? 2.609   -5.520  -6.156  1.00 25.36  ? 54  TRP A CE2 1 
ATOM   306 C  CE3 . TRP A 1 54  ? 0.442   -6.130  -5.245  1.00 22.97  ? 54  TRP A CE3 1 
ATOM   307 C  CZ2 . TRP A 1 54  ? 3.187   -6.715  -5.714  1.00 25.33  ? 54  TRP A CZ2 1 
ATOM   308 C  CZ3 . TRP A 1 54  ? 1.033   -7.334  -4.796  1.00 25.37  ? 54  TRP A CZ3 1 
ATOM   309 C  CH2 . TRP A 1 54  ? 2.385   -7.601  -5.042  1.00 24.46  ? 54  TRP A CH2 1 
ATOM   310 N  N   . ALA A 1 55  ? 0.558   -0.330  -5.537  1.00 15.77  ? 55  ALA A N   1 
ATOM   311 C  CA  . ALA A 1 55  ? 1.578   0.719   -5.272  1.00 14.56  ? 55  ALA A CA  1 
ATOM   312 C  C   . ALA A 1 55  ? 1.582   1.114   -3.788  1.00 14.36  ? 55  ALA A C   1 
ATOM   313 O  O   . ALA A 1 55  ? 2.635   1.329   -3.191  1.00 13.66  ? 55  ALA A O   1 
ATOM   314 C  CB  . ALA A 1 55  ? 1.320   1.945   -6.150  1.00 14.97  ? 55  ALA A CB  1 
ATOM   315 N  N   . ALA A 1 56  ? 0.389   1.236   -3.188  1.00 14.32  ? 56  ALA A N   1 
ATOM   316 C  CA  . ALA A 1 56  ? 0.298   1.647   -1.787  1.00 14.52  ? 56  ALA A CA  1 
ATOM   317 C  C   . ALA A 1 56  ? 0.898   0.602   -0.843  1.00 15.17  ? 56  ALA A C   1 
ATOM   318 O  O   . ALA A 1 56  ? 1.629   0.958   0.083   1.00 15.79  ? 56  ALA A O   1 
ATOM   319 C  CB  . ALA A 1 56  ? -1.151  1.967   -1.388  1.00 15.51  ? 56  ALA A CB  1 
ATOM   320 N  N   . LYS A 1 57  ? 0.578   -0.671  -1.058  1.00 15.58  ? 57  LYS A N   1 
ATOM   321 C  CA  . LYS A 1 57  ? 1.193   -1.769  -0.279  1.00 15.96  ? 57  LYS A CA  1 
ATOM   322 C  C   . LYS A 1 57  ? 2.719   -1.770  -0.416  1.00 15.70  ? 57  LYS A C   1 
ATOM   323 O  O   . LYS A 1 57  ? 3.443   -1.832  0.573   1.00 16.49  ? 57  LYS A O   1 
ATOM   324 C  CB  . LYS A 1 57  ? 0.618   -3.115  -0.735  1.00 16.13  ? 57  LYS A CB  1 
ATOM   325 C  CG  . LYS A 1 57  ? -0.918  -3.304  -0.471  1.00 16.17  ? 57  LYS A CG  1 
ATOM   326 C  CD  . LYS A 1 57  ? -1.456  -4.446  -1.403  1.00 17.14  ? 57  LYS A CD  1 
ATOM   327 C  CE  . LYS A 1 57  ? -3.008  -4.621  -1.374  1.00 15.93  ? 57  LYS A CE  1 
ATOM   328 N  NZ  . LYS A 1 57  ? -3.492  -5.271  -0.096  1.00 19.45  ? 57  LYS A NZ  1 
ATOM   329 N  N   . GLU A 1 58  ? 3.202   -1.642  -1.646  1.00 16.10  ? 58  GLU A N   1 
ATOM   330 C  CA  . GLU A 1 58  ? 4.644   -1.538  -1.913  1.00 16.17  ? 58  GLU A CA  1 
ATOM   331 C  C   . GLU A 1 58  ? 5.307   -0.320  -1.256  1.00 16.29  ? 58  GLU A C   1 
ATOM   332 O  O   . GLU A 1 58  ? 6.418   -0.435  -0.743  1.00 15.18  ? 58  GLU A O   1 
ATOM   333 C  CB  . GLU A 1 58  ? 4.926   -1.569  -3.413  1.00 16.61  ? 58  GLU A CB  1 
ATOM   334 C  CG  . GLU A 1 58  ? 4.525   -2.858  -4.116  1.00 16.60  ? 58  GLU A CG  1 
ATOM   335 C  CD  . GLU A 1 58  ? 5.579   -3.974  -3.919  1.00 22.80  ? 58  GLU A CD  1 
ATOM   336 O  OE1 . GLU A 1 58  ? 6.581   -3.999  -4.635  1.00 23.82  ? 58  GLU A OE1 1 
ATOM   337 O  OE2 . GLU A 1 58  ? 5.423   -4.796  -3.024  1.00 21.34  ? 58  GLU A OE2 1 
ATOM   338 N  N   . ALA A 1 59  ? 4.627   0.828   -1.255  1.00 15.76  ? 59  ALA A N   1 
ATOM   339 C  CA  . ALA A 1 59  ? 5.169   2.027   -0.614  1.00 15.23  ? 59  ALA A CA  1 
ATOM   340 C  C   . ALA A 1 59  ? 5.302   1.782   0.877   1.00 14.87  ? 59  ALA A C   1 
ATOM   341 O  O   . ALA A 1 59  ? 6.290   2.163   1.462   1.00 14.27  ? 59  ALA A O   1 
ATOM   342 C  CB  . ALA A 1 59  ? 4.263   3.239   -0.870  1.00 14.39  ? 59  ALA A CB  1 
ATOM   343 N  N   . VAL A 1 60  ? 4.293   1.143   1.477   1.00 14.89  ? 60  VAL A N   1 
ATOM   344 C  CA  . VAL A 1 60  ? 4.311   0.861   2.930   1.00 15.62  ? 60  VAL A CA  1 
ATOM   345 C  C   . VAL A 1 60  ? 5.465   -0.075  3.264   1.00 15.45  ? 60  VAL A C   1 
ATOM   346 O  O   . VAL A 1 60  ? 6.217   0.155   4.228   1.00 17.09  ? 60  VAL A O   1 
ATOM   347 C  CB  . VAL A 1 60  ? 2.963   0.264   3.418   1.00 15.74  ? 60  VAL A CB  1 
ATOM   348 C  CG1 . VAL A 1 60  ? 3.109   -0.272  4.872   1.00 16.82  ? 60  VAL A CG1 1 
ATOM   349 C  CG2 . VAL A 1 60  ? 1.850   1.330   3.354   1.00 15.24  ? 60  VAL A CG2 1 
ATOM   350 N  N   . ILE A 1 61  ? 5.609   -1.129  2.473   1.00 16.50  ? 61  ILE A N   1 
ATOM   351 C  CA  . ILE A 1 61  ? 6.722   -2.074  2.652   1.00 17.35  ? 61  ILE A CA  1 
ATOM   352 C  C   . ILE A 1 61  ? 8.076   -1.345  2.543   1.00 16.38  ? 61  ILE A C   1 
ATOM   353 O  O   . ILE A 1 61  ? 8.959   -1.550  3.343   1.00 17.44  ? 61  ILE A O   1 
ATOM   354 C  CB  . ILE A 1 61  ? 6.624   -3.248  1.635   1.00 16.95  ? 61  ILE A CB  1 
ATOM   355 C  CG1 . ILE A 1 61  ? 5.382   -4.109  1.962   1.00 19.03  ? 61  ILE A CG1 1 
ATOM   356 C  CG2 . ILE A 1 61  ? 7.950   -4.124  1.628   1.00 19.21  ? 61  ILE A CG2 1 
ATOM   357 C  CD1 . ILE A 1 61  ? 4.926   -4.966  0.816   1.00 21.04  ? 61  ILE A CD1 1 
ATOM   358 N  N   . LYS A 1 62  ? 8.218   -0.481  1.540   1.00 16.30  ? 62  LYS A N   1 
ATOM   359 C  CA  . LYS A 1 62  ? 9.484   0.217   1.330   1.00 16.19  ? 62  LYS A CA  1 
ATOM   360 C  C   . LYS A 1 62  ? 9.779   1.132   2.516   1.00 16.49  ? 62  LYS A C   1 
ATOM   361 O  O   . LYS A 1 62  ? 10.912  1.221   2.966   1.00 17.12  ? 62  LYS A O   1 
ATOM   362 C  CB  . LYS A 1 62  ? 9.440   1.024   0.028   1.00 15.26  ? 62  LYS A CB  1 
ATOM   363 C  CG  . LYS A 1 62  ? 9.679   0.185   -1.239  1.00 15.46  ? 62  LYS A CG  1 
ATOM   364 C  CD  . LYS A 1 62  ? 9.788   1.126   -2.475  1.00 13.95  ? 62  LYS A CD  1 
ATOM   365 C  CE  . LYS A 1 62  ? 9.645   0.316   -3.793  1.00 14.10  ? 62  LYS A CE  1 
ATOM   366 N  NZ  . LYS A 1 62  ? 9.551   1.191   -5.006  1.00 11.85  ? 62  LYS A NZ  1 
ATOM   367 N  N   . ALA A 1 63  ? 8.749   1.801   3.018   1.00 17.13  ? 63  ALA A N   1 
ATOM   368 C  CA  . ALA A 1 63  ? 8.911   2.700   4.171   1.00 18.52  ? 63  ALA A CA  1 
ATOM   369 C  C   . ALA A 1 63  ? 9.345   1.921   5.424   1.00 20.36  ? 63  ALA A C   1 
ATOM   370 O  O   . ALA A 1 63  ? 10.214  2.370   6.181   1.00 20.83  ? 63  ALA A O   1 
ATOM   371 C  CB  . ALA A 1 63  ? 7.586   3.414   4.423   1.00 18.17  ? 63  ALA A CB  1 
ATOM   372 N  N   . TRP A 1 64  ? 8.725   0.771   5.654   1.00 22.07  ? 64  TRP A N   1 
ATOM   373 C  CA  . TRP A 1 64  ? 9.067   -0.001  6.853   1.00 24.84  ? 64  TRP A CA  1 
ATOM   374 C  C   . TRP A 1 64  ? 10.433  -0.665  6.710   1.00 25.15  ? 64  TRP A C   1 
ATOM   375 O  O   . TRP A 1 64  ? 11.300  -0.466  7.553   1.00 24.75  ? 64  TRP A O   1 
ATOM   376 C  CB  . TRP A 1 64  ? 8.027   -1.057  7.234   1.00 27.42  ? 64  TRP A CB  1 
ATOM   377 C  CG  . TRP A 1 64  ? 8.462   -1.760  8.561   1.00 32.05  ? 64  TRP A CG  1 
ATOM   378 C  CD1 . TRP A 1 64  ? 8.723   -1.151  9.767   1.00 33.54  ? 64  TRP A CD1 1 
ATOM   379 C  CD2 . TRP A 1 64  ? 8.722   -3.149  8.753   1.00 35.28  ? 64  TRP A CD2 1 
ATOM   380 N  NE1 . TRP A 1 64  ? 9.111   -2.090  10.702  1.00 38.07  ? 64  TRP A NE1 1 
ATOM   381 C  CE2 . TRP A 1 64  ? 9.125   -3.323  10.101  1.00 36.52  ? 64  TRP A CE2 1 
ATOM   382 C  CE3 . TRP A 1 64  ? 8.639   -4.272  7.922   1.00 36.49  ? 64  TRP A CE3 1 
ATOM   383 C  CZ2 . TRP A 1 64  ? 9.439   -4.570  10.635  1.00 35.76  ? 64  TRP A CZ2 1 
ATOM   384 C  CZ3 . TRP A 1 64  ? 8.959   -5.514  8.449   1.00 35.46  ? 64  TRP A CZ3 1 
ATOM   385 C  CH2 . TRP A 1 64  ? 9.355   -5.654  9.798   1.00 36.12  ? 64  TRP A CH2 1 
ATOM   386 N  N   . SER A 1 65  ? 10.603  -1.447  5.644   1.00 25.64  ? 65  SER A N   1 
ATOM   387 C  CA  . SER A 1 65  ? 11.837  -2.194  5.398   1.00 27.42  ? 65  SER A CA  1 
ATOM   388 C  C   . SER A 1 65  ? 13.002  -1.214  5.315   1.00 27.54  ? 65  SER A C   1 
ATOM   389 O  O   . SER A 1 65  ? 14.091  -1.480  5.844   1.00 28.31  ? 65  SER A O   1 
ATOM   390 C  CB  . SER A 1 65  ? 11.714  -3.049  4.114   1.00 27.85  ? 65  SER A CB  1 
ATOM   391 O  OG  . SER A 1 65  ? 12.785  -3.992  3.967   1.00 28.53  ? 65  SER A OG  1 
ATOM   392 N  N   . GLY A 1 66  ? 12.771  -0.078  4.660   1.00 26.93  ? 66  GLY A N   1 
ATOM   393 C  CA  . GLY A 1 66  ? 13.755  0.996   4.603   1.00 27.09  ? 66  GLY A CA  1 
ATOM   394 C  C   . GLY A 1 66  ? 14.290  1.418   5.970   1.00 27.25  ? 66  GLY A C   1 
ATOM   395 O  O   . GLY A 1 66  ? 15.466  1.799   6.084   1.00 28.33  ? 66  GLY A O   1 
ATOM   396 N  N   . SER A 1 67  ? 13.447  1.366   7.005   1.00 26.52  ? 67  SER A N   1 
ATOM   397 C  CA  . SER A 1 67  ? 13.895  1.674   8.379   1.00 26.04  ? 67  SER A CA  1 
ATOM   398 C  C   . SER A 1 67  ? 14.780  0.576   9.025   1.00 26.03  ? 67  SER A C   1 
ATOM   399 O  O   . SER A 1 67  ? 15.269  0.747   10.149  1.00 25.68  ? 67  SER A O   1 
ATOM   400 C  CB  . SER A 1 67  ? 12.707  1.952   9.302   1.00 26.07  ? 67  SER A CB  1 
ATOM   401 O  OG  . SER A 1 67  ? 12.010  0.764   9.668   1.00 25.77  ? 67  SER A OG  1 
ATOM   402 N  N   . ARG A 1 68  ? 14.940  -0.550  8.327   1.00 26.00  ? 68  ARG A N   1 
ATOM   403 C  CA  . ARG A 1 68  ? 15.688  -1.715  8.834   1.00 26.35  ? 68  ARG A CA  1 
ATOM   404 C  C   . ARG A 1 68  ? 16.956  -1.947  8.024   1.00 25.90  ? 68  ARG A C   1 
ATOM   405 O  O   . ARG A 1 68  ? 17.373  -3.091  7.775   1.00 26.44  ? 68  ARG A O   1 
ATOM   406 C  CB  . ARG A 1 68  ? 14.786  -2.951  8.811   1.00 26.40  ? 68  ARG A CB  1 
ATOM   407 C  CG  . ARG A 1 68  ? 13.468  -2.694  9.549   1.00 28.00  ? 68  ARG A CG  1 
ATOM   408 C  CD  . ARG A 1 68  ? 12.741  -3.982  9.930   1.00 32.68  ? 68  ARG A CD  1 
ATOM   409 N  NE  . ARG A 1 68  ? 13.489  -4.750  10.936  1.00 36.88  ? 68  ARG A NE  1 
ATOM   410 C  CZ  . ARG A 1 68  ? 14.158  -5.874  10.686  1.00 38.14  ? 68  ARG A CZ  1 
ATOM   411 N  NH1 . ARG A 1 68  ? 14.180  -6.393  9.458   1.00 37.46  ? 68  ARG A NH1 1 
ATOM   412 N  NH2 . ARG A 1 68  ? 14.802  -6.487  11.674  1.00 38.64  ? 68  ARG A NH2 1 
ATOM   413 N  N   . PHE A 1 69  ? 17.591  -0.848  7.638   1.00 26.25  ? 69  PHE A N   1 
ATOM   414 C  CA  . PHE A 1 69  ? 18.863  -0.900  6.915   1.00 26.67  ? 69  PHE A CA  1 
ATOM   415 C  C   . PHE A 1 69  ? 19.855  -1.828  7.642   1.00 27.51  ? 69  PHE A C   1 
ATOM   416 O  O   . PHE A 1 69  ? 19.999  -1.765  8.863   1.00 27.37  ? 69  PHE A O   1 
ATOM   417 C  CB  . PHE A 1 69  ? 19.440  0.517   6.765   1.00 26.59  ? 69  PHE A CB  1 
ATOM   418 C  CG  . PHE A 1 69  ? 20.578  0.628   5.777   1.00 26.20  ? 69  PHE A CG  1 
ATOM   419 C  CD1 . PHE A 1 69  ? 20.331  0.781   4.421   1.00 24.87  ? 69  PHE A CD1 1 
ATOM   420 C  CD2 . PHE A 1 69  ? 21.901  0.609   6.214   1.00 26.33  ? 69  PHE A CD2 1 
ATOM   421 C  CE1 . PHE A 1 69  ? 21.396  0.909   3.497   1.00 24.15  ? 69  PHE A CE1 1 
ATOM   422 C  CE2 . PHE A 1 69  ? 22.965  0.728   5.307   1.00 26.03  ? 69  PHE A CE2 1 
ATOM   423 C  CZ  . PHE A 1 69  ? 22.709  0.888   3.953   1.00 26.99  ? 69  PHE A CZ  1 
ATOM   424 N  N   . ALA A 1 70  ? 20.482  -2.715  6.874   1.00 28.73  ? 70  ALA A N   1 
ATOM   425 C  CA  . ALA A 1 70  ? 21.503  -3.652  7.354   1.00 29.96  ? 70  ALA A CA  1 
ATOM   426 C  C   . ALA A 1 70  ? 20.961  -4.752  8.280   1.00 30.85  ? 70  ALA A C   1 
ATOM   427 O  O   . ALA A 1 70  ? 21.739  -5.497  8.866   1.00 31.02  ? 70  ALA A O   1 
ATOM   428 C  CB  . ALA A 1 70  ? 22.711  -2.901  7.999   1.00 29.20  ? 70  ALA A CB  1 
ATOM   429 N  N   . GLN A 1 71  ? 19.638  -4.849  8.401   1.00 31.66  ? 71  GLN A N   1 
ATOM   430 C  CA  . GLN A 1 71  ? 18.983  -5.934  9.139   1.00 33.72  ? 71  GLN A CA  1 
ATOM   431 C  C   . GLN A 1 71  ? 18.338  -6.947  8.201   1.00 33.91  ? 71  GLN A C   1 
ATOM   432 O  O   . GLN A 1 71  ? 17.844  -6.599  7.119   1.00 32.65  ? 71  GLN A O   1 
ATOM   433 C  CB  . GLN A 1 71  ? 17.917  -5.407  10.117  1.00 34.07  ? 71  GLN A CB  1 
ATOM   434 C  CG  . GLN A 1 71  ? 18.454  -4.603  11.268  1.00 38.57  ? 71  GLN A CG  1 
ATOM   435 C  CD  . GLN A 1 71  ? 17.372  -4.054  12.149  1.00 44.59  ? 71  GLN A CD  1 
ATOM   436 O  OE1 . GLN A 1 71  ? 16.233  -3.861  11.708  1.00 48.31  ? 71  GLN A OE1 1 
ATOM   437 N  NE2 . GLN A 1 71  ? 17.710  -3.801  13.417  1.00 46.43  ? 71  GLN A NE2 1 
ATOM   438 N  N   . ARG A 1 72  ? 18.339  -8.211  8.618   1.00 34.47  ? 72  ARG A N   1 
ATOM   439 C  CA  . ARG A 1 72  ? 17.629  -9.243  7.891   1.00 35.94  ? 72  ARG A CA  1 
ATOM   440 C  C   . ARG A 1 72  ? 16.129  -8.880  7.846   1.00 36.45  ? 72  ARG A C   1 
ATOM   441 O  O   . ARG A 1 72  ? 15.577  -8.489  8.866   1.00 36.24  ? 72  ARG A O   1 
ATOM   442 C  CB  . ARG A 1 72  ? 17.862  -10.586 8.597   1.00 35.83  ? 72  ARG A CB  1 
ATOM   443 C  CG  . ARG A 1 72  ? 17.672  -11.777 7.736   1.00 36.67  ? 72  ARG A CG  1 
ATOM   444 C  CD  . ARG A 1 72  ? 17.908  -13.031 8.552   1.00 40.13  ? 72  ARG A CD  1 
ATOM   445 N  NE  . ARG A 1 72  ? 17.031  -14.097 8.100   1.00 41.63  ? 72  ARG A NE  1 
ATOM   446 C  CZ  . ARG A 1 72  ? 16.807  -15.228 8.758   1.00 44.14  ? 72  ARG A CZ  1 
ATOM   447 N  NH1 . ARG A 1 72  ? 17.404  -15.467 9.928   1.00 42.91  ? 72  ARG A NH1 1 
ATOM   448 N  NH2 . ARG A 1 72  ? 15.975  -16.124 8.236   1.00 43.88  ? 72  ARG A NH2 1 
ATOM   449 N  N   . PRO A 1 73  ? 15.483  -8.980  6.659   1.00 38.38  ? 73  PRO A N   1 
ATOM   450 C  CA  . PRO A 1 73  ? 14.054  -8.673  6.464   1.00 39.64  ? 73  PRO A CA  1 
ATOM   451 C  C   . PRO A 1 73  ? 13.162  -9.482  7.390   1.00 41.64  ? 73  PRO A C   1 
ATOM   452 O  O   . PRO A 1 73  ? 13.517  -10.602 7.759   1.00 41.82  ? 73  PRO A O   1 
ATOM   453 C  CB  . PRO A 1 73  ? 13.802  -9.108  5.019   1.00 39.49  ? 73  PRO A CB  1 
ATOM   454 C  CG  . PRO A 1 73  ? 15.082  -8.993  4.365   1.00 39.17  ? 73  PRO A CG  1 
ATOM   455 C  CD  . PRO A 1 73  ? 16.090  -9.431  5.396   1.00 37.92  ? 73  PRO A CD  1 
ATOM   456 N  N   . MET A 1 74  ? 12.002  -8.941  7.751   1.00 43.67  ? 74  MET A N   1 
ATOM   457 C  CA  . MET A 1 74  ? 11.220  -9.537  8.843   1.00 46.15  ? 74  MET A CA  1 
ATOM   458 C  C   . MET A 1 74  ? 9.758   -9.817  8.483   1.00 46.02  ? 74  MET A C   1 
ATOM   459 O  O   . MET A 1 74  ? 9.383   -9.833  7.307   1.00 47.28  ? 74  MET A O   1 
ATOM   460 C  CB  . MET A 1 74  ? 11.302  -8.627  10.062  1.00 45.63  ? 74  MET A CB  1 
ATOM   461 C  CG  . MET A 1 74  ? 11.365  -9.327  11.404  1.00 47.67  ? 74  MET A CG  1 
ATOM   462 S  SD  . MET A 1 74  ? 11.969  -8.156  12.645  1.00 49.58  ? 74  MET A SD  1 
ATOM   463 C  CE  . MET A 1 74  ? 10.602  -7.013  12.800  1.00 49.44  ? 74  MET A CE  1 
ATOM   464 N  N   . ILE A 1 79  ? 2.610   -10.919 2.940   1.00 27.07  ? 79  ILE A N   1 
ATOM   465 C  CA  . ILE A 1 79  ? 2.595   -9.588  3.542   1.00 27.69  ? 79  ILE A CA  1 
ATOM   466 C  C   . ILE A 1 79  ? 1.571   -8.647  2.869   1.00 26.15  ? 79  ILE A C   1 
ATOM   467 O  O   . ILE A 1 79  ? 0.956   -7.828  3.544   1.00 26.10  ? 79  ILE A O   1 
ATOM   468 C  CB  . ILE A 1 79  ? 4.026   -8.947  3.589   1.00 28.02  ? 79  ILE A CB  1 
ATOM   469 C  CG1 . ILE A 1 79  ? 4.037   -7.699  4.482   1.00 28.87  ? 79  ILE A CG1 1 
ATOM   470 C  CG2 . ILE A 1 79  ? 4.541   -8.657  2.170   1.00 29.05  ? 79  ILE A CG2 1 
ATOM   471 C  CD1 . ILE A 1 79  ? 5.437   -6.986  4.598   1.00 28.80  ? 79  ILE A CD1 1 
ATOM   472 N  N   . HIS A 1 80  ? 1.370   -8.779  1.554   1.00 26.67  ? 80  HIS A N   1 
ATOM   473 C  CA  . HIS A 1 80  ? 0.532   -7.806  0.813   1.00 26.55  ? 80  HIS A CA  1 
ATOM   474 C  C   . HIS A 1 80  ? -0.914  -7.766  1.273   1.00 27.19  ? 80  HIS A C   1 
ATOM   475 O  O   . HIS A 1 80  ? -1.499  -6.685  1.404   1.00 25.85  ? 80  HIS A O   1 
ATOM   476 C  CB  . HIS A 1 80  ? 0.656   -8.027  -0.690  1.00 27.50  ? 80  HIS A CB  1 
ATOM   477 C  CG  . HIS A 1 80  ? 2.021   -7.711  -1.213  1.00 29.18  ? 80  HIS A CG  1 
ATOM   478 N  ND1 . HIS A 1 80  ? 2.392   -6.436  -1.589  1.00 29.77  ? 80  HIS A ND1 1 
ATOM   479 C  CD2 . HIS A 1 80  ? 3.126   -8.485  -1.364  1.00 28.39  ? 80  HIS A CD2 1 
ATOM   480 C  CE1 . HIS A 1 80  ? 3.647   -6.446  -1.997  1.00 26.45  ? 80  HIS A CE1 1 
ATOM   481 N  NE2 . HIS A 1 80  ? 4.124   -7.669  -1.846  1.00 30.42  ? 80  HIS A NE2 1 
ATOM   482 N  N   . ARG A 1 81  ? -1.480  -8.935  1.589   1.00 28.15  ? 81  ARG A N   1 
ATOM   483 C  CA  . ARG A 1 81  ? -2.877  -8.984  2.075   1.00 29.52  ? 81  ARG A CA  1 
ATOM   484 C  C   . ARG A 1 81  ? -3.078  -8.280  3.418   1.00 28.55  ? 81  ARG A C   1 
ATOM   485 O  O   . ARG A 1 81  ? -4.159  -7.732  3.692   1.00 29.25  ? 81  ARG A O   1 
ATOM   486 C  CB  . ARG A 1 81  ? -3.418  -10.433 2.158   1.00 29.45  ? 81  ARG A CB  1 
ATOM   487 C  CG  . ARG A 1 81  ? -4.948  -10.439 2.149   1.00 31.84  ? 81  ARG A CG  1 
ATOM   488 C  CD  . ARG A 1 81  ? -5.527  -11.831 2.381   1.00 32.15  ? 81  ARG A CD  1 
ATOM   489 N  NE  . ARG A 1 81  ? -6.999  -11.817 2.379   1.00 35.06  ? 81  ARG A NE  1 
ATOM   490 C  CZ  . ARG A 1 81  ? -7.772  -12.115 1.334   1.00 33.89  ? 81  ARG A CZ  1 
ATOM   491 N  NH1 . ARG A 1 81  ? -7.246  -12.442 0.167   1.00 34.01  ? 81  ARG A NH1 1 
ATOM   492 N  NH2 . ARG A 1 81  ? -9.087  -12.092 1.469   1.00 35.53  ? 81  ARG A NH2 1 
ATOM   493 N  N   . ASP A 1 82  ? -2.027  -8.260  4.228   1.00 27.65  ? 82  ASP A N   1 
ATOM   494 C  CA  . ASP A 1 82  ? -2.070  -7.680  5.558   1.00 26.36  ? 82  ASP A CA  1 
ATOM   495 C  C   . ASP A 1 82  ? -1.915  -6.164  5.598   1.00 25.87  ? 82  ASP A C   1 
ATOM   496 O  O   . ASP A 1 82  ? -1.991  -5.550  6.670   1.00 25.67  ? 82  ASP A O   1 
ATOM   497 C  CB  . ASP A 1 82  ? -0.987  -8.324  6.407   1.00 28.15  ? 82  ASP A CB  1 
ATOM   498 C  CG  . ASP A 1 82  ? -1.311  -9.775  6.777   1.00 28.59  ? 82  ASP A CG  1 
ATOM   499 O  OD1 . ASP A 1 82  ? -2.471  -10.049 7.149   1.00 30.60  ? 82  ASP A OD1 1 
ATOM   500 O  OD2 . ASP A 1 82  ? -0.384  -10.608 6.724   1.00 32.31  ? 82  ASP A OD2 1 
ATOM   501 N  N   . ILE A 1 83  ? -1.682  -5.568  4.430   1.00 23.32  ? 83  ILE A N   1 
ATOM   502 C  CA  . ILE A 1 83  ? -1.594  -4.126  4.302   1.00 23.19  ? 83  ILE A CA  1 
ATOM   503 C  C   . ILE A 1 83  ? -2.824  -3.723  3.515   1.00 22.31  ? 83  ILE A C   1 
ATOM   504 O  O   . ILE A 1 83  ? -2.828  -3.764  2.278   1.00 22.83  ? 83  ILE A O   1 
ATOM   505 C  CB  . ILE A 1 83  ? -0.321  -3.711  3.487   1.00 22.76  ? 83  ILE A CB  1 
ATOM   506 C  CG1 . ILE A 1 83  ? 0.931   -4.432  3.990   1.00 24.36  ? 83  ILE A CG1 1 
ATOM   507 C  CG2 . ILE A 1 83  ? -0.195  -2.190  3.399   1.00 22.52  ? 83  ILE A CG2 1 
ATOM   508 C  CD1 . ILE A 1 83  ? 1.555   -3.904  5.188   1.00 32.05  ? 83  ILE A CD1 1 
ATOM   509 N  N   . GLU A 1 84  ? -3.885  -3.352  4.215   1.00 21.48  ? 84  GLU A N   1 
ATOM   510 C  CA  . GLU A 1 84  ? -5.143  -3.162  3.508   1.00 20.96  ? 84  GLU A CA  1 
ATOM   511 C  C   . GLU A 1 84  ? -5.418  -1.695  3.313   1.00 19.00  ? 84  GLU A C   1 
ATOM   512 O  O   . GLU A 1 84  ? -5.345  -0.913  4.249   1.00 18.99  ? 84  GLU A O   1 
ATOM   513 C  CB  . GLU A 1 84  ? -6.315  -3.811  4.266   1.00 21.46  ? 84  GLU A CB  1 
ATOM   514 C  CG  . GLU A 1 84  ? -7.629  -3.654  3.467   1.00 20.95  ? 84  GLU A CG  1 
ATOM   515 C  CD  . GLU A 1 84  ? -8.864  -4.151  4.204   1.00 22.34  ? 84  GLU A CD  1 
ATOM   516 O  OE1 . GLU A 1 84  ? -8.831  -4.242  5.451   1.00 21.85  ? 84  GLU A OE1 1 
ATOM   517 O  OE2 . GLU A 1 84  ? -9.871  -4.394  3.509   1.00 22.42  ? 84  GLU A OE2 1 
ATOM   518 N  N   . VAL A 1 85  ? -5.724  -1.315  2.079   1.00 18.49  ? 85  VAL A N   1 
ATOM   519 C  CA  . VAL A 1 85  ? -6.177  0.056   1.822   1.00 17.85  ? 85  VAL A CA  1 
ATOM   520 C  C   . VAL A 1 85  ? -7.683  0.024   2.041   1.00 18.78  ? 85  VAL A C   1 
ATOM   521 O  O   . VAL A 1 85  ? -8.413  -0.609  1.280   1.00 18.09  ? 85  VAL A O   1 
ATOM   522 C  CB  . VAL A 1 85  ? -5.850  0.533   0.386   1.00 18.27  ? 85  VAL A CB  1 
ATOM   523 C  CG1 . VAL A 1 85  ? -6.414  1.930   0.142   1.00 18.02  ? 85  VAL A CG1 1 
ATOM   524 C  CG2 . VAL A 1 85  ? -4.297  0.525   0.160   1.00 15.03  ? 85  VAL A CG2 1 
ATOM   525 N  N   . VAL A 1 86  ? -8.121  0.706   3.088   1.00 19.25  ? 86  VAL A N   1 
ATOM   526 C  CA  . VAL A 1 86  ? -9.543  0.825   3.372   1.00 20.82  ? 86  VAL A CA  1 
ATOM   527 C  C   . VAL A 1 86  ? -9.969  2.154   2.789   1.00 21.24  ? 86  VAL A C   1 
ATOM   528 O  O   . VAL A 1 86  ? -9.220  3.110   2.878   1.00 20.69  ? 86  VAL A O   1 
ATOM   529 C  CB  . VAL A 1 86  ? -9.799  0.799   4.897   1.00 20.49  ? 86  VAL A CB  1 
ATOM   530 C  CG1 . VAL A 1 86  ? -11.308 0.930   5.193   1.00 24.42  ? 86  VAL A CG1 1 
ATOM   531 C  CG2 . VAL A 1 86  ? -9.244  -0.493  5.488   1.00 20.41  ? 86  VAL A CG2 1 
ATOM   532 N  N   . THR A 1 87  ? -11.156 2.228   2.188   1.00 22.30  ? 87  THR A N   1 
ATOM   533 C  CA  . THR A 1 87  ? -11.689 3.543   1.788   1.00 23.96  ? 87  THR A CA  1 
ATOM   534 C  C   . THR A 1 87  ? -12.955 3.896   2.537   1.00 24.27  ? 87  THR A C   1 
ATOM   535 O  O   . THR A 1 87  ? -13.788 3.024   2.837   1.00 25.66  ? 87  THR A O   1 
ATOM   536 C  CB  . THR A 1 87  ? -11.969 3.672   0.267   1.00 24.50  ? 87  THR A CB  1 
ATOM   537 O  OG1 . THR A 1 87  ? -12.975 2.722   -0.100  1.00 26.88  ? 87  THR A OG1 1 
ATOM   538 C  CG2 . THR A 1 87  ? -10.678 3.472   -0.572  1.00 24.84  ? 87  THR A CG2 1 
ATOM   539 N  N   . ASP A 1 88  ? -13.119 5.177   2.835   1.00 24.15  ? 88  ASP A N   1 
ATOM   540 C  CA  . ASP A 1 88  ? -14.347 5.600   3.490   1.00 23.92  ? 88  ASP A CA  1 
ATOM   541 C  C   . ASP A 1 88  ? -15.446 5.871   2.456   1.00 24.74  ? 88  ASP A C   1 
ATOM   542 O  O   . ASP A 1 88  ? -15.281 5.542   1.269   1.00 24.12  ? 88  ASP A O   1 
ATOM   543 C  CB  . ASP A 1 88  ? -14.103 6.755   4.480   1.00 23.49  ? 88  ASP A CB  1 
ATOM   544 C  CG  . ASP A 1 88  ? -13.709 8.065   3.818   1.00 22.39  ? 88  ASP A CG  1 
ATOM   545 O  OD1 . ASP A 1 88  ? -13.755 8.218   2.575   1.00 23.11  ? 88  ASP A OD1 1 
ATOM   546 O  OD2 . ASP A 1 88  ? -13.370 8.985   4.583   1.00 26.01  ? 88  ASP A OD2 1 
ATOM   547 N  N   . MET A 1 89  ? -16.572 6.447   2.889   1.00 24.08  ? 89  MET A N   1 
ATOM   548 C  CA  . MET A 1 89  ? -17.691 6.662   1.952   1.00 25.05  ? 89  MET A CA  1 
ATOM   549 C  C   . MET A 1 89  ? -17.403 7.707   0.886   1.00 26.35  ? 89  MET A C   1 
ATOM   550 O  O   . MET A 1 89  ? -18.127 7.793   -0.118  1.00 27.61  ? 89  MET A O   1 
ATOM   551 C  CB  . MET A 1 89  ? -18.968 7.047   2.726   1.00 24.45  ? 89  MET A CB  1 
ATOM   552 C  CG  . MET A 1 89  ? -19.565 5.875   3.522   1.00 25.02  ? 89  MET A CG  1 
ATOM   553 S  SD  . MET A 1 89  ? -21.190 6.309   4.314   1.00 19.16  ? 89  MET A SD  1 
ATOM   554 C  CE  . MET A 1 89  ? -20.798 7.500   5.321   1.00 15.01  ? 89  MET A CE  1 
ATOM   555 N  N   . TRP A 1 90  ? -16.375 8.516   1.136   1.00 26.86  ? 90  TRP A N   1 
ATOM   556 C  CA  . TRP A 1 90  ? -15.902 9.523   0.195   1.00 27.39  ? 90  TRP A CA  1 
ATOM   557 C  C   . TRP A 1 90  ? -14.675 9.066   -0.611  1.00 27.65  ? 90  TRP A C   1 
ATOM   558 O  O   . TRP A 1 90  ? -14.128 9.842   -1.406  1.00 28.60  ? 90  TRP A O   1 
ATOM   559 C  CB  . TRP A 1 90  ? -15.606 10.824  0.935   1.00 28.22  ? 90  TRP A CB  1 
ATOM   560 C  CG  . TRP A 1 90  ? -16.816 11.368  1.603   1.00 28.74  ? 90  TRP A CG  1 
ATOM   561 C  CD1 . TRP A 1 90  ? -17.719 12.227  1.069   1.00 29.63  ? 90  TRP A CD1 1 
ATOM   562 C  CD2 . TRP A 1 90  ? -17.292 11.041  2.922   1.00 29.27  ? 90  TRP A CD2 1 
ATOM   563 N  NE1 . TRP A 1 90  ? -18.723 12.499  1.995   1.00 30.67  ? 90  TRP A NE1 1 
ATOM   564 C  CE2 . TRP A 1 90  ? -18.485 11.770  3.129   1.00 30.42  ? 90  TRP A CE2 1 
ATOM   565 C  CE3 . TRP A 1 90  ? -16.828 10.205  3.943   1.00 27.46  ? 90  TRP A CE3 1 
ATOM   566 C  CZ2 . TRP A 1 90  ? -19.203 11.698  4.319   1.00 29.74  ? 90  TRP A CZ2 1 
ATOM   567 C  CZ3 . TRP A 1 90  ? -17.536 10.137  5.121   1.00 28.73  ? 90  TRP A CZ3 1 
ATOM   568 C  CH2 . TRP A 1 90  ? -18.719 10.883  5.302   1.00 28.67  ? 90  TRP A CH2 1 
ATOM   569 N  N   . GLY A 1 91  ? -14.272 7.805   -0.423  1.00 26.83  ? 91  GLY A N   1 
ATOM   570 C  CA  . GLY A 1 91  ? -13.140 7.242   -1.160  1.00 26.21  ? 91  GLY A CA  1 
ATOM   571 C  C   . GLY A 1 91  ? -11.755 7.606   -0.613  1.00 24.94  ? 91  GLY A C   1 
ATOM   572 O  O   . GLY A 1 91  ? -10.753 7.365   -1.273  1.00 24.92  ? 91  GLY A O   1 
ATOM   573 N  N   . ARG A 1 92  ? -11.678 8.182   0.583   1.00 23.45  ? 92  ARG A N   1 
ATOM   574 C  CA  . ARG A 1 92  ? -10.367 8.489   1.176   1.00 22.48  ? 92  ARG A CA  1 
ATOM   575 C  C   . ARG A 1 92  ? -9.683  7.176   1.538   1.00 21.68  ? 92  ARG A C   1 
ATOM   576 O  O   . ARG A 1 92  ? -10.332 6.303   2.118   1.00 21.45  ? 92  ARG A O   1 
ATOM   577 C  CB  . ARG A 1 92  ? -10.529 9.325   2.441   1.00 22.25  ? 92  ARG A CB  1 
ATOM   578 C  CG  . ARG A 1 92  ? -11.350 10.603  2.231   1.00 21.44  ? 92  ARG A CG  1 
ATOM   579 C  CD  . ARG A 1 92  ? -11.331 11.335  3.479   1.00 21.12  ? 92  ARG A CD  1 
ATOM   580 N  NE  . ARG A 1 92  ? -12.038 12.620  3.494   1.00 23.09  ? 92  ARG A NE  1 
ATOM   581 C  CZ  . ARG A 1 92  ? -13.292 12.781  3.916   1.00 25.74  ? 92  ARG A CZ  1 
ATOM   582 N  NH1 . ARG A 1 92  ? -14.025 11.722  4.274   1.00 23.31  ? 92  ARG A NH1 1 
ATOM   583 N  NH2 . ARG A 1 92  ? -13.821 13.999  3.942   1.00 24.97  ? 92  ARG A NH2 1 
ATOM   584 N  N   . PRO A 1 93  ? -8.410  7.036   1.218   1.00 22.06  ? 93  PRO A N   1 
ATOM   585 C  CA  . PRO A 1 93  ? -7.660  5.841   1.565   1.00 21.58  ? 93  PRO A CA  1 
ATOM   586 C  C   . PRO A 1 93  ? -7.092  5.922   2.974   1.00 22.45  ? 93  PRO A C   1 
ATOM   587 O  O   . PRO A 1 93  ? -6.684  6.923   3.413   1.00 21.57  ? 93  PRO A O   1 
ATOM   588 C  CB  . PRO A 1 93  ? -6.519  5.860   0.548   1.00 20.76  ? 93  PRO A CB  1 
ATOM   589 C  CG  . PRO A 1 93  ? -6.267  7.255   0.347   1.00 21.58  ? 93  PRO A CG  1 
ATOM   590 C  CD  . PRO A 1 93  ? -7.594  7.938   0.396   1.00 21.61  ? 93  PRO A CD  1 
ATOM   591 N  N   . ARG A 1 94  ? -7.075  4.785   3.637   1.00 23.00  ? 94  ARG A N   1 
ATOM   592 C  CA  . ARG A 1 94  ? -6.434  4.602   4.902   1.00 24.66  ? 94  ARG A CA  1 
ATOM   593 C  C   . ARG A 1 94  ? -5.905  3.169   5.022   1.00 23.67  ? 94  ARG A C   1 
ATOM   594 O  O   . ARG A 1 94  ? -6.575  2.263   4.631   1.00 22.85  ? 94  ARG A O   1 
ATOM   595 C  CB  . ARG A 1 94  ? -7.395  4.921   6.045   1.00 25.01  ? 94  ARG A CB  1 
ATOM   596 C  CG  . ARG A 1 94  ? -6.733  4.967   7.389   1.00 28.24  ? 94  ARG A CG  1 
ATOM   597 C  CD  . ARG A 1 94  ? -7.700  4.992   8.598   1.00 29.77  ? 94  ARG A CD  1 
ATOM   598 N  NE  . ARG A 1 94  ? -8.633  3.850   8.633   1.00 35.28  ? 94  ARG A NE  1 
ATOM   599 C  CZ  . ARG A 1 94  ? -8.407  2.704   9.264   1.00 37.78  ? 94  ARG A CZ  1 
ATOM   600 N  NH1 . ARG A 1 94  ? -7.283  2.514   9.934   1.00 35.95  ? 94  ARG A NH1 1 
ATOM   601 N  NH2 . ARG A 1 94  ? -9.318  1.771   9.241   1.00 38.02  ? 94  ARG A NH2 1 
ATOM   602 N  N   . VAL A 1 95  ? -4.704  2.995   5.544   1.00 22.79  ? 95  VAL A N   1 
ATOM   603 C  CA  . VAL A 1 95  ? -4.149  1.653   5.669   1.00 22.52  ? 95  VAL A CA  1 
ATOM   604 C  C   . VAL A 1 95  ? -4.589  1.032   7.001   1.00 23.24  ? 95  VAL A C   1 
ATOM   605 O  O   . VAL A 1 95  ? -4.560  1.688   8.030   1.00 23.38  ? 95  VAL A O   1 
ATOM   606 C  CB  . VAL A 1 95  ? -2.599  1.642   5.496   1.00 21.87  ? 95  VAL A CB  1 
ATOM   607 C  CG1 . VAL A 1 95  ? -1.997  0.272   5.886   1.00 23.81  ? 95  VAL A CG1 1 
ATOM   608 C  CG2 . VAL A 1 95  ? -2.246  1.984   4.056   1.00 22.76  ? 95  VAL A CG2 1 
ATOM   609 N  N   . ARG A 1 96  ? -5.031  -0.224  6.932   1.00 24.21  ? 96  ARG A N   1 
ATOM   610 C  CA  . ARG A 1 96  ? -5.337  -1.025  8.096   1.00 25.66  ? 96  ARG A CA  1 
ATOM   611 C  C   . ARG A 1 96  ? -4.417  -2.230  7.987   1.00 25.12  ? 96  ARG A C   1 
ATOM   612 O  O   . ARG A 1 96  ? -4.381  -2.868  6.960   1.00 26.20  ? 96  ARG A O   1 
ATOM   613 C  CB  . ARG A 1 96  ? -6.808  -1.481  8.070   1.00 24.92  ? 96  ARG A CB  1 
ATOM   614 C  CG  . ARG A 1 96  ? -7.163  -2.476  9.186   1.00 28.77  ? 96  ARG A CG  1 
ATOM   615 C  CD  . ARG A 1 96  ? -8.397  -3.284  8.819   1.00 34.97  ? 96  ARG A CD  1 
ATOM   616 N  NE  . ARG A 1 96  ? -9.601  -2.511  9.061   1.00 39.71  ? 96  ARG A NE  1 
ATOM   617 C  CZ  . ARG A 1 96  ? -10.772 -2.667  8.442   1.00 43.11  ? 96  ARG A CZ  1 
ATOM   618 N  NH1 . ARG A 1 96  ? -10.946 -3.570  7.471   1.00 44.17  ? 96  ARG A NH1 1 
ATOM   619 N  NH2 . ARG A 1 96  ? -11.782 -1.874  8.789   1.00 43.99  ? 96  ARG A NH2 1 
ATOM   620 N  N   . LEU A 1 97  ? -3.664  -2.521  9.039   1.00 25.53  ? 97  LEU A N   1 
ATOM   621 C  CA  . LEU A 1 97  ? -2.782  -3.696  9.070   1.00 25.68  ? 97  LEU A CA  1 
ATOM   622 C  C   . LEU A 1 97  ? -3.413  -4.886  9.807   1.00 26.41  ? 97  LEU A C   1 
ATOM   623 O  O   . LEU A 1 97  ? -4.161  -4.690  10.781  1.00 24.44  ? 97  LEU A O   1 
ATOM   624 C  CB  . LEU A 1 97  ? -1.459  -3.346  9.777   1.00 26.03  ? 97  LEU A CB  1 
ATOM   625 C  CG  . LEU A 1 97  ? -0.663  -2.141  9.266   1.00 25.27  ? 97  LEU A CG  1 
ATOM   626 C  CD1 . LEU A 1 97  ? 0.617   -2.015  10.067  1.00 27.45  ? 97  LEU A CD1 1 
ATOM   627 C  CD2 . LEU A 1 97  ? -0.386  -2.232  7.753   1.00 24.87  ? 97  LEU A CD2 1 
ATOM   628 N  N   . THR A 1 98  ? -3.096  -6.093  9.322   1.00 27.42  ? 98  THR A N   1 
ATOM   629 C  CA  . THR A 1 98  ? -3.418  -7.367  10.014  1.00 29.16  ? 98  THR A CA  1 
ATOM   630 C  C   . THR A 1 98  ? -2.171  -8.262  10.044  1.00 29.72  ? 98  THR A C   1 
ATOM   631 O  O   . THR A 1 98  ? -1.124  -7.871  9.525   1.00 29.12  ? 98  THR A O   1 
ATOM   632 C  CB  . THR A 1 98  ? -4.597  -8.120  9.320   1.00 29.00  ? 98  THR A CB  1 
ATOM   633 O  OG1 . THR A 1 98  ? -4.299  -8.298  7.932   1.00 29.63  ? 98  THR A OG1 1 
ATOM   634 C  CG2 . THR A 1 98  ? -5.907  -7.339  9.454   1.00 30.10  ? 98  THR A CG2 1 
ATOM   635 N  N   . GLY A 1 99  ? -2.265  -9.458  10.655  1.00 30.04  ? 99  GLY A N   1 
ATOM   636 C  CA  . GLY A 1 99  ? -1.197  -10.458 10.533  1.00 29.56  ? 99  GLY A CA  1 
ATOM   637 C  C   . GLY A 1 99  ? 0.103   -10.060 11.207  1.00 30.19  ? 99  GLY A C   1 
ATOM   638 O  O   . GLY A 1 99  ? 0.089   -9.287  12.168  1.00 29.71  ? 99  GLY A O   1 
ATOM   639 N  N   . ALA A 1 100 ? 1.225   -10.562 10.693  1.00 30.70  ? 100 ALA A N   1 
ATOM   640 C  CA  . ALA A 1 100 ? 2.532   -10.374 11.356  1.00 32.01  ? 100 ALA A CA  1 
ATOM   641 C  C   . ALA A 1 100 ? 3.037   -8.932  11.276  1.00 32.46  ? 100 ALA A C   1 
ATOM   642 O  O   . ALA A 1 100 ? 3.587   -8.404  12.239  1.00 32.71  ? 100 ALA A O   1 
ATOM   643 C  CB  . ALA A 1 100 ? 3.559   -11.335 10.796  1.00 32.08  ? 100 ALA A CB  1 
ATOM   644 N  N   . ILE A 1 101 ? 2.857   -8.282  10.127  1.00 33.87  ? 101 ILE A N   1 
ATOM   645 C  CA  . ILE A 1 101 ? 3.212   -6.855  10.046  1.00 33.51  ? 101 ILE A CA  1 
ATOM   646 C  C   . ILE A 1 101 ? 2.417   -5.951  10.998  1.00 33.03  ? 101 ILE A C   1 
ATOM   647 O  O   . ILE A 1 101 ? 2.912   -4.907  11.411  1.00 33.23  ? 101 ILE A O   1 
ATOM   648 C  CB  . ILE A 1 101 ? 3.161   -6.277  8.599   1.00 33.94  ? 101 ILE A CB  1 
ATOM   649 C  CG1 . ILE A 1 101 ? 1.934   -6.769  7.837   1.00 33.07  ? 101 ILE A CG1 1 
ATOM   650 C  CG2 . ILE A 1 101 ? 4.465   -6.538  7.863   1.00 36.03  ? 101 ILE A CG2 1 
ATOM   651 C  CD1 . ILE A 1 101 ? 0.754   -5.925  8.085   1.00 34.55  ? 101 ILE A CD1 1 
ATOM   652 N  N   . ALA A 1 102 ? 1.189   -6.336  11.357  1.00 33.42  ? 102 ALA A N   1 
ATOM   653 C  CA  . ALA A 1 102 ? 0.418   -5.516  12.299  1.00 33.58  ? 102 ALA A CA  1 
ATOM   654 C  C   . ALA A 1 102 ? 1.091   -5.540  13.660  1.00 34.67  ? 102 ALA A C   1 
ATOM   655 O  O   . ALA A 1 102 ? 1.038   -4.550  14.404  1.00 34.34  ? 102 ALA A O   1 
ATOM   656 C  CB  . ALA A 1 102 ? -1.038  -5.969  12.402  1.00 33.18  ? 102 ALA A CB  1 
ATOM   657 N  N   . GLU A 1 103 ? 1.724   -6.676  13.969  1.00 35.24  ? 103 GLU A N   1 
ATOM   658 C  CA  . GLU A 1 103 ? 2.498   -6.834  15.194  1.00 36.78  ? 103 GLU A CA  1 
ATOM   659 C  C   . GLU A 1 103 ? 3.737   -5.935  15.171  1.00 36.92  ? 103 GLU A C   1 
ATOM   660 O  O   . GLU A 1 103 ? 3.928   -5.128  16.062  1.00 36.42  ? 103 GLU A O   1 
ATOM   661 C  CB  . GLU A 1 103 ? 2.933   -8.284  15.360  1.00 36.85  ? 103 GLU A CB  1 
ATOM   662 C  CG  . GLU A 1 103 ? 1.801   -9.274  15.518  1.00 39.07  ? 103 GLU A CG  1 
ATOM   663 C  CD  . GLU A 1 103 ? 2.299   -10.602 16.055  1.00 41.87  ? 103 GLU A CD  1 
ATOM   664 O  OE1 . GLU A 1 103 ? 2.178   -11.620 15.336  1.00 43.10  ? 103 GLU A OE1 1 
ATOM   665 O  OE2 . GLU A 1 103 ? 2.835   -10.617 17.189  1.00 43.37  ? 103 GLU A OE2 1 
ATOM   666 N  N   . TYR A 1 104 ? 4.550   -6.084  14.122  1.00 37.79  ? 104 TYR A N   1 
ATOM   667 C  CA  . TYR A 1 104 ? 5.801   -5.339  13.962  1.00 39.18  ? 104 TYR A CA  1 
ATOM   668 C  C   . TYR A 1 104 ? 5.615   -3.826  14.007  1.00 38.82  ? 104 TYR A C   1 
ATOM   669 O  O   . TYR A 1 104 ? 6.432   -3.115  14.593  1.00 38.86  ? 104 TYR A O   1 
ATOM   670 C  CB  . TYR A 1 104 ? 6.498   -5.758  12.653  1.00 40.69  ? 104 TYR A CB  1 
ATOM   671 C  CG  . TYR A 1 104 ? 6.956   -7.208  12.638  1.00 42.98  ? 104 TYR A CG  1 
ATOM   672 C  CD1 . TYR A 1 104 ? 8.211   -7.577  13.147  1.00 45.42  ? 104 TYR A CD1 1 
ATOM   673 C  CD2 . TYR A 1 104 ? 6.146   -8.207  12.097  1.00 44.81  ? 104 TYR A CD2 1 
ATOM   674 C  CE1 . TYR A 1 104 ? 8.636   -8.907  13.135  1.00 46.08  ? 104 TYR A CE1 1 
ATOM   675 C  CE2 . TYR A 1 104 ? 6.561   -9.539  12.073  1.00 46.64  ? 104 TYR A CE2 1 
ATOM   676 C  CZ  . TYR A 1 104 ? 7.811   -9.882  12.591  1.00 45.95  ? 104 TYR A CZ  1 
ATOM   677 O  OH  . TYR A 1 104 ? 8.221   -11.206 12.568  1.00 46.52  ? 104 TYR A OH  1 
ATOM   678 N  N   . LEU A 1 105 ? 4.517   -3.350  13.416  1.00 38.02  ? 105 LEU A N   1 
ATOM   679 C  CA  . LEU A 1 105 ? 4.222   -1.913  13.322  1.00 36.97  ? 105 LEU A CA  1 
ATOM   680 C  C   . LEU A 1 105 ? 3.146   -1.458  14.293  1.00 36.55  ? 105 LEU A C   1 
ATOM   681 O  O   . LEU A 1 105 ? 2.455   -0.475  14.049  1.00 35.82  ? 105 LEU A O   1 
ATOM   682 C  CB  . LEU A 1 105 ? 3.813   -1.548  11.891  1.00 36.37  ? 105 LEU A CB  1 
ATOM   683 C  CG  . LEU A 1 105 ? 4.842   -1.623  10.762  1.00 36.33  ? 105 LEU A CG  1 
ATOM   684 C  CD1 . LEU A 1 105 ? 4.156   -1.440  9.427   1.00 35.31  ? 105 LEU A CD1 1 
ATOM   685 C  CD2 . LEU A 1 105 ? 5.934   -0.576  10.944  1.00 36.27  ? 105 LEU A CD2 1 
ATOM   686 N  N   . ALA A 1 106 ? 3.023   -2.168  15.411  1.00 36.86  ? 106 ALA A N   1 
ATOM   687 C  CA  . ALA A 1 106 ? 2.041   -1.858  16.450  1.00 36.40  ? 106 ALA A CA  1 
ATOM   688 C  C   . ALA A 1 106 ? 1.875   -0.379  16.865  1.00 36.49  ? 106 ALA A C   1 
ATOM   689 O  O   . ALA A 1 106 ? 0.745   0.091   17.030  1.00 36.63  ? 106 ALA A O   1 
ATOM   690 C  CB  . ALA A 1 106 ? 2.288   -2.745  17.697  1.00 36.89  ? 106 ALA A CB  1 
ATOM   691 N  N   . ASP A 1 107 ? 2.965   0.351   17.076  1.00 35.64  ? 107 ASP A N   1 
ATOM   692 C  CA  . ASP A 1 107 ? 2.822   1.744   17.542  1.00 36.28  ? 107 ASP A CA  1 
ATOM   693 C  C   . ASP A 1 107 ? 2.918   2.791   16.409  1.00 34.47  ? 107 ASP A C   1 
ATOM   694 O  O   . ASP A 1 107 ? 2.880   4.003   16.656  1.00 35.05  ? 107 ASP A O   1 
ATOM   695 C  CB  . ASP A 1 107 ? 3.844   2.062   18.645  1.00 37.42  ? 107 ASP A CB  1 
ATOM   696 C  CG  . ASP A 1 107 ? 3.530   1.352   19.983  1.00 42.61  ? 107 ASP A CG  1 
ATOM   697 O  OD1 . ASP A 1 107 ? 2.393   0.837   20.180  1.00 47.35  ? 107 ASP A OD1 1 
ATOM   698 O  OD2 . ASP A 1 107 ? 4.438   1.305   20.851  1.00 48.79  ? 107 ASP A OD2 1 
ATOM   699 N  N   . VAL A 1 108 ? 3.018   2.302   15.179  1.00 31.90  ? 108 VAL A N   1 
ATOM   700 C  CA  . VAL A 1 108 ? 3.329   3.132   14.006  1.00 29.23  ? 108 VAL A CA  1 
ATOM   701 C  C   . VAL A 1 108 ? 2.060   3.661   13.296  1.00 28.23  ? 108 VAL A C   1 
ATOM   702 O  O   . VAL A 1 108 ? 1.130   2.908   13.010  1.00 27.27  ? 108 VAL A O   1 
ATOM   703 C  CB  . VAL A 1 108 ? 4.266   2.348   13.026  1.00 29.85  ? 108 VAL A CB  1 
ATOM   704 C  CG1 . VAL A 1 108 ? 4.535   3.119   11.731  1.00 27.66  ? 108 VAL A CG1 1 
ATOM   705 C  CG2 . VAL A 1 108 ? 5.615   2.013   13.700  1.00 28.40  ? 108 VAL A CG2 1 
ATOM   706 N  N   . THR A 1 109 ? 2.035   4.962   13.026  1.00 25.86  ? 109 THR A N   1 
ATOM   707 C  CA  . THR A 1 109 ? 0.948   5.601   12.266  1.00 25.04  ? 109 THR A CA  1 
ATOM   708 C  C   . THR A 1 109 ? 1.356   5.593   10.784  1.00 23.20  ? 109 THR A C   1 
ATOM   709 O  O   . THR A 1 109 ? 2.492   5.905   10.446  1.00 22.58  ? 109 THR A O   1 
ATOM   710 C  CB  . THR A 1 109 ? 0.730   7.031   12.771  1.00 25.68  ? 109 THR A CB  1 
ATOM   711 O  OG1 . THR A 1 109 ? 0.321   6.964   14.143  1.00 27.95  ? 109 THR A OG1 1 
ATOM   712 C  CG2 . THR A 1 109 ? -0.348  7.804   11.952  1.00 25.77  ? 109 THR A CG2 1 
ATOM   713 N  N   . ILE A 1 110 ? 0.457   5.170   9.919   1.00 22.02  ? 110 ILE A N   1 
ATOM   714 C  CA  . ILE A 1 110 ? 0.760   5.125   8.480   1.00 20.78  ? 110 ILE A CA  1 
ATOM   715 C  C   . ILE A 1 110 ? -0.058  6.185   7.756   1.00 20.08  ? 110 ILE A C   1 
ATOM   716 O  O   . ILE A 1 110 ? -1.291  6.243   7.901   1.00 19.00  ? 110 ILE A O   1 
ATOM   717 C  CB  . ILE A 1 110 ? 0.440   3.743   7.903   1.00 20.48  ? 110 ILE A CB  1 
ATOM   718 C  CG1 . ILE A 1 110 ? 1.336   2.686   8.533   1.00 22.66  ? 110 ILE A CG1 1 
ATOM   719 C  CG2 . ILE A 1 110 ? 0.561   3.717   6.342   1.00 19.00  ? 110 ILE A CG2 1 
ATOM   720 C  CD1 . ILE A 1 110 ? 1.011   1.286   8.038   1.00 21.58  ? 110 ILE A CD1 1 
ATOM   721 N  N   . HIS A 1 111 ? 0.629   7.008   6.957   1.00 18.80  ? 111 HIS A N   1 
ATOM   722 C  CA  . HIS A 1 111 ? -0.032  7.986   6.101   1.00 18.04  ? 111 HIS A CA  1 
ATOM   723 C  C   . HIS A 1 111 ? 0.205   7.559   4.652   1.00 17.13  ? 111 HIS A C   1 
ATOM   724 O  O   . HIS A 1 111 ? 1.317   7.193   4.303   1.00 16.11  ? 111 HIS A O   1 
ATOM   725 C  CB  . HIS A 1 111 ? 0.560   9.376   6.330   1.00 18.37  ? 111 HIS A CB  1 
ATOM   726 C  CG  . HIS A 1 111 ? 0.441   9.856   7.753   1.00 19.63  ? 111 HIS A CG  1 
ATOM   727 N  ND1 . HIS A 1 111 ? 1.464   9.744   8.673   1.00 20.92  ? 111 HIS A ND1 1 
ATOM   728 C  CD2 . HIS A 1 111 ? -0.575  10.464  8.399   1.00 15.94  ? 111 HIS A CD2 1 
ATOM   729 C  CE1 . HIS A 1 111 ? 1.077   10.249  9.831   1.00 18.57  ? 111 HIS A CE1 1 
ATOM   730 N  NE2 . HIS A 1 111 ? -0.160  10.692  9.693   1.00 21.78  ? 111 HIS A NE2 1 
ATOM   731 N  N   . VAL A 1 112 ? -0.842  7.538   3.845   1.00 15.81  ? 112 VAL A N   1 
ATOM   732 C  CA  . VAL A 1 112 ? -0.700  7.124   2.446   1.00 16.39  ? 112 VAL A CA  1 
ATOM   733 C  C   . VAL A 1 112 ? -1.439  8.073   1.511   1.00 14.79  ? 112 VAL A C   1 
ATOM   734 O  O   . VAL A 1 112 ? -2.346  8.785   1.930   1.00 15.29  ? 112 VAL A O   1 
ATOM   735 C  CB  . VAL A 1 112 ? -1.178  5.645   2.139   1.00 16.15  ? 112 VAL A CB  1 
ATOM   736 C  CG1 . VAL A 1 112 ? -0.303  4.595   2.869   1.00 20.05  ? 112 VAL A CG1 1 
ATOM   737 C  CG2 . VAL A 1 112 ? -2.744  5.467   2.324   1.00 18.35  ? 112 VAL A CG2 1 
ATOM   738 N  N   . SER A 1 113 ? -1.061  8.055   0.236   1.00 13.92  ? 113 SER A N   1 
ATOM   739 C  CA  . SER A 1 113 ? -1.820  8.754   -0.791  1.00 12.92  ? 113 SER A CA  1 
ATOM   740 C  C   . SER A 1 113 ? -1.666  7.982   -2.086  1.00 12.45  ? 113 SER A C   1 
ATOM   741 O  O   . SER A 1 113 ? -0.602  7.385   -2.339  1.00 11.88  ? 113 SER A O   1 
ATOM   742 C  CB  . SER A 1 113 ? -1.345  10.202  -0.952  1.00 12.66  ? 113 SER A CB  1 
ATOM   743 O  OG  . SER A 1 113 ? -2.139  10.869  -1.947  1.00 13.65  ? 113 SER A OG  1 
ATOM   744 N  N   . LEU A 1 114 ? -2.735  7.953   -2.881  1.00 11.06  ? 114 LEU A N   1 
ATOM   745 C  CA  . LEU A 1 114 ? -2.777  7.172   -4.118  1.00 12.48  ? 114 LEU A CA  1 
ATOM   746 C  C   . LEU A 1 114 ? -3.123  8.100   -5.270  1.00 11.82  ? 114 LEU A C   1 
ATOM   747 O  O   . LEU A 1 114 ? -3.792  9.123   -5.075  1.00 12.70  ? 114 LEU A O   1 
ATOM   748 C  CB  . LEU A 1 114 ? -3.902  6.093   -4.034  1.00 12.28  ? 114 LEU A CB  1 
ATOM   749 C  CG  . LEU A 1 114 ? -3.620  4.776   -3.285  1.00 12.19  ? 114 LEU A CG  1 
ATOM   750 C  CD1 . LEU A 1 114 ? -3.233  5.001   -1.811  1.00 12.68  ? 114 LEU A CD1 1 
ATOM   751 C  CD2 . LEU A 1 114 ? -4.853  3.829   -3.390  1.00 12.41  ? 114 LEU A CD2 1 
ATOM   752 N  N   . THR A 1 115 ? -2.661  7.746   -6.456  1.00 12.74  ? 115 THR A N   1 
ATOM   753 C  CA  . THR A 1 115 ? -3.009  8.450   -7.677  1.00 13.70  ? 115 THR A CA  1 
ATOM   754 C  C   . THR A 1 115 ? -2.967  7.480   -8.878  1.00 13.89  ? 115 THR A C   1 
ATOM   755 O  O   . THR A 1 115 ? -2.217  6.481   -8.871  1.00 13.67  ? 115 THR A O   1 
ATOM   756 C  CB  . THR A 1 115 ? -2.109  9.716   -7.909  1.00 13.30  ? 115 THR A CB  1 
ATOM   757 O  OG1 . THR A 1 115 ? -2.634  10.469  -9.022  1.00 15.60  ? 115 THR A OG1 1 
ATOM   758 C  CG2 . THR A 1 115 ? -0.638  9.321   -8.241  1.00 11.76  ? 115 THR A CG2 1 
ATOM   759 N  N   . HIS A 1 116 ? -3.785  7.750   -9.889  1.00 14.10  ? 116 HIS A N   1 
ATOM   760 C  CA  . HIS A 1 116 ? -3.693  7.009   -11.160 1.00 14.51  ? 116 HIS A CA  1 
ATOM   761 C  C   . HIS A 1 116 ? -4.023  7.959   -12.303 1.00 15.01  ? 116 HIS A C   1 
ATOM   762 O  O   . HIS A 1 116 ? -5.081  8.579   -12.309 1.00 15.72  ? 116 HIS A O   1 
ATOM   763 C  CB  . HIS A 1 116 ? -4.594  5.745   -11.230 1.00 13.48  ? 116 HIS A CB  1 
ATOM   764 C  CG  . HIS A 1 116 ? -5.812  5.787   -10.342 1.00 16.50  ? 116 HIS A CG  1 
ATOM   765 N  ND1 . HIS A 1 116 ? -6.780  6.768   -10.418 1.00 16.90  ? 116 HIS A ND1 1 
ATOM   766 C  CD2 . HIS A 1 116 ? -6.221  4.935   -9.368  1.00 17.27  ? 116 HIS A CD2 1 
ATOM   767 C  CE1 . HIS A 1 116 ? -7.725  6.521   -9.520  1.00 17.20  ? 116 HIS A CE1 1 
ATOM   768 N  NE2 . HIS A 1 116 ? -7.401  5.425   -8.866  1.00 17.51  ? 116 HIS A NE2 1 
ATOM   769 N  N   . GLU A 1 117 ? -3.123  8.066   -13.265 1.00 14.37  ? 117 GLU A N   1 
ATOM   770 C  CA  . GLU A 1 117 ? -3.329  8.986   -14.353 1.00 15.32  ? 117 GLU A CA  1 
ATOM   771 C  C   . GLU A 1 117 ? -2.865  8.276   -15.596 1.00 14.63  ? 117 GLU A C   1 
ATOM   772 O  O   . GLU A 1 117 ? -1.689  7.885   -15.706 1.00 13.70  ? 117 GLU A O   1 
ATOM   773 C  CB  . GLU A 1 117 ? -2.538  10.282  -14.086 1.00 15.38  ? 117 GLU A CB  1 
ATOM   774 C  CG  . GLU A 1 117 ? -2.644  11.363  -15.179 1.00 20.25  ? 117 GLU A CG  1 
ATOM   775 C  CD  . GLU A 1 117 ? -3.824  12.303  -14.985 1.00 25.45  ? 117 GLU A CD  1 
ATOM   776 O  OE1 . GLU A 1 117 ? -4.809  11.878  -14.287 1.00 23.46  ? 117 GLU A OE1 1 
ATOM   777 O  OE2 . GLU A 1 117 ? -3.739  13.477  -15.512 1.00 26.27  ? 117 GLU A OE2 1 
ATOM   778 N  N   . GLY A 1 118 ? -3.795  8.114   -16.534 1.00 15.44  ? 118 GLY A N   1 
ATOM   779 C  CA  . GLY A 1 118 ? -3.502  7.427   -17.793 1.00 15.43  ? 118 GLY A CA  1 
ATOM   780 C  C   . GLY A 1 118 ? -3.029  6.017   -17.468 1.00 15.60  ? 118 GLY A C   1 
ATOM   781 O  O   . GLY A 1 118 ? -3.683  5.318   -16.697 1.00 16.74  ? 118 GLY A O   1 
ATOM   782 N  N   . ASP A 1 119 ? -1.880  5.619   -18.018 1.00 15.10  ? 119 ASP A N   1 
ATOM   783 C  CA  . ASP A 1 119 ? -1.381  4.239   -17.851 1.00 14.64  ? 119 ASP A CA  1 
ATOM   784 C  C   . ASP A 1 119 ? -0.581  3.988   -16.566 1.00 13.88  ? 119 ASP A C   1 
ATOM   785 O  O   . ASP A 1 119 ? -0.018  2.914   -16.391 1.00 13.89  ? 119 ASP A O   1 
ATOM   786 C  CB  . ASP A 1 119 ? -0.554  3.816   -19.067 1.00 16.34  ? 119 ASP A CB  1 
ATOM   787 C  CG  . ASP A 1 119 ? 0.708   4.658   -19.256 1.00 16.92  ? 119 ASP A CG  1 
ATOM   788 O  OD1 . ASP A 1 119 ? 1.168   5.411   -18.337 1.00 18.08  ? 119 ASP A OD1 1 
ATOM   789 O  OD2 . ASP A 1 119 ? 1.268   4.525   -20.354 1.00 17.53  ? 119 ASP A OD2 1 
ATOM   790 N  N   . THR A 1 120 ? -0.522  4.972   -15.671 1.00 13.64  ? 120 THR A N   1 
ATOM   791 C  CA  . THR A 1 120 ? 0.383   4.876   -14.517 1.00 13.56  ? 120 THR A CA  1 
ATOM   792 C  C   . THR A 1 120 ? -0.304  5.132   -13.200 1.00 14.10  ? 120 THR A C   1 
ATOM   793 O  O   . THR A 1 120 ? -0.993  6.151   -13.043 1.00 15.07  ? 120 THR A O   1 
ATOM   794 C  CB  . THR A 1 120 ? 1.600   5.861   -14.697 1.00 14.20  ? 120 THR A CB  1 
ATOM   795 O  OG1 . THR A 1 120 ? 2.281   5.519   -15.897 1.00 14.88  ? 120 THR A OG1 1 
ATOM   796 C  CG2 . THR A 1 120 ? 2.630   5.754   -13.555 1.00 12.67  ? 120 THR A CG2 1 
ATOM   797 N  N   . ALA A 1 121 ? -0.121  4.217   -12.246 1.00 13.40  ? 121 ALA A N   1 
ATOM   798 C  CA  . ALA A 1 121 ? -0.602  4.465   -10.879 1.00 14.34  ? 121 ALA A CA  1 
ATOM   799 C  C   . ALA A 1 121 ? 0.600   4.784   -10.004 1.00 14.01  ? 121 ALA A C   1 
ATOM   800 O  O   . ALA A 1 121 ? 1.702   4.297   -10.259 1.00 15.24  ? 121 ALA A O   1 
ATOM   801 C  CB  . ALA A 1 121 ? -1.325  3.217   -10.343 1.00 14.44  ? 121 ALA A CB  1 
ATOM   802 N  N   . ALA A 1 122 ? 0.404   5.548   -8.934  1.00 15.45  ? 122 ALA A N   1 
ATOM   803 C  CA  . ALA A 1 122 ? 1.502   5.728   -7.980  1.00 14.62  ? 122 ALA A CA  1 
ATOM   804 C  C   . ALA A 1 122 ? 0.968   5.821   -6.571  1.00 14.63  ? 122 ALA A C   1 
ATOM   805 O  O   . ALA A 1 122 ? -0.220  6.124   -6.367  1.00 13.49  ? 122 ALA A O   1 
ATOM   806 C  CB  . ALA A 1 122 ? 2.317   7.026   -8.321  1.00 13.85  ? 122 ALA A CB  1 
ATOM   807 N  N   . ALA A 1 123 ? 1.862   5.631   -5.593  1.00 13.11  ? 123 ALA A N   1 
ATOM   808 C  CA  . ALA A 1 123 ? 1.471   5.830   -4.201  1.00 12.98  ? 123 ALA A CA  1 
ATOM   809 C  C   . ALA A 1 123 ? 2.682   6.247   -3.394  1.00 12.91  ? 123 ALA A C   1 
ATOM   810 O  O   . ALA A 1 123 ? 3.814   5.911   -3.738  1.00 12.03  ? 123 ALA A O   1 
ATOM   811 C  CB  . ALA A 1 123 ? 0.865   4.534   -3.607  1.00 12.67  ? 123 ALA A CB  1 
ATOM   812 N  N   . VAL A 1 124 ? 2.430   6.955   -2.302  1.00 13.13  ? 124 VAL A N   1 
ATOM   813 C  CA  . VAL A 1 124 ? 3.498   7.328   -1.368  1.00 13.23  ? 124 VAL A CA  1 
ATOM   814 C  C   . VAL A 1 124 ? 2.981   6.924   0.018   1.00 14.26  ? 124 VAL A C   1 
ATOM   815 O  O   . VAL A 1 124 ? 1.751   7.004   0.282   1.00 14.14  ? 124 VAL A O   1 
ATOM   816 C  CB  . VAL A 1 124 ? 3.833   8.867   -1.453  1.00 13.70  ? 124 VAL A CB  1 
ATOM   817 C  CG1 . VAL A 1 124 ? 2.600   9.769   -1.126  1.00 13.08  ? 124 VAL A CG1 1 
ATOM   818 C  CG2 . VAL A 1 124 ? 4.995   9.285   -0.540  1.00 15.28  ? 124 VAL A CG2 1 
ATOM   819 N  N   . ALA A 1 125 ? 3.899   6.508   0.896   1.00 14.47  ? 125 ALA A N   1 
ATOM   820 C  CA  . ALA A 1 125 ? 3.540   6.191   2.280   1.00 15.21  ? 125 ALA A CA  1 
ATOM   821 C  C   . ALA A 1 125 ? 4.591   6.787   3.171   1.00 16.26  ? 125 ALA A C   1 
ATOM   822 O  O   . ALA A 1 125 ? 5.795   6.801   2.819   1.00 16.28  ? 125 ALA A O   1 
ATOM   823 C  CB  . ALA A 1 125 ? 3.487   4.665   2.506   1.00 14.05  ? 125 ALA A CB  1 
ATOM   824 N  N   . ILE A 1 126 ? 4.149   7.271   4.331   1.00 16.32  ? 126 ILE A N   1 
ATOM   825 C  CA  . ILE A 1 126 ? 5.084   7.738   5.365   1.00 16.70  ? 126 ILE A CA  1 
ATOM   826 C  C   . ILE A 1 126 ? 4.668   7.056   6.674   1.00 16.91  ? 126 ILE A C   1 
ATOM   827 O  O   . ILE A 1 126 ? 3.485   7.083   7.037   1.00 16.92  ? 126 ILE A O   1 
ATOM   828 C  CB  . ILE A 1 126 ? 5.009   9.279   5.595   1.00 17.31  ? 126 ILE A CB  1 
ATOM   829 C  CG1 . ILE A 1 126 ? 5.185   10.048  4.288   1.00 17.08  ? 126 ILE A CG1 1 
ATOM   830 C  CG2 . ILE A 1 126 ? 6.023   9.715   6.721   1.00 16.06  ? 126 ILE A CG2 1 
ATOM   831 C  CD1 . ILE A 1 126 ? 4.901   11.539  4.443   1.00 17.78  ? 126 ILE A CD1 1 
ATOM   832 N  N   . LEU A 1 127 ? 5.629   6.392   7.320   1.00 17.78  ? 127 LEU A N   1 
ATOM   833 C  CA  . LEU A 1 127 ? 5.425   5.755   8.620   1.00 18.66  ? 127 LEU A CA  1 
ATOM   834 C  C   . LEU A 1 127 ? 6.028   6.639   9.693   1.00 19.98  ? 127 LEU A C   1 
ATOM   835 O  O   . LEU A 1 127 ? 7.120   7.207   9.528   1.00 18.86  ? 127 LEU A O   1 
ATOM   836 C  CB  . LEU A 1 127 ? 6.043   4.353   8.641   1.00 18.66  ? 127 LEU A CB  1 
ATOM   837 C  CG  . LEU A 1 127 ? 5.214   3.210   8.057   1.00 20.19  ? 127 LEU A CG  1 
ATOM   838 C  CD1 . LEU A 1 127 ? 4.643   3.562   6.669   1.00 20.99  ? 127 LEU A CD1 1 
ATOM   839 C  CD2 . LEU A 1 127 ? 6.076   1.966   7.984   1.00 20.61  ? 127 LEU A CD2 1 
ATOM   840 N  N   . GLU A 1 128 ? 5.289   6.785   10.754  1.00 21.49  ? 128 GLU A N   1 
ATOM   841 C  CA  . GLU A 1 128 ? 5.621   7.688   11.802  1.00 24.45  ? 128 GLU A CA  1 
ATOM   842 C  C   . GLU A 1 128 ? 5.418   7.006   13.178  1.00 26.46  ? 128 GLU A C   1 
ATOM   843 O  O   . GLU A 1 128 ? 4.435   6.403   13.397  1.00 26.17  ? 128 GLU A O   1 
ATOM   844 C  CB  . GLU A 1 128 ? 4.750   8.907   11.615  1.00 24.30  ? 128 GLU A CB  1 
ATOM   845 C  CG  . GLU A 1 128 ? 4.638   9.805   12.703  1.00 26.84  ? 128 GLU A CG  1 
ATOM   846 C  CD  . GLU A 1 128 ? 3.622   10.866  12.468  1.00 27.21  ? 128 GLU A CD  1 
ATOM   847 O  OE1 . GLU A 1 128 ? 2.492   10.575  12.174  1.00 26.71  ? 128 GLU A OE1 1 
ATOM   848 O  OE2 . GLU A 1 128 ? 3.991   11.988  12.586  1.00 30.53  ? 128 GLU A OE2 1 
ATOM   849 N  N   . ALA A 1 129 ? 6.376   7.113   14.066  1.00 29.95  ? 129 ALA A N   1 
ATOM   850 C  CA  . ALA A 1 129 ? 6.289   6.425   15.346  1.00 34.34  ? 129 ALA A CA  1 
ATOM   851 C  C   . ALA A 1 129 ? 6.443   7.333   16.515  1.00 37.20  ? 129 ALA A C   1 
ATOM   852 O  O   . ALA A 1 129 ? 6.363   8.517   16.362  1.00 38.61  ? 129 ALA A O   1 
ATOM   853 C  CB  . ALA A 1 129 ? 7.270   5.354   15.420  1.00 34.40  ? 129 ALA A CB  1 
ATOM   854 N  N   . PRO A 1 130 ? 6.625   6.753   17.705  1.00 39.74  ? 130 PRO A N   1 
ATOM   855 C  CA  . PRO A 1 130 ? 6.716   7.536   18.946  1.00 41.11  ? 130 PRO A CA  1 
ATOM   856 C  C   . PRO A 1 130 ? 8.103   7.601   19.602  1.00 42.47  ? 130 PRO A C   1 
ATOM   857 O  O   . PRO A 1 130 ? 9.086   7.032   19.134  1.00 44.46  ? 130 PRO A O   1 
ATOM   858 C  CB  . PRO A 1 130 ? 5.734   6.801   19.858  1.00 40.62  ? 130 PRO A CB  1 
ATOM   859 C  CG  . PRO A 1 130 ? 4.806   6.139   18.946  1.00 40.16  ? 130 PRO A CG  1 
ATOM   860 C  CD  . PRO A 1 130 ? 5.657   5.651   17.874  1.00 40.26  ? 130 PRO A CD  1 
HETATM 861 MG MG  . MG  B 2 .   ? 4.055   7.598   -20.216 0.33 11.81  ? 131 MG  A MG  1 
HETATM 862 MG MG  . MG  C 2 .   ? -5.149  13.412  -9.646  1.00 18.13  ? 134 MG  A MG  1 
HETATM 863 MG MG  . MG  D 2 .   ? -6.878  8.798   -11.402 1.00 17.95  ? 145 MG  A MG  1 
HETATM 864 N  N1A . COA E 3 .   ? -8.719  12.625  0.061   1.00 21.45  ? 150 COA A N1A 1 
HETATM 865 C  C2A . COA E 3 .   ? -7.562  11.951  -0.099  1.00 17.82  ? 150 COA A C2A 1 
HETATM 866 N  N3A . COA E 3 .   ? -7.425  11.026  -1.053  1.00 17.95  ? 150 COA A N3A 1 
HETATM 867 C  C4A . COA E 3 .   ? -8.472  10.659  -1.849  1.00 18.83  ? 150 COA A C4A 1 
HETATM 868 C  C5A . COA E 3 .   ? -9.754  11.350  -1.698  1.00 19.62  ? 150 COA A C5A 1 
HETATM 869 C  C6A . COA E 3 .   ? -9.823  12.399  -0.673  1.00 20.30  ? 150 COA A C6A 1 
HETATM 870 N  N6A . COA E 3 .   ? -11.016 13.042  -0.484  1.00 20.89  ? 150 COA A N6A 1 
HETATM 871 N  N7A . COA E 3 .   ? -10.626 10.841  -2.599  1.00 20.55  ? 150 COA A N7A 1 
HETATM 872 C  C8A . COA E 3 .   ? -9.939  9.892   -3.301  1.00 20.46  ? 150 COA A C8A 1 
HETATM 873 N  N9A . COA E 3 .   ? -8.662  9.786   -2.844  1.00 19.99  ? 150 COA A N9A 1 
HETATM 874 C  C1B . COA E 3 .   ? -7.622  8.864   -3.377  1.00 20.14  ? 150 COA A C1B 1 
HETATM 875 C  C2B . COA E 3 .   ? -8.142  7.450   -3.659  1.00 17.55  ? 150 COA A C2B 1 
HETATM 876 O  O2B . COA E 3 .   ? -7.177  6.515   -3.161  1.00 20.35  ? 150 COA A O2B 1 
HETATM 877 C  C3B . COA E 3 .   ? -8.228  7.400   -5.193  1.00 19.59  ? 150 COA A C3B 1 
HETATM 878 O  O3B . COA E 3 .   ? -8.016  6.132   -5.848  1.00 19.36  ? 150 COA A O3B 1 
HETATM 879 P  P3B . COA E 3 .   ? -9.145  4.963   -5.812  1.00 19.26  ? 150 COA A P3B 1 
HETATM 880 O  O7A . COA E 3 .   ? -9.178  4.675   -4.322  1.00 20.20  ? 150 COA A O7A 1 
HETATM 881 O  O8A . COA E 3 .   ? -8.497  3.920   -6.650  1.00 17.71  ? 150 COA A O8A 1 
HETATM 882 O  O9A . COA E 3 .   ? -10.368 5.677   -6.303  1.00 21.92  ? 150 COA A O9A 1 
HETATM 883 C  C4B . COA E 3 .   ? -7.130  8.368   -5.586  1.00 17.88  ? 150 COA A C4B 1 
HETATM 884 O  O4B . COA E 3 .   ? -7.239  9.431   -4.636  1.00 19.21  ? 150 COA A O4B 1 
HETATM 885 C  C5B . COA E 3 .   ? -7.335  8.881   -6.992  1.00 18.17  ? 150 COA A C5B 1 
HETATM 886 O  O5B . COA E 3 .   ? -6.300  9.822   -7.285  1.00 14.45  ? 150 COA A O5B 1 
HETATM 887 P  P1A . COA E 3 .   ? -6.369  10.536  -8.732  1.00 14.56  ? 150 COA A P1A 1 
HETATM 888 O  O1A . COA E 3 .   ? -5.296  11.581  -8.569  1.00 17.11  ? 150 COA A O1A 1 
HETATM 889 O  O2A . COA E 3 .   ? -7.746  11.103  -8.967  1.00 15.85  ? 150 COA A O2A 1 
HETATM 890 O  O3A . COA E 3 .   ? -6.029  9.357   -9.739  1.00 14.40  ? 150 COA A O3A 1 
HETATM 891 O  O   . HOH F 4 .   ? 5.722   6.242   -18.742 1.00 12.28  ? 132 HOH A O   1 
HETATM 892 O  O   . HOH F 4 .   ? 3.438   5.536   -21.112 1.00 18.21  ? 133 HOH A O   1 
HETATM 893 O  O   . HOH F 4 .   ? -5.010  15.262  -10.707 1.00 12.99  ? 135 HOH A O   1 
HETATM 894 O  O   . HOH F 4 .   ? -4.192  12.384  -11.249 1.00 14.81  ? 136 HOH A O   1 
HETATM 895 O  O   . HOH F 4 .   ? -7.005  13.008  -10.714 1.00 16.40  ? 137 HOH A O   1 
HETATM 896 O  O   . HOH F 4 .   ? -8.446  12.906  -7.034  1.00 30.26  ? 138 HOH A O   1 
HETATM 897 O  O   . HOH F 4 .   ? -6.141  14.399  -8.005  1.00 15.58  ? 139 HOH A O   1 
HETATM 898 O  O   . HOH F 4 .   ? -9.576  11.423  -13.679 1.00 29.73  ? 140 HOH A O   1 
HETATM 899 O  O   . HOH F 4 .   ? -5.208  15.172  -13.372 1.00 23.62  ? 141 HOH A O   1 
HETATM 900 O  O   . HOH F 4 .   ? 5.826   4.225   -15.059 1.00 27.18  ? 142 HOH A O   1 
HETATM 901 O  O   . HOH F 4 .   ? 4.490   7.302   -20.291 0.33 500.00 ? 143 HOH A O   1 
HETATM 902 O  O   . HOH F 4 .   ? 12.543  -5.626  6.331   1.00 19.10  ? 144 HOH A O   1 
HETATM 903 O  O   . HOH F 4 .   ? -6.841  10.772  -12.358 1.00 17.07  ? 146 HOH A O   1 
HETATM 904 O  O   . HOH F 4 .   ? -8.841  9.360   -10.571 1.00 18.00  ? 147 HOH A O   1 
HETATM 905 O  O   . HOH F 4 .   ? -7.813  8.034   -13.228 1.00 16.61  ? 148 HOH A O   1 
HETATM 906 O  O   . HOH F 4 .   ? -2.745  -12.365 -18.417 1.00 22.48  ? 149 HOH A O   1 
HETATM 907 O  O   . HOH F 4 .   ? -4.710  10.216  -0.982  1.00 16.91  ? 151 HOH A O   1 
HETATM 908 O  O   . HOH F 4 .   ? -5.572  5.861   -14.679 1.00 18.06  ? 152 HOH A O   1 
HETATM 909 O  O   . HOH F 4 .   ? -9.891  0.032   -1.104  1.00 24.25  ? 153 HOH A O   1 
HETATM 910 O  O   . HOH F 4 .   ? -17.122 6.430   6.022   1.00 23.83  ? 154 HOH A O   1 
HETATM 911 O  O   . HOH F 4 .   ? -3.055  5.387   5.997   1.00 20.96  ? 155 HOH A O   1 
HETATM 912 O  O   . HOH F 4 .   ? -21.550 13.852  1.290   0.50 11.68  ? 156 HOH A O   1 
HETATM 913 O  O   . HOH F 4 .   ? -0.739  7.743   -19.945 1.00 25.80  ? 157 HOH A O   1 
HETATM 914 O  O   . HOH F 4 .   ? 12.621  3.414   1.866   1.00 18.14  ? 158 HOH A O   1 
HETATM 915 O  O   . HOH F 4 .   ? -11.931 -6.058  3.593   1.00 29.66  ? 159 HOH A O   1 
HETATM 916 O  O   . HOH F 4 .   ? -3.569  7.760   9.056   1.00 34.18  ? 160 HOH A O   1 
HETATM 917 O  O   . HOH F 4 .   ? -2.051  4.198   10.920  1.00 23.63  ? 161 HOH A O   1 
HETATM 918 O  O   . HOH F 4 .   ? 12.820  5.815   4.193   1.00 25.28  ? 162 HOH A O   1 
HETATM 919 O  O   . HOH F 4 .   ? -12.617 -0.432  1.935   1.00 26.65  ? 163 HOH A O   1 
HETATM 920 O  O   . HOH F 4 .   ? -3.570  8.034   5.033   1.00 24.74  ? 164 HOH A O   1 
HETATM 921 O  O   . HOH F 4 .   ? -3.435  -5.036  -20.139 1.00 26.86  ? 165 HOH A O   1 
HETATM 922 O  O   . HOH F 4 .   ? -3.610  -12.668 8.806   1.00 38.74  ? 166 HOH A O   1 
HETATM 923 O  O   . HOH F 4 .   ? 8.420   -11.195 4.313   1.00 37.79  ? 167 HOH A O   1 
HETATM 924 O  O   . HOH F 4 .   ? 4.972   5.925   -16.226 1.00 18.58  ? 168 HOH A O   1 
HETATM 925 O  O   . HOH F 4 .   ? -0.867  -5.659  -21.867 1.00 43.87  ? 169 HOH A O   1 
HETATM 926 O  O   . HOH F 4 .   ? -10.635 -2.353  1.842   1.00 29.63  ? 170 HOH A O   1 
HETATM 927 O  O   . HOH F 4 .   ? -3.029  10.258  7.021   1.00 34.04  ? 171 HOH A O   1 
HETATM 928 O  O   . HOH F 4 .   ? -2.986  10.345  -20.054 1.00 29.48  ? 172 HOH A O   1 
HETATM 929 O  O   . HOH F 4 .   ? -0.072  10.045  -18.864 1.00 35.59  ? 173 HOH A O   1 
HETATM 930 O  O   . HOH F 4 .   ? -5.289  9.329   3.521   1.00 26.91  ? 174 HOH A O   1 
HETATM 931 O  O   . HOH F 4 .   ? -5.597  3.338   -17.203 1.00 22.98  ? 175 HOH A O   1 
HETATM 932 O  O   . HOH F 4 .   ? -5.601  -13.397 -3.319  1.00 40.08  ? 176 HOH A O   1 
HETATM 933 O  O   . HOH F 4 .   ? 0.361   11.970  13.117  1.00 25.74  ? 177 HOH A O   1 
HETATM 934 O  O   . HOH F 4 .   ? -11.239 2.742   -17.720 1.00 35.70  ? 178 HOH A O   1 
# 
loop_
_pdbx_poly_seq_scheme.asym_id 
_pdbx_poly_seq_scheme.entity_id 
_pdbx_poly_seq_scheme.seq_id 
_pdbx_poly_seq_scheme.mon_id 
_pdbx_poly_seq_scheme.ndb_seq_num 
_pdbx_poly_seq_scheme.pdb_seq_num 
_pdbx_poly_seq_scheme.auth_seq_num 
_pdbx_poly_seq_scheme.pdb_mon_id 
_pdbx_poly_seq_scheme.auth_mon_id 
_pdbx_poly_seq_scheme.pdb_strand_id 
_pdbx_poly_seq_scheme.pdb_ins_code 
_pdbx_poly_seq_scheme.hetero 
A 1 1   MET 1   1   ?   ?   ?   A . n 
A 1 2   GLY 2   2   2   GLY GLY A . n 
A 1 3   ILE 3   3   3   ILE ILE A . n 
A 1 4   VAL 4   4   4   VAL VAL A . n 
A 1 5   GLY 5   5   5   GLY GLY A . n 
A 1 6   VAL 6   6   6   VAL VAL A . n 
A 1 7   GLY 7   7   7   GLY GLY A . n 
A 1 8   ILE 8   8   8   ILE ILE A . n 
A 1 9   ASP 9   9   9   ASP ASP A . n 
A 1 10  LEU 10  10  10  LEU LEU A . n 
A 1 11  VAL 11  11  11  VAL VAL A . n 
A 1 12  SER 12  12  12  SER SER A . n 
A 1 13  ILE 13  13  13  ILE ILE A . n 
A 1 14  PRO 14  14  14  PRO PRO A . n 
A 1 15  ASP 15  15  15  ASP ASP A . n 
A 1 16  PHE 16  16  16  PHE PHE A . n 
A 1 17  ALA 17  17  17  ALA ALA A . n 
A 1 18  GLU 18  18  18  GLU GLU A . n 
A 1 19  GLN 19  19  19  GLN GLN A . n 
A 1 20  VAL 20  20  20  VAL VAL A . n 
A 1 21  ASP 21  21  21  ASP ASP A . n 
A 1 22  GLN 22  22  ?   ?   ?   A . n 
A 1 23  PRO 23  23  ?   ?   ?   A . n 
A 1 24  GLY 24  24  ?   ?   ?   A . n 
A 1 25  THR 25  25  ?   ?   ?   A . n 
A 1 26  VAL 26  26  ?   ?   ?   A . n 
A 1 27  PHE 27  27  ?   ?   ?   A . n 
A 1 28  MET 28  28  ?   ?   ?   A . n 
A 1 29  GLU 29  29  ?   ?   ?   A . n 
A 1 30  THR 30  30  30  THR THR A . n 
A 1 31  PHE 31  31  31  PHE PHE A . n 
A 1 32  THR 32  32  32  THR THR A . n 
A 1 33  PRO 33  33  33  PRO PRO A . n 
A 1 34  GLY 34  34  34  GLY GLY A . n 
A 1 35  GLU 35  35  35  GLU GLU A . n 
A 1 36  ARG 36  36  36  ARG ARG A . n 
A 1 37  ARG 37  37  37  ARG ARG A . n 
A 1 38  ASP 38  38  38  ASP ASP A . n 
A 1 39  ALA 39  39  39  ALA ALA A . n 
A 1 40  SER 40  40  40  SER SER A . n 
A 1 41  ASP 41  41  ?   ?   ?   A . n 
A 1 42  LYS 42  42  ?   ?   ?   A . n 
A 1 43  SER 43  43  ?   ?   ?   A . n 
A 1 44  SER 44  44  ?   ?   ?   A . n 
A 1 45  SER 45  45  45  SER SER A . n 
A 1 46  ALA 46  46  46  ALA ALA A . n 
A 1 47  ALA 47  47  47  ALA ALA A . n 
A 1 48  ARG 48  48  48  ARG ARG A . n 
A 1 49  HIS 49  49  49  HIS HIS A . n 
A 1 50  LEU 50  50  50  LEU LEU A . n 
A 1 51  ALA 51  51  51  ALA ALA A . n 
A 1 52  ALA 52  52  52  ALA ALA A . n 
A 1 53  ARG 53  53  53  ARG ARG A . n 
A 1 54  TRP 54  54  54  TRP TRP A . n 
A 1 55  ALA 55  55  55  ALA ALA A . n 
A 1 56  ALA 56  56  56  ALA ALA A . n 
A 1 57  LYS 57  57  57  LYS LYS A . n 
A 1 58  GLU 58  58  58  GLU GLU A . n 
A 1 59  ALA 59  59  59  ALA ALA A . n 
A 1 60  VAL 60  60  60  VAL VAL A . n 
A 1 61  ILE 61  61  61  ILE ILE A . n 
A 1 62  LYS 62  62  62  LYS LYS A . n 
A 1 63  ALA 63  63  63  ALA ALA A . n 
A 1 64  TRP 64  64  64  TRP TRP A . n 
A 1 65  SER 65  65  65  SER SER A . n 
A 1 66  GLY 66  66  66  GLY GLY A . n 
A 1 67  SER 67  67  67  SER SER A . n 
A 1 68  ARG 68  68  68  ARG ARG A . n 
A 1 69  PHE 69  69  69  PHE PHE A . n 
A 1 70  ALA 70  70  70  ALA ALA A . n 
A 1 71  GLN 71  71  71  GLN GLN A . n 
A 1 72  ARG 72  72  72  ARG ARG A . n 
A 1 73  PRO 73  73  73  PRO PRO A . n 
A 1 74  MET 74  74  74  MET MET A . n 
A 1 75  LEU 75  75  ?   ?   ?   A . n 
A 1 76  PRO 76  76  ?   ?   ?   A . n 
A 1 77  GLU 77  77  ?   ?   ?   A . n 
A 1 78  ASP 78  78  ?   ?   ?   A . n 
A 1 79  ILE 79  79  79  ILE ILE A . n 
A 1 80  HIS 80  80  80  HIS HIS A . n 
A 1 81  ARG 81  81  81  ARG ARG A . n 
A 1 82  ASP 82  82  82  ASP ASP A . n 
A 1 83  ILE 83  83  83  ILE ILE A . n 
A 1 84  GLU 84  84  84  GLU GLU A . n 
A 1 85  VAL 85  85  85  VAL VAL A . n 
A 1 86  VAL 86  86  86  VAL VAL A . n 
A 1 87  THR 87  87  87  THR THR A . n 
A 1 88  ASP 88  88  88  ASP ASP A . n 
A 1 89  MET 89  89  89  MET MET A . n 
A 1 90  TRP 90  90  90  TRP TRP A . n 
A 1 91  GLY 91  91  91  GLY GLY A . n 
A 1 92  ARG 92  92  92  ARG ARG A . n 
A 1 93  PRO 93  93  93  PRO PRO A . n 
A 1 94  ARG 94  94  94  ARG ARG A . n 
A 1 95  VAL 95  95  95  VAL VAL A . n 
A 1 96  ARG 96  96  96  ARG ARG A . n 
A 1 97  LEU 97  97  97  LEU LEU A . n 
A 1 98  THR 98  98  98  THR THR A . n 
A 1 99  GLY 99  99  99  GLY GLY A . n 
A 1 100 ALA 100 100 100 ALA ALA A . n 
A 1 101 ILE 101 101 101 ILE ILE A . n 
A 1 102 ALA 102 102 102 ALA ALA A . n 
A 1 103 GLU 103 103 103 GLU GLU A . n 
A 1 104 TYR 104 104 104 TYR TYR A . n 
A 1 105 LEU 105 105 105 LEU LEU A . n 
A 1 106 ALA 106 106 106 ALA ALA A . n 
A 1 107 ASP 107 107 107 ASP ASP A . n 
A 1 108 VAL 108 108 108 VAL VAL A . n 
A 1 109 THR 109 109 109 THR THR A . n 
A 1 110 ILE 110 110 110 ILE ILE A . n 
A 1 111 HIS 111 111 111 HIS HIS A . n 
A 1 112 VAL 112 112 112 VAL VAL A . n 
A 1 113 SER 113 113 113 SER SER A . n 
A 1 114 LEU 114 114 114 LEU LEU A . n 
A 1 115 THR 115 115 115 THR THR A . n 
A 1 116 HIS 116 116 116 HIS HIS A . n 
A 1 117 GLU 117 117 117 GLU GLU A . n 
A 1 118 GLY 118 118 118 GLY GLY A . n 
A 1 119 ASP 119 119 119 ASP ASP A . n 
A 1 120 THR 120 120 120 THR THR A . n 
A 1 121 ALA 121 121 121 ALA ALA A . n 
A 1 122 ALA 122 122 122 ALA ALA A . n 
A 1 123 ALA 123 123 123 ALA ALA A . n 
A 1 124 VAL 124 124 124 VAL VAL A . n 
A 1 125 ALA 125 125 125 ALA ALA A . n 
A 1 126 ILE 126 126 126 ILE ILE A . n 
A 1 127 LEU 127 127 127 LEU LEU A . n 
A 1 128 GLU 128 128 128 GLU GLU A . n 
A 1 129 ALA 129 129 129 ALA ALA A . n 
A 1 130 PRO 130 130 130 PRO PRO A . n 
# 
_pdbx_SG_project.id                    1 
_pdbx_SG_project.project_name          ? 
_pdbx_SG_project.full_name_of_center   'Israel Structural Proteomics Center' 
_pdbx_SG_project.initial_of_center     ISPC 
# 
loop_
_pdbx_nonpoly_scheme.asym_id 
_pdbx_nonpoly_scheme.entity_id 
_pdbx_nonpoly_scheme.mon_id 
_pdbx_nonpoly_scheme.ndb_seq_num 
_pdbx_nonpoly_scheme.pdb_seq_num 
_pdbx_nonpoly_scheme.auth_seq_num 
_pdbx_nonpoly_scheme.pdb_mon_id 
_pdbx_nonpoly_scheme.auth_mon_id 
_pdbx_nonpoly_scheme.pdb_strand_id 
_pdbx_nonpoly_scheme.pdb_ins_code 
B 2 MG  1  131 131 MG  MG  A . 
C 2 MG  1  134 134 MG  MG  A . 
D 2 MG  1  145 145 MG  MG  A . 
E 3 COA 1  150 150 COA COA A . 
F 4 HOH 1  132 132 HOH HOH A . 
F 4 HOH 2  133 133 HOH HOH A . 
F 4 HOH 3  135 135 HOH HOH A . 
F 4 HOH 4  136 136 HOH HOH A . 
F 4 HOH 5  137 137 HOH HOH A . 
F 4 HOH 6  138 138 HOH HOH A . 
F 4 HOH 7  139 139 HOH HOH A . 
F 4 HOH 8  140 140 HOH HOH A . 
F 4 HOH 9  141 141 HOH HOH A . 
F 4 HOH 10 142 142 HOH HOH A . 
F 4 HOH 11 143 143 HOH HOH A . 
F 4 HOH 12 144 1   HOH HOH A . 
F 4 HOH 13 146 146 HOH HOH A . 
F 4 HOH 14 147 147 HOH HOH A . 
F 4 HOH 15 148 148 HOH HOH A . 
F 4 HOH 16 149 149 HOH HOH A . 
F 4 HOH 17 151 2   HOH HOH A . 
F 4 HOH 18 152 3   HOH HOH A . 
F 4 HOH 19 153 5   HOH HOH A . 
F 4 HOH 20 154 6   HOH HOH A . 
F 4 HOH 21 155 7   HOH HOH A . 
F 4 HOH 22 156 8   HOH HOH A . 
F 4 HOH 23 157 9   HOH HOH A . 
F 4 HOH 24 158 10  HOH HOH A . 
F 4 HOH 25 159 11  HOH HOH A . 
F 4 HOH 26 160 12  HOH HOH A . 
F 4 HOH 27 161 13  HOH HOH A . 
F 4 HOH 28 162 14  HOH HOH A . 
F 4 HOH 29 163 18  HOH HOH A . 
F 4 HOH 30 164 20  HOH HOH A . 
F 4 HOH 31 165 29  HOH HOH A . 
F 4 HOH 32 166 30  HOH HOH A . 
F 4 HOH 33 167 40  HOH HOH A . 
F 4 HOH 34 168 41  HOH HOH A . 
F 4 HOH 35 169 42  HOH HOH A . 
F 4 HOH 36 170 44  HOH HOH A . 
F 4 HOH 37 171 45  HOH HOH A . 
F 4 HOH 38 172 46  HOH HOH A . 
F 4 HOH 39 173 47  HOH HOH A . 
F 4 HOH 40 174 51  HOH HOH A . 
F 4 HOH 41 175 55  HOH HOH A . 
F 4 HOH 42 176 57  HOH HOH A . 
F 4 HOH 43 177 61  HOH HOH A . 
F 4 HOH 44 178 67  HOH HOH A . 
# 
_pdbx_struct_assembly.id                   1 
_pdbx_struct_assembly.details              author_defined_assembly 
_pdbx_struct_assembly.method_details       ? 
_pdbx_struct_assembly.oligomeric_details   trimeric 
_pdbx_struct_assembly.oligomeric_count     3 
# 
_pdbx_struct_assembly_gen.assembly_id       1 
_pdbx_struct_assembly_gen.oper_expression   1,2,3 
_pdbx_struct_assembly_gen.asym_id_list      A,B,C,D,E,F 
# 
loop_
_pdbx_struct_oper_list.id 
_pdbx_struct_oper_list.type 
_pdbx_struct_oper_list.name 
_pdbx_struct_oper_list.symmetry_operation 
_pdbx_struct_oper_list.matrix[1][1] 
_pdbx_struct_oper_list.matrix[1][2] 
_pdbx_struct_oper_list.matrix[1][3] 
_pdbx_struct_oper_list.vector[1] 
_pdbx_struct_oper_list.matrix[2][1] 
_pdbx_struct_oper_list.matrix[2][2] 
_pdbx_struct_oper_list.matrix[2][3] 
_pdbx_struct_oper_list.vector[2] 
_pdbx_struct_oper_list.matrix[3][1] 
_pdbx_struct_oper_list.matrix[3][2] 
_pdbx_struct_oper_list.matrix[3][3] 
_pdbx_struct_oper_list.vector[3] 
1 'identity operation'         1_555 x,y,z 1.0000000000  0.0000000000  0.0000000000  0.0000000000  0.0000000000  1.0000000000  0.0000000000 0.0000000000  0.0000000000  0.0000000000 1.0000000000 0.0000000000  
2 'crystal symmetry operation' 5_555 z,x,y -0.4884625796 -0.8134915255 0.3156514631  19.0286540653 0.8705304584  -0.4295024416 0.2402173467 11.4034096429 -0.0598417017 0.3921213977 0.9179650212 -4.2591083037 
3 'crystal symmetry operation' 9_555 y,z,x -0.4884625796 0.8705304584  -0.0598417017 -0.8871022608 -0.8134915255 -0.4295024416 0.3921213977 22.0475286095 0.3156514631  0.2402173467 0.9179650212 -4.8360068605 
# 
_pdbx_struct_special_symmetry.id              1 
_pdbx_struct_special_symmetry.PDB_model_num   1 
_pdbx_struct_special_symmetry.auth_asym_id    A 
_pdbx_struct_special_symmetry.auth_comp_id    HOH 
_pdbx_struct_special_symmetry.auth_seq_id     143 
_pdbx_struct_special_symmetry.PDB_ins_code    ? 
_pdbx_struct_special_symmetry.label_asym_id   F 
_pdbx_struct_special_symmetry.label_comp_id   HOH 
_pdbx_struct_special_symmetry.label_seq_id    . 
# 
loop_
_pdbx_struct_conn_angle.id 
_pdbx_struct_conn_angle.ptnr1_label_atom_id 
_pdbx_struct_conn_angle.ptnr1_label_alt_id 
_pdbx_struct_conn_angle.ptnr1_label_asym_id 
_pdbx_struct_conn_angle.ptnr1_label_comp_id 
_pdbx_struct_conn_angle.ptnr1_label_seq_id 
_pdbx_struct_conn_angle.ptnr1_auth_atom_id 
_pdbx_struct_conn_angle.ptnr1_auth_asym_id 
_pdbx_struct_conn_angle.ptnr1_auth_comp_id 
_pdbx_struct_conn_angle.ptnr1_auth_seq_id 
_pdbx_struct_conn_angle.ptnr1_PDB_ins_code 
_pdbx_struct_conn_angle.ptnr1_symmetry 
_pdbx_struct_conn_angle.ptnr2_label_atom_id 
_pdbx_struct_conn_angle.ptnr2_label_alt_id 
_pdbx_struct_conn_angle.ptnr2_label_asym_id 
_pdbx_struct_conn_angle.ptnr2_label_comp_id 
_pdbx_struct_conn_angle.ptnr2_label_seq_id 
_pdbx_struct_conn_angle.ptnr2_auth_atom_id 
_pdbx_struct_conn_angle.ptnr2_auth_asym_id 
_pdbx_struct_conn_angle.ptnr2_auth_comp_id 
_pdbx_struct_conn_angle.ptnr2_auth_seq_id 
_pdbx_struct_conn_angle.ptnr2_PDB_ins_code 
_pdbx_struct_conn_angle.ptnr2_symmetry 
_pdbx_struct_conn_angle.ptnr3_label_atom_id 
_pdbx_struct_conn_angle.ptnr3_label_alt_id 
_pdbx_struct_conn_angle.ptnr3_label_asym_id 
_pdbx_struct_conn_angle.ptnr3_label_comp_id 
_pdbx_struct_conn_angle.ptnr3_label_seq_id 
_pdbx_struct_conn_angle.ptnr3_auth_atom_id 
_pdbx_struct_conn_angle.ptnr3_auth_asym_id 
_pdbx_struct_conn_angle.ptnr3_auth_comp_id 
_pdbx_struct_conn_angle.ptnr3_auth_seq_id 
_pdbx_struct_conn_angle.ptnr3_PDB_ins_code 
_pdbx_struct_conn_angle.ptnr3_symmetry 
_pdbx_struct_conn_angle.value 
_pdbx_struct_conn_angle.value_esd 
1  O   ? A HIS 116 ? A HIS 116 ? 1_555 MG ? D MG . ? A MG 145 ? 1_555 ND1 ? A HIS 116 ? A HIS 116 ? 1_555 93.4  ? 
2  O   ? A HIS 116 ? A HIS 116 ? 1_555 MG ? D MG . ? A MG 145 ? 1_555 O   ? F HOH .   ? A HOH 146 ? 1_555 83.5  ? 
3  ND1 ? A HIS 116 ? A HIS 116 ? 1_555 MG ? D MG . ? A MG 145 ? 1_555 O   ? F HOH .   ? A HOH 146 ? 1_555 176.5 ? 
4  O   ? A HIS 116 ? A HIS 116 ? 1_555 MG ? D MG . ? A MG 145 ? 1_555 O   ? F HOH .   ? A HOH 147 ? 1_555 170.6 ? 
5  ND1 ? A HIS 116 ? A HIS 116 ? 1_555 MG ? D MG . ? A MG 145 ? 1_555 O   ? F HOH .   ? A HOH 147 ? 1_555 96.0  ? 
6  O   ? F HOH .   ? A HOH 146 ? 1_555 MG ? D MG . ? A MG 145 ? 1_555 O   ? F HOH .   ? A HOH 147 ? 1_555 87.1  ? 
7  O   ? A HIS 116 ? A HIS 116 ? 1_555 MG ? D MG . ? A MG 145 ? 1_555 O   ? F HOH .   ? A HOH 148 ? 1_555 88.2  ? 
8  ND1 ? A HIS 116 ? A HIS 116 ? 1_555 MG ? D MG . ? A MG 145 ? 1_555 O   ? F HOH .   ? A HOH 148 ? 1_555 93.9  ? 
9  O   ? F HOH .   ? A HOH 146 ? 1_555 MG ? D MG . ? A MG 145 ? 1_555 O   ? F HOH .   ? A HOH 148 ? 1_555 87.6  ? 
10 O   ? F HOH .   ? A HOH 147 ? 1_555 MG ? D MG . ? A MG 145 ? 1_555 O   ? F HOH .   ? A HOH 148 ? 1_555 91.3  ? 
11 O   ? A HIS 116 ? A HIS 116 ? 1_555 MG ? D MG . ? A MG 145 ? 1_555 O3A ? E COA .   ? A COA 150 ? 1_555 91.5  ? 
12 ND1 ? A HIS 116 ? A HIS 116 ? 1_555 MG ? D MG . ? A MG 145 ? 1_555 O3A ? E COA .   ? A COA 150 ? 1_555 82.4  ? 
13 O   ? F HOH .   ? A HOH 146 ? 1_555 MG ? D MG . ? A MG 145 ? 1_555 O3A ? E COA .   ? A COA 150 ? 1_555 96.1  ? 
14 O   ? F HOH .   ? A HOH 147 ? 1_555 MG ? D MG . ? A MG 145 ? 1_555 O3A ? E COA .   ? A COA 150 ? 1_555 89.6  ? 
15 O   ? F HOH .   ? A HOH 148 ? 1_555 MG ? D MG . ? A MG 145 ? 1_555 O3A ? E COA .   ? A COA 150 ? 1_555 176.3 ? 
16 O   ? F HOH .   ? A HOH 132 ? 1_555 MG ? B MG . ? A MG 131 ? 1_555 O   ? F HOH .   ? A HOH 133 ? 1_555 85.8  ? 
17 O   ? F HOH .   ? A HOH 135 ? 1_555 MG ? C MG . ? A MG 134 ? 1_555 O   ? F HOH .   ? A HOH 136 ? 1_555 90.9  ? 
18 O   ? F HOH .   ? A HOH 135 ? 1_555 MG ? C MG . ? A MG 134 ? 1_555 O   ? F HOH .   ? A HOH 137 ? 1_555 88.4  ? 
19 O   ? F HOH .   ? A HOH 136 ? 1_555 MG ? C MG . ? A MG 134 ? 1_555 O   ? F HOH .   ? A HOH 137 ? 1_555 85.7  ? 
20 O   ? F HOH .   ? A HOH 135 ? 1_555 MG ? C MG . ? A MG 134 ? 1_555 O   ? F HOH .   ? A HOH 139 ? 1_555 90.7  ? 
21 O   ? F HOH .   ? A HOH 136 ? 1_555 MG ? C MG . ? A MG 134 ? 1_555 O   ? F HOH .   ? A HOH 139 ? 1_555 178.3 ? 
22 O   ? F HOH .   ? A HOH 137 ? 1_555 MG ? C MG . ? A MG 134 ? 1_555 O   ? F HOH .   ? A HOH 139 ? 1_555 93.8  ? 
23 O   ? F HOH .   ? A HOH 135 ? 1_555 MG ? C MG . ? A MG 134 ? 1_555 O1A ? E COA .   ? A COA 150 ? 1_555 179.3 ? 
24 O   ? F HOH .   ? A HOH 136 ? 1_555 MG ? C MG . ? A MG 134 ? 1_555 O1A ? E COA .   ? A COA 150 ? 1_555 89.8  ? 
25 O   ? F HOH .   ? A HOH 137 ? 1_555 MG ? C MG . ? A MG 134 ? 1_555 O1A ? E COA .   ? A COA 150 ? 1_555 91.7  ? 
26 O   ? F HOH .   ? A HOH 139 ? 1_555 MG ? C MG . ? A MG 134 ? 1_555 O1A ? E COA .   ? A COA 150 ? 1_555 88.7  ? 
# 
loop_
_pdbx_audit_revision_history.ordinal 
_pdbx_audit_revision_history.data_content_type 
_pdbx_audit_revision_history.major_revision 
_pdbx_audit_revision_history.minor_revision 
_pdbx_audit_revision_history.revision_date 
1 'Structure model' 1 0 2009-09-15 
2 'Structure model' 1 1 2011-07-13 
3 'Structure model' 1 2 2021-10-13 
4 'Structure model' 1 3 2023-09-06 
# 
_pdbx_audit_revision_details.ordinal             1 
_pdbx_audit_revision_details.revision_ordinal    1 
_pdbx_audit_revision_details.data_content_type   'Structure model' 
_pdbx_audit_revision_details.provider            repository 
_pdbx_audit_revision_details.type                'Initial release' 
_pdbx_audit_revision_details.description         ? 
_pdbx_audit_revision_details.details             ? 
# 
loop_
_pdbx_audit_revision_group.ordinal 
_pdbx_audit_revision_group.revision_ordinal 
_pdbx_audit_revision_group.data_content_type 
_pdbx_audit_revision_group.group 
1 2 'Structure model' 'Version format compliance' 
2 3 'Structure model' Advisory                    
3 3 'Structure model' 'Database references'       
4 3 'Structure model' 'Derived calculations'      
5 4 'Structure model' 'Data collection'           
6 4 'Structure model' 'Refinement description'    
# 
loop_
_pdbx_audit_revision_category.ordinal 
_pdbx_audit_revision_category.revision_ordinal 
_pdbx_audit_revision_category.data_content_type 
_pdbx_audit_revision_category.category 
1  3 'Structure model' database_2                    
2  3 'Structure model' pdbx_database_related         
3  3 'Structure model' pdbx_struct_conn_angle        
4  3 'Structure model' pdbx_unobs_or_zero_occ_atoms  
5  3 'Structure model' struct_conn                   
6  3 'Structure model' struct_ref_seq_dif            
7  3 'Structure model' struct_site                   
8  4 'Structure model' chem_comp_atom                
9  4 'Structure model' chem_comp_bond                
10 4 'Structure model' pdbx_initial_refinement_model 
# 
loop_
_pdbx_audit_revision_item.ordinal 
_pdbx_audit_revision_item.revision_ordinal 
_pdbx_audit_revision_item.data_content_type 
_pdbx_audit_revision_item.item 
1  3 'Structure model' '_database_2.pdbx_DOI'                        
2  3 'Structure model' '_database_2.pdbx_database_accession'         
3  3 'Structure model' '_pdbx_database_related.db_name'              
4  3 'Structure model' '_pdbx_struct_conn_angle.ptnr1_auth_comp_id'  
5  3 'Structure model' '_pdbx_struct_conn_angle.ptnr1_auth_seq_id'   
6  3 'Structure model' '_pdbx_struct_conn_angle.ptnr1_label_asym_id' 
7  3 'Structure model' '_pdbx_struct_conn_angle.ptnr1_label_atom_id' 
8  3 'Structure model' '_pdbx_struct_conn_angle.ptnr1_label_comp_id' 
9  3 'Structure model' '_pdbx_struct_conn_angle.ptnr3_auth_comp_id'  
10 3 'Structure model' '_pdbx_struct_conn_angle.ptnr3_auth_seq_id'   
11 3 'Structure model' '_pdbx_struct_conn_angle.ptnr3_label_asym_id' 
12 3 'Structure model' '_pdbx_struct_conn_angle.ptnr3_label_atom_id' 
13 3 'Structure model' '_pdbx_struct_conn_angle.ptnr3_label_comp_id' 
14 3 'Structure model' '_pdbx_struct_conn_angle.value'               
15 3 'Structure model' '_struct_conn.pdbx_dist_value'                
16 3 'Structure model' '_struct_conn.ptnr1_auth_seq_id'              
17 3 'Structure model' '_struct_conn.ptnr1_label_asym_id'            
18 3 'Structure model' '_struct_conn.ptnr2_auth_comp_id'             
19 3 'Structure model' '_struct_conn.ptnr2_auth_seq_id'              
20 3 'Structure model' '_struct_conn.ptnr2_label_asym_id'            
21 3 'Structure model' '_struct_conn.ptnr2_label_atom_id'            
22 3 'Structure model' '_struct_conn.ptnr2_label_comp_id'            
23 3 'Structure model' '_struct_ref_seq_dif.details'                 
24 3 'Structure model' '_struct_site.pdbx_auth_asym_id'              
25 3 'Structure model' '_struct_site.pdbx_auth_comp_id'              
26 3 'Structure model' '_struct_site.pdbx_auth_seq_id'               
# 
loop_
_software.name 
_software.classification 
_software.version 
_software.citation_id 
_software.pdbx_ordinal 
HKL-2000  'data collection' .        ? 1 
PHASER    phasing           .        ? 2 
REFMAC    refinement        5.2.0019 ? 3 
DENZO     'data reduction'  .        ? 4 
SCALEPACK 'data scaling'    .        ? 5 
# 
_pdbx_validate_rmsd_angle.id                         1 
_pdbx_validate_rmsd_angle.PDB_model_num              1 
_pdbx_validate_rmsd_angle.auth_atom_id_1             C 
_pdbx_validate_rmsd_angle.auth_asym_id_1             A 
_pdbx_validate_rmsd_angle.auth_comp_id_1             ALA 
_pdbx_validate_rmsd_angle.auth_seq_id_1              129 
_pdbx_validate_rmsd_angle.PDB_ins_code_1             ? 
_pdbx_validate_rmsd_angle.label_alt_id_1             ? 
_pdbx_validate_rmsd_angle.auth_atom_id_2             N 
_pdbx_validate_rmsd_angle.auth_asym_id_2             A 
_pdbx_validate_rmsd_angle.auth_comp_id_2             PRO 
_pdbx_validate_rmsd_angle.auth_seq_id_2              130 
_pdbx_validate_rmsd_angle.PDB_ins_code_2             ? 
_pdbx_validate_rmsd_angle.label_alt_id_2             ? 
_pdbx_validate_rmsd_angle.auth_atom_id_3             CD 
_pdbx_validate_rmsd_angle.auth_asym_id_3             A 
_pdbx_validate_rmsd_angle.auth_comp_id_3             PRO 
_pdbx_validate_rmsd_angle.auth_seq_id_3              130 
_pdbx_validate_rmsd_angle.PDB_ins_code_3             ? 
_pdbx_validate_rmsd_angle.label_alt_id_3             ? 
_pdbx_validate_rmsd_angle.angle_value                109.63 
_pdbx_validate_rmsd_angle.angle_target_value         128.40 
_pdbx_validate_rmsd_angle.angle_deviation            -18.77 
_pdbx_validate_rmsd_angle.angle_standard_deviation   2.10 
_pdbx_validate_rmsd_angle.linker_flag                Y 
# 
_pdbx_validate_torsion.id              1 
_pdbx_validate_torsion.PDB_model_num   1 
_pdbx_validate_torsion.auth_comp_id    ALA 
_pdbx_validate_torsion.auth_asym_id    A 
_pdbx_validate_torsion.auth_seq_id     129 
_pdbx_validate_torsion.PDB_ins_code    ? 
_pdbx_validate_torsion.label_alt_id    ? 
_pdbx_validate_torsion.phi             -125.15 
_pdbx_validate_torsion.psi             -167.87 
# 
loop_
_pdbx_unobs_or_zero_occ_residues.id 
_pdbx_unobs_or_zero_occ_residues.PDB_model_num 
_pdbx_unobs_or_zero_occ_residues.polymer_flag 
_pdbx_unobs_or_zero_occ_residues.occupancy_flag 
_pdbx_unobs_or_zero_occ_residues.auth_asym_id 
_pdbx_unobs_or_zero_occ_residues.auth_comp_id 
_pdbx_unobs_or_zero_occ_residues.auth_seq_id 
_pdbx_unobs_or_zero_occ_residues.PDB_ins_code 
_pdbx_unobs_or_zero_occ_residues.label_asym_id 
_pdbx_unobs_or_zero_occ_residues.label_comp_id 
_pdbx_unobs_or_zero_occ_residues.label_seq_id 
1  1 Y 1 A MET 1  ? A MET 1  
2  1 Y 1 A GLN 22 ? A GLN 22 
3  1 Y 1 A PRO 23 ? A PRO 23 
4  1 Y 1 A GLY 24 ? A GLY 24 
5  1 Y 1 A THR 25 ? A THR 25 
6  1 Y 1 A VAL 26 ? A VAL 26 
7  1 Y 1 A PHE 27 ? A PHE 27 
8  1 Y 1 A MET 28 ? A MET 28 
9  1 Y 1 A GLU 29 ? A GLU 29 
10 1 Y 1 A ASP 41 ? A ASP 41 
11 1 Y 1 A LYS 42 ? A LYS 42 
12 1 Y 1 A SER 43 ? A SER 43 
13 1 Y 1 A SER 44 ? A SER 44 
14 1 Y 1 A LEU 75 ? A LEU 75 
15 1 Y 1 A PRO 76 ? A PRO 76 
16 1 Y 1 A GLU 77 ? A GLU 77 
17 1 Y 1 A ASP 78 ? A ASP 78 
# 
loop_
_chem_comp_atom.comp_id 
_chem_comp_atom.atom_id 
_chem_comp_atom.type_symbol 
_chem_comp_atom.pdbx_aromatic_flag 
_chem_comp_atom.pdbx_stereo_config 
_chem_comp_atom.pdbx_ordinal 
ALA N    N  N N 1   
ALA CA   C  N S 2   
ALA C    C  N N 3   
ALA O    O  N N 4   
ALA CB   C  N N 5   
ALA OXT  O  N N 6   
ALA H    H  N N 7   
ALA H2   H  N N 8   
ALA HA   H  N N 9   
ALA HB1  H  N N 10  
ALA HB2  H  N N 11  
ALA HB3  H  N N 12  
ALA HXT  H  N N 13  
ARG N    N  N N 14  
ARG CA   C  N S 15  
ARG C    C  N N 16  
ARG O    O  N N 17  
ARG CB   C  N N 18  
ARG CG   C  N N 19  
ARG CD   C  N N 20  
ARG NE   N  N N 21  
ARG CZ   C  N N 22  
ARG NH1  N  N N 23  
ARG NH2  N  N N 24  
ARG OXT  O  N N 25  
ARG H    H  N N 26  
ARG H2   H  N N 27  
ARG HA   H  N N 28  
ARG HB2  H  N N 29  
ARG HB3  H  N N 30  
ARG HG2  H  N N 31  
ARG HG3  H  N N 32  
ARG HD2  H  N N 33  
ARG HD3  H  N N 34  
ARG HE   H  N N 35  
ARG HH11 H  N N 36  
ARG HH12 H  N N 37  
ARG HH21 H  N N 38  
ARG HH22 H  N N 39  
ARG HXT  H  N N 40  
ASP N    N  N N 41  
ASP CA   C  N S 42  
ASP C    C  N N 43  
ASP O    O  N N 44  
ASP CB   C  N N 45  
ASP CG   C  N N 46  
ASP OD1  O  N N 47  
ASP OD2  O  N N 48  
ASP OXT  O  N N 49  
ASP H    H  N N 50  
ASP H2   H  N N 51  
ASP HA   H  N N 52  
ASP HB2  H  N N 53  
ASP HB3  H  N N 54  
ASP HD2  H  N N 55  
ASP HXT  H  N N 56  
COA N1A  N  Y N 57  
COA C2A  C  Y N 58  
COA N3A  N  Y N 59  
COA C4A  C  Y N 60  
COA C5A  C  Y N 61  
COA C6A  C  Y N 62  
COA N6A  N  N N 63  
COA N7A  N  Y N 64  
COA C8A  C  Y N 65  
COA N9A  N  Y N 66  
COA C1B  C  N R 67  
COA C2B  C  N R 68  
COA O2B  O  N N 69  
COA C3B  C  N S 70  
COA O3B  O  N N 71  
COA P3B  P  N N 72  
COA O7A  O  N N 73  
COA O8A  O  N N 74  
COA O9A  O  N N 75  
COA C4B  C  N R 76  
COA O4B  O  N N 77  
COA C5B  C  N N 78  
COA O5B  O  N N 79  
COA P1A  P  N S 80  
COA O1A  O  N N 81  
COA O2A  O  N N 82  
COA O3A  O  N N 83  
COA P2A  P  N S 84  
COA O4A  O  N N 85  
COA O5A  O  N N 86  
COA O6A  O  N N 87  
COA CBP  C  N N 88  
COA CCP  C  N N 89  
COA CDP  C  N N 90  
COA CEP  C  N N 91  
COA CAP  C  N R 92  
COA OAP  O  N N 93  
COA C9P  C  N N 94  
COA O9P  O  N N 95  
COA N8P  N  N N 96  
COA C7P  C  N N 97  
COA C6P  C  N N 98  
COA C5P  C  N N 99  
COA O5P  O  N N 100 
COA N4P  N  N N 101 
COA C3P  C  N N 102 
COA C2P  C  N N 103 
COA S1P  S  N N 104 
COA H2A  H  N N 105 
COA H61A H  N N 106 
COA H62A H  N N 107 
COA H8A  H  N N 108 
COA H1B  H  N N 109 
COA H2B  H  N N 110 
COA HO2A H  N N 111 
COA H3B  H  N N 112 
COA HOA8 H  N N 113 
COA HOA9 H  N N 114 
COA H4B  H  N N 115 
COA H51A H  N N 116 
COA H52A H  N N 117 
COA HOA2 H  N N 118 
COA HOA5 H  N N 119 
COA H121 H  N N 120 
COA H122 H  N N 121 
COA H131 H  N N 122 
COA H132 H  N N 123 
COA H133 H  N N 124 
COA H141 H  N N 125 
COA H142 H  N N 126 
COA H143 H  N N 127 
COA H10  H  N N 128 
COA HO1  H  N N 129 
COA HN8  H  N N 130 
COA H71  H  N N 131 
COA H72  H  N N 132 
COA H61  H  N N 133 
COA H62  H  N N 134 
COA HN4  H  N N 135 
COA H31  H  N N 136 
COA H32  H  N N 137 
COA H21  H  N N 138 
COA H22  H  N N 139 
COA HS1  H  N N 140 
GLN N    N  N N 141 
GLN CA   C  N S 142 
GLN C    C  N N 143 
GLN O    O  N N 144 
GLN CB   C  N N 145 
GLN CG   C  N N 146 
GLN CD   C  N N 147 
GLN OE1  O  N N 148 
GLN NE2  N  N N 149 
GLN OXT  O  N N 150 
GLN H    H  N N 151 
GLN H2   H  N N 152 
GLN HA   H  N N 153 
GLN HB2  H  N N 154 
GLN HB3  H  N N 155 
GLN HG2  H  N N 156 
GLN HG3  H  N N 157 
GLN HE21 H  N N 158 
GLN HE22 H  N N 159 
GLN HXT  H  N N 160 
GLU N    N  N N 161 
GLU CA   C  N S 162 
GLU C    C  N N 163 
GLU O    O  N N 164 
GLU CB   C  N N 165 
GLU CG   C  N N 166 
GLU CD   C  N N 167 
GLU OE1  O  N N 168 
GLU OE2  O  N N 169 
GLU OXT  O  N N 170 
GLU H    H  N N 171 
GLU H2   H  N N 172 
GLU HA   H  N N 173 
GLU HB2  H  N N 174 
GLU HB3  H  N N 175 
GLU HG2  H  N N 176 
GLU HG3  H  N N 177 
GLU HE2  H  N N 178 
GLU HXT  H  N N 179 
GLY N    N  N N 180 
GLY CA   C  N N 181 
GLY C    C  N N 182 
GLY O    O  N N 183 
GLY OXT  O  N N 184 
GLY H    H  N N 185 
GLY H2   H  N N 186 
GLY HA2  H  N N 187 
GLY HA3  H  N N 188 
GLY HXT  H  N N 189 
HIS N    N  N N 190 
HIS CA   C  N S 191 
HIS C    C  N N 192 
HIS O    O  N N 193 
HIS CB   C  N N 194 
HIS CG   C  Y N 195 
HIS ND1  N  Y N 196 
HIS CD2  C  Y N 197 
HIS CE1  C  Y N 198 
HIS NE2  N  Y N 199 
HIS OXT  O  N N 200 
HIS H    H  N N 201 
HIS H2   H  N N 202 
HIS HA   H  N N 203 
HIS HB2  H  N N 204 
HIS HB3  H  N N 205 
HIS HD1  H  N N 206 
HIS HD2  H  N N 207 
HIS HE1  H  N N 208 
HIS HE2  H  N N 209 
HIS HXT  H  N N 210 
HOH O    O  N N 211 
HOH H1   H  N N 212 
HOH H2   H  N N 213 
ILE N    N  N N 214 
ILE CA   C  N S 215 
ILE C    C  N N 216 
ILE O    O  N N 217 
ILE CB   C  N S 218 
ILE CG1  C  N N 219 
ILE CG2  C  N N 220 
ILE CD1  C  N N 221 
ILE OXT  O  N N 222 
ILE H    H  N N 223 
ILE H2   H  N N 224 
ILE HA   H  N N 225 
ILE HB   H  N N 226 
ILE HG12 H  N N 227 
ILE HG13 H  N N 228 
ILE HG21 H  N N 229 
ILE HG22 H  N N 230 
ILE HG23 H  N N 231 
ILE HD11 H  N N 232 
ILE HD12 H  N N 233 
ILE HD13 H  N N 234 
ILE HXT  H  N N 235 
LEU N    N  N N 236 
LEU CA   C  N S 237 
LEU C    C  N N 238 
LEU O    O  N N 239 
LEU CB   C  N N 240 
LEU CG   C  N N 241 
LEU CD1  C  N N 242 
LEU CD2  C  N N 243 
LEU OXT  O  N N 244 
LEU H    H  N N 245 
LEU H2   H  N N 246 
LEU HA   H  N N 247 
LEU HB2  H  N N 248 
LEU HB3  H  N N 249 
LEU HG   H  N N 250 
LEU HD11 H  N N 251 
LEU HD12 H  N N 252 
LEU HD13 H  N N 253 
LEU HD21 H  N N 254 
LEU HD22 H  N N 255 
LEU HD23 H  N N 256 
LEU HXT  H  N N 257 
LYS N    N  N N 258 
LYS CA   C  N S 259 
LYS C    C  N N 260 
LYS O    O  N N 261 
LYS CB   C  N N 262 
LYS CG   C  N N 263 
LYS CD   C  N N 264 
LYS CE   C  N N 265 
LYS NZ   N  N N 266 
LYS OXT  O  N N 267 
LYS H    H  N N 268 
LYS H2   H  N N 269 
LYS HA   H  N N 270 
LYS HB2  H  N N 271 
LYS HB3  H  N N 272 
LYS HG2  H  N N 273 
LYS HG3  H  N N 274 
LYS HD2  H  N N 275 
LYS HD3  H  N N 276 
LYS HE2  H  N N 277 
LYS HE3  H  N N 278 
LYS HZ1  H  N N 279 
LYS HZ2  H  N N 280 
LYS HZ3  H  N N 281 
LYS HXT  H  N N 282 
MET N    N  N N 283 
MET CA   C  N S 284 
MET C    C  N N 285 
MET O    O  N N 286 
MET CB   C  N N 287 
MET CG   C  N N 288 
MET SD   S  N N 289 
MET CE   C  N N 290 
MET OXT  O  N N 291 
MET H    H  N N 292 
MET H2   H  N N 293 
MET HA   H  N N 294 
MET HB2  H  N N 295 
MET HB3  H  N N 296 
MET HG2  H  N N 297 
MET HG3  H  N N 298 
MET HE1  H  N N 299 
MET HE2  H  N N 300 
MET HE3  H  N N 301 
MET HXT  H  N N 302 
MG  MG   MG N N 303 
PHE N    N  N N 304 
PHE CA   C  N S 305 
PHE C    C  N N 306 
PHE O    O  N N 307 
PHE CB   C  N N 308 
PHE CG   C  Y N 309 
PHE CD1  C  Y N 310 
PHE CD2  C  Y N 311 
PHE CE1  C  Y N 312 
PHE CE2  C  Y N 313 
PHE CZ   C  Y N 314 
PHE OXT  O  N N 315 
PHE H    H  N N 316 
PHE H2   H  N N 317 
PHE HA   H  N N 318 
PHE HB2  H  N N 319 
PHE HB3  H  N N 320 
PHE HD1  H  N N 321 
PHE HD2  H  N N 322 
PHE HE1  H  N N 323 
PHE HE2  H  N N 324 
PHE HZ   H  N N 325 
PHE HXT  H  N N 326 
PRO N    N  N N 327 
PRO CA   C  N S 328 
PRO C    C  N N 329 
PRO O    O  N N 330 
PRO CB   C  N N 331 
PRO CG   C  N N 332 
PRO CD   C  N N 333 
PRO OXT  O  N N 334 
PRO H    H  N N 335 
PRO HA   H  N N 336 
PRO HB2  H  N N 337 
PRO HB3  H  N N 338 
PRO HG2  H  N N 339 
PRO HG3  H  N N 340 
PRO HD2  H  N N 341 
PRO HD3  H  N N 342 
PRO HXT  H  N N 343 
SER N    N  N N 344 
SER CA   C  N S 345 
SER C    C  N N 346 
SER O    O  N N 347 
SER CB   C  N N 348 
SER OG   O  N N 349 
SER OXT  O  N N 350 
SER H    H  N N 351 
SER H2   H  N N 352 
SER HA   H  N N 353 
SER HB2  H  N N 354 
SER HB3  H  N N 355 
SER HG   H  N N 356 
SER HXT  H  N N 357 
THR N    N  N N 358 
THR CA   C  N S 359 
THR C    C  N N 360 
THR O    O  N N 361 
THR CB   C  N R 362 
THR OG1  O  N N 363 
THR CG2  C  N N 364 
THR OXT  O  N N 365 
THR H    H  N N 366 
THR H2   H  N N 367 
THR HA   H  N N 368 
THR HB   H  N N 369 
THR HG1  H  N N 370 
THR HG21 H  N N 371 
THR HG22 H  N N 372 
THR HG23 H  N N 373 
THR HXT  H  N N 374 
TRP N    N  N N 375 
TRP CA   C  N S 376 
TRP C    C  N N 377 
TRP O    O  N N 378 
TRP CB   C  N N 379 
TRP CG   C  Y N 380 
TRP CD1  C  Y N 381 
TRP CD2  C  Y N 382 
TRP NE1  N  Y N 383 
TRP CE2  C  Y N 384 
TRP CE3  C  Y N 385 
TRP CZ2  C  Y N 386 
TRP CZ3  C  Y N 387 
TRP CH2  C  Y N 388 
TRP OXT  O  N N 389 
TRP H    H  N N 390 
TRP H2   H  N N 391 
TRP HA   H  N N 392 
TRP HB2  H  N N 393 
TRP HB3  H  N N 394 
TRP HD1  H  N N 395 
TRP HE1  H  N N 396 
TRP HE3  H  N N 397 
TRP HZ2  H  N N 398 
TRP HZ3  H  N N 399 
TRP HH2  H  N N 400 
TRP HXT  H  N N 401 
TYR N    N  N N 402 
TYR CA   C  N S 403 
TYR C    C  N N 404 
TYR O    O  N N 405 
TYR CB   C  N N 406 
TYR CG   C  Y N 407 
TYR CD1  C  Y N 408 
TYR CD2  C  Y N 409 
TYR CE1  C  Y N 410 
TYR CE2  C  Y N 411 
TYR CZ   C  Y N 412 
TYR OH   O  N N 413 
TYR OXT  O  N N 414 
TYR H    H  N N 415 
TYR H2   H  N N 416 
TYR HA   H  N N 417 
TYR HB2  H  N N 418 
TYR HB3  H  N N 419 
TYR HD1  H  N N 420 
TYR HD2  H  N N 421 
TYR HE1  H  N N 422 
TYR HE2  H  N N 423 
TYR HH   H  N N 424 
TYR HXT  H  N N 425 
VAL N    N  N N 426 
VAL CA   C  N S 427 
VAL C    C  N N 428 
VAL O    O  N N 429 
VAL CB   C  N N 430 
VAL CG1  C  N N 431 
VAL CG2  C  N N 432 
VAL OXT  O  N N 433 
VAL H    H  N N 434 
VAL H2   H  N N 435 
VAL HA   H  N N 436 
VAL HB   H  N N 437 
VAL HG11 H  N N 438 
VAL HG12 H  N N 439 
VAL HG13 H  N N 440 
VAL HG21 H  N N 441 
VAL HG22 H  N N 442 
VAL HG23 H  N N 443 
VAL HXT  H  N N 444 
# 
loop_
_chem_comp_bond.comp_id 
_chem_comp_bond.atom_id_1 
_chem_comp_bond.atom_id_2 
_chem_comp_bond.value_order 
_chem_comp_bond.pdbx_aromatic_flag 
_chem_comp_bond.pdbx_stereo_config 
_chem_comp_bond.pdbx_ordinal 
ALA N   CA   sing N N 1   
ALA N   H    sing N N 2   
ALA N   H2   sing N N 3   
ALA CA  C    sing N N 4   
ALA CA  CB   sing N N 5   
ALA CA  HA   sing N N 6   
ALA C   O    doub N N 7   
ALA C   OXT  sing N N 8   
ALA CB  HB1  sing N N 9   
ALA CB  HB2  sing N N 10  
ALA CB  HB3  sing N N 11  
ALA OXT HXT  sing N N 12  
ARG N   CA   sing N N 13  
ARG N   H    sing N N 14  
ARG N   H2   sing N N 15  
ARG CA  C    sing N N 16  
ARG CA  CB   sing N N 17  
ARG CA  HA   sing N N 18  
ARG C   O    doub N N 19  
ARG C   OXT  sing N N 20  
ARG CB  CG   sing N N 21  
ARG CB  HB2  sing N N 22  
ARG CB  HB3  sing N N 23  
ARG CG  CD   sing N N 24  
ARG CG  HG2  sing N N 25  
ARG CG  HG3  sing N N 26  
ARG CD  NE   sing N N 27  
ARG CD  HD2  sing N N 28  
ARG CD  HD3  sing N N 29  
ARG NE  CZ   sing N N 30  
ARG NE  HE   sing N N 31  
ARG CZ  NH1  sing N N 32  
ARG CZ  NH2  doub N N 33  
ARG NH1 HH11 sing N N 34  
ARG NH1 HH12 sing N N 35  
ARG NH2 HH21 sing N N 36  
ARG NH2 HH22 sing N N 37  
ARG OXT HXT  sing N N 38  
ASP N   CA   sing N N 39  
ASP N   H    sing N N 40  
ASP N   H2   sing N N 41  
ASP CA  C    sing N N 42  
ASP CA  CB   sing N N 43  
ASP CA  HA   sing N N 44  
ASP C   O    doub N N 45  
ASP C   OXT  sing N N 46  
ASP CB  CG   sing N N 47  
ASP CB  HB2  sing N N 48  
ASP CB  HB3  sing N N 49  
ASP CG  OD1  doub N N 50  
ASP CG  OD2  sing N N 51  
ASP OD2 HD2  sing N N 52  
ASP OXT HXT  sing N N 53  
COA N1A C2A  sing Y N 54  
COA N1A C6A  doub Y N 55  
COA C2A N3A  doub Y N 56  
COA C2A H2A  sing N N 57  
COA N3A C4A  sing Y N 58  
COA C4A C5A  doub Y N 59  
COA C4A N9A  sing Y N 60  
COA C5A C6A  sing Y N 61  
COA C5A N7A  sing Y N 62  
COA C6A N6A  sing N N 63  
COA N6A H61A sing N N 64  
COA N6A H62A sing N N 65  
COA N7A C8A  doub Y N 66  
COA C8A N9A  sing Y N 67  
COA C8A H8A  sing N N 68  
COA N9A C1B  sing N N 69  
COA C1B C2B  sing N N 70  
COA C1B O4B  sing N N 71  
COA C1B H1B  sing N N 72  
COA C2B O2B  sing N N 73  
COA C2B C3B  sing N N 74  
COA C2B H2B  sing N N 75  
COA O2B HO2A sing N N 76  
COA C3B O3B  sing N N 77  
COA C3B C4B  sing N N 78  
COA C3B H3B  sing N N 79  
COA O3B P3B  sing N N 80  
COA P3B O7A  doub N N 81  
COA P3B O8A  sing N N 82  
COA P3B O9A  sing N N 83  
COA O8A HOA8 sing N N 84  
COA O9A HOA9 sing N N 85  
COA C4B O4B  sing N N 86  
COA C4B C5B  sing N N 87  
COA C4B H4B  sing N N 88  
COA C5B O5B  sing N N 89  
COA C5B H51A sing N N 90  
COA C5B H52A sing N N 91  
COA O5B P1A  sing N N 92  
COA P1A O1A  doub N N 93  
COA P1A O2A  sing N N 94  
COA P1A O3A  sing N N 95  
COA O2A HOA2 sing N N 96  
COA O3A P2A  sing N N 97  
COA P2A O4A  doub N N 98  
COA P2A O5A  sing N N 99  
COA P2A O6A  sing N N 100 
COA O5A HOA5 sing N N 101 
COA O6A CCP  sing N N 102 
COA CBP CCP  sing N N 103 
COA CBP CDP  sing N N 104 
COA CBP CEP  sing N N 105 
COA CBP CAP  sing N N 106 
COA CCP H121 sing N N 107 
COA CCP H122 sing N N 108 
COA CDP H131 sing N N 109 
COA CDP H132 sing N N 110 
COA CDP H133 sing N N 111 
COA CEP H141 sing N N 112 
COA CEP H142 sing N N 113 
COA CEP H143 sing N N 114 
COA CAP OAP  sing N N 115 
COA CAP C9P  sing N N 116 
COA CAP H10  sing N N 117 
COA OAP HO1  sing N N 118 
COA C9P O9P  doub N N 119 
COA C9P N8P  sing N N 120 
COA N8P C7P  sing N N 121 
COA N8P HN8  sing N N 122 
COA C7P C6P  sing N N 123 
COA C7P H71  sing N N 124 
COA C7P H72  sing N N 125 
COA C6P C5P  sing N N 126 
COA C6P H61  sing N N 127 
COA C6P H62  sing N N 128 
COA C5P O5P  doub N N 129 
COA C5P N4P  sing N N 130 
COA N4P C3P  sing N N 131 
COA N4P HN4  sing N N 132 
COA C3P C2P  sing N N 133 
COA C3P H31  sing N N 134 
COA C3P H32  sing N N 135 
COA C2P S1P  sing N N 136 
COA C2P H21  sing N N 137 
COA C2P H22  sing N N 138 
COA S1P HS1  sing N N 139 
GLN N   CA   sing N N 140 
GLN N   H    sing N N 141 
GLN N   H2   sing N N 142 
GLN CA  C    sing N N 143 
GLN CA  CB   sing N N 144 
GLN CA  HA   sing N N 145 
GLN C   O    doub N N 146 
GLN C   OXT  sing N N 147 
GLN CB  CG   sing N N 148 
GLN CB  HB2  sing N N 149 
GLN CB  HB3  sing N N 150 
GLN CG  CD   sing N N 151 
GLN CG  HG2  sing N N 152 
GLN CG  HG3  sing N N 153 
GLN CD  OE1  doub N N 154 
GLN CD  NE2  sing N N 155 
GLN NE2 HE21 sing N N 156 
GLN NE2 HE22 sing N N 157 
GLN OXT HXT  sing N N 158 
GLU N   CA   sing N N 159 
GLU N   H    sing N N 160 
GLU N   H2   sing N N 161 
GLU CA  C    sing N N 162 
GLU CA  CB   sing N N 163 
GLU CA  HA   sing N N 164 
GLU C   O    doub N N 165 
GLU C   OXT  sing N N 166 
GLU CB  CG   sing N N 167 
GLU CB  HB2  sing N N 168 
GLU CB  HB3  sing N N 169 
GLU CG  CD   sing N N 170 
GLU CG  HG2  sing N N 171 
GLU CG  HG3  sing N N 172 
GLU CD  OE1  doub N N 173 
GLU CD  OE2  sing N N 174 
GLU OE2 HE2  sing N N 175 
GLU OXT HXT  sing N N 176 
GLY N   CA   sing N N 177 
GLY N   H    sing N N 178 
GLY N   H2   sing N N 179 
GLY CA  C    sing N N 180 
GLY CA  HA2  sing N N 181 
GLY CA  HA3  sing N N 182 
GLY C   O    doub N N 183 
GLY C   OXT  sing N N 184 
GLY OXT HXT  sing N N 185 
HIS N   CA   sing N N 186 
HIS N   H    sing N N 187 
HIS N   H2   sing N N 188 
HIS CA  C    sing N N 189 
HIS CA  CB   sing N N 190 
HIS CA  HA   sing N N 191 
HIS C   O    doub N N 192 
HIS C   OXT  sing N N 193 
HIS CB  CG   sing N N 194 
HIS CB  HB2  sing N N 195 
HIS CB  HB3  sing N N 196 
HIS CG  ND1  sing Y N 197 
HIS CG  CD2  doub Y N 198 
HIS ND1 CE1  doub Y N 199 
HIS ND1 HD1  sing N N 200 
HIS CD2 NE2  sing Y N 201 
HIS CD2 HD2  sing N N 202 
HIS CE1 NE2  sing Y N 203 
HIS CE1 HE1  sing N N 204 
HIS NE2 HE2  sing N N 205 
HIS OXT HXT  sing N N 206 
HOH O   H1   sing N N 207 
HOH O   H2   sing N N 208 
ILE N   CA   sing N N 209 
ILE N   H    sing N N 210 
ILE N   H2   sing N N 211 
ILE CA  C    sing N N 212 
ILE CA  CB   sing N N 213 
ILE CA  HA   sing N N 214 
ILE C   O    doub N N 215 
ILE C   OXT  sing N N 216 
ILE CB  CG1  sing N N 217 
ILE CB  CG2  sing N N 218 
ILE CB  HB   sing N N 219 
ILE CG1 CD1  sing N N 220 
ILE CG1 HG12 sing N N 221 
ILE CG1 HG13 sing N N 222 
ILE CG2 HG21 sing N N 223 
ILE CG2 HG22 sing N N 224 
ILE CG2 HG23 sing N N 225 
ILE CD1 HD11 sing N N 226 
ILE CD1 HD12 sing N N 227 
ILE CD1 HD13 sing N N 228 
ILE OXT HXT  sing N N 229 
LEU N   CA   sing N N 230 
LEU N   H    sing N N 231 
LEU N   H2   sing N N 232 
LEU CA  C    sing N N 233 
LEU CA  CB   sing N N 234 
LEU CA  HA   sing N N 235 
LEU C   O    doub N N 236 
LEU C   OXT  sing N N 237 
LEU CB  CG   sing N N 238 
LEU CB  HB2  sing N N 239 
LEU CB  HB3  sing N N 240 
LEU CG  CD1  sing N N 241 
LEU CG  CD2  sing N N 242 
LEU CG  HG   sing N N 243 
LEU CD1 HD11 sing N N 244 
LEU CD1 HD12 sing N N 245 
LEU CD1 HD13 sing N N 246 
LEU CD2 HD21 sing N N 247 
LEU CD2 HD22 sing N N 248 
LEU CD2 HD23 sing N N 249 
LEU OXT HXT  sing N N 250 
LYS N   CA   sing N N 251 
LYS N   H    sing N N 252 
LYS N   H2   sing N N 253 
LYS CA  C    sing N N 254 
LYS CA  CB   sing N N 255 
LYS CA  HA   sing N N 256 
LYS C   O    doub N N 257 
LYS C   OXT  sing N N 258 
LYS CB  CG   sing N N 259 
LYS CB  HB2  sing N N 260 
LYS CB  HB3  sing N N 261 
LYS CG  CD   sing N N 262 
LYS CG  HG2  sing N N 263 
LYS CG  HG3  sing N N 264 
LYS CD  CE   sing N N 265 
LYS CD  HD2  sing N N 266 
LYS CD  HD3  sing N N 267 
LYS CE  NZ   sing N N 268 
LYS CE  HE2  sing N N 269 
LYS CE  HE3  sing N N 270 
LYS NZ  HZ1  sing N N 271 
LYS NZ  HZ2  sing N N 272 
LYS NZ  HZ3  sing N N 273 
LYS OXT HXT  sing N N 274 
MET N   CA   sing N N 275 
MET N   H    sing N N 276 
MET N   H2   sing N N 277 
MET CA  C    sing N N 278 
MET CA  CB   sing N N 279 
MET CA  HA   sing N N 280 
MET C   O    doub N N 281 
MET C   OXT  sing N N 282 
MET CB  CG   sing N N 283 
MET CB  HB2  sing N N 284 
MET CB  HB3  sing N N 285 
MET CG  SD   sing N N 286 
MET CG  HG2  sing N N 287 
MET CG  HG3  sing N N 288 
MET SD  CE   sing N N 289 
MET CE  HE1  sing N N 290 
MET CE  HE2  sing N N 291 
MET CE  HE3  sing N N 292 
MET OXT HXT  sing N N 293 
PHE N   CA   sing N N 294 
PHE N   H    sing N N 295 
PHE N   H2   sing N N 296 
PHE CA  C    sing N N 297 
PHE CA  CB   sing N N 298 
PHE CA  HA   sing N N 299 
PHE C   O    doub N N 300 
PHE C   OXT  sing N N 301 
PHE CB  CG   sing N N 302 
PHE CB  HB2  sing N N 303 
PHE CB  HB3  sing N N 304 
PHE CG  CD1  doub Y N 305 
PHE CG  CD2  sing Y N 306 
PHE CD1 CE1  sing Y N 307 
PHE CD1 HD1  sing N N 308 
PHE CD2 CE2  doub Y N 309 
PHE CD2 HD2  sing N N 310 
PHE CE1 CZ   doub Y N 311 
PHE CE1 HE1  sing N N 312 
PHE CE2 CZ   sing Y N 313 
PHE CE2 HE2  sing N N 314 
PHE CZ  HZ   sing N N 315 
PHE OXT HXT  sing N N 316 
PRO N   CA   sing N N 317 
PRO N   CD   sing N N 318 
PRO N   H    sing N N 319 
PRO CA  C    sing N N 320 
PRO CA  CB   sing N N 321 
PRO CA  HA   sing N N 322 
PRO C   O    doub N N 323 
PRO C   OXT  sing N N 324 
PRO CB  CG   sing N N 325 
PRO CB  HB2  sing N N 326 
PRO CB  HB3  sing N N 327 
PRO CG  CD   sing N N 328 
PRO CG  HG2  sing N N 329 
PRO CG  HG3  sing N N 330 
PRO CD  HD2  sing N N 331 
PRO CD  HD3  sing N N 332 
PRO OXT HXT  sing N N 333 
SER N   CA   sing N N 334 
SER N   H    sing N N 335 
SER N   H2   sing N N 336 
SER CA  C    sing N N 337 
SER CA  CB   sing N N 338 
SER CA  HA   sing N N 339 
SER C   O    doub N N 340 
SER C   OXT  sing N N 341 
SER CB  OG   sing N N 342 
SER CB  HB2  sing N N 343 
SER CB  HB3  sing N N 344 
SER OG  HG   sing N N 345 
SER OXT HXT  sing N N 346 
THR N   CA   sing N N 347 
THR N   H    sing N N 348 
THR N   H2   sing N N 349 
THR CA  C    sing N N 350 
THR CA  CB   sing N N 351 
THR CA  HA   sing N N 352 
THR C   O    doub N N 353 
THR C   OXT  sing N N 354 
THR CB  OG1  sing N N 355 
THR CB  CG2  sing N N 356 
THR CB  HB   sing N N 357 
THR OG1 HG1  sing N N 358 
THR CG2 HG21 sing N N 359 
THR CG2 HG22 sing N N 360 
THR CG2 HG23 sing N N 361 
THR OXT HXT  sing N N 362 
TRP N   CA   sing N N 363 
TRP N   H    sing N N 364 
TRP N   H2   sing N N 365 
TRP CA  C    sing N N 366 
TRP CA  CB   sing N N 367 
TRP CA  HA   sing N N 368 
TRP C   O    doub N N 369 
TRP C   OXT  sing N N 370 
TRP CB  CG   sing N N 371 
TRP CB  HB2  sing N N 372 
TRP CB  HB3  sing N N 373 
TRP CG  CD1  doub Y N 374 
TRP CG  CD2  sing Y N 375 
TRP CD1 NE1  sing Y N 376 
TRP CD1 HD1  sing N N 377 
TRP CD2 CE2  doub Y N 378 
TRP CD2 CE3  sing Y N 379 
TRP NE1 CE2  sing Y N 380 
TRP NE1 HE1  sing N N 381 
TRP CE2 CZ2  sing Y N 382 
TRP CE3 CZ3  doub Y N 383 
TRP CE3 HE3  sing N N 384 
TRP CZ2 CH2  doub Y N 385 
TRP CZ2 HZ2  sing N N 386 
TRP CZ3 CH2  sing Y N 387 
TRP CZ3 HZ3  sing N N 388 
TRP CH2 HH2  sing N N 389 
TRP OXT HXT  sing N N 390 
TYR N   CA   sing N N 391 
TYR N   H    sing N N 392 
TYR N   H2   sing N N 393 
TYR CA  C    sing N N 394 
TYR CA  CB   sing N N 395 
TYR CA  HA   sing N N 396 
TYR C   O    doub N N 397 
TYR C   OXT  sing N N 398 
TYR CB  CG   sing N N 399 
TYR CB  HB2  sing N N 400 
TYR CB  HB3  sing N N 401 
TYR CG  CD1  doub Y N 402 
TYR CG  CD2  sing Y N 403 
TYR CD1 CE1  sing Y N 404 
TYR CD1 HD1  sing N N 405 
TYR CD2 CE2  doub Y N 406 
TYR CD2 HD2  sing N N 407 
TYR CE1 CZ   doub Y N 408 
TYR CE1 HE1  sing N N 409 
TYR CE2 CZ   sing Y N 410 
TYR CE2 HE2  sing N N 411 
TYR CZ  OH   sing N N 412 
TYR OH  HH   sing N N 413 
TYR OXT HXT  sing N N 414 
VAL N   CA   sing N N 415 
VAL N   H    sing N N 416 
VAL N   H2   sing N N 417 
VAL CA  C    sing N N 418 
VAL CA  CB   sing N N 419 
VAL CA  HA   sing N N 420 
VAL C   O    doub N N 421 
VAL C   OXT  sing N N 422 
VAL CB  CG1  sing N N 423 
VAL CB  CG2  sing N N 424 
VAL CB  HB   sing N N 425 
VAL CG1 HG11 sing N N 426 
VAL CG1 HG12 sing N N 427 
VAL CG1 HG13 sing N N 428 
VAL CG2 HG21 sing N N 429 
VAL CG2 HG22 sing N N 430 
VAL CG2 HG23 sing N N 431 
VAL OXT HXT  sing N N 432 
# 
loop_
_pdbx_entity_nonpoly.entity_id 
_pdbx_entity_nonpoly.name 
_pdbx_entity_nonpoly.comp_id 
2 'MAGNESIUM ION' MG  
3 'COENZYME A'    COA 
4 water           HOH 
# 
_pdbx_initial_refinement_model.id               1 
_pdbx_initial_refinement_model.entity_id_list   ? 
_pdbx_initial_refinement_model.type             'experimental model' 
_pdbx_initial_refinement_model.source_name      PDB 
_pdbx_initial_refinement_model.accession_code   1F7T 
_pdbx_initial_refinement_model.details          'PDB ENTRY 1F7T' 
# 
